data_5XMU
#
_entry.id   5XMU
#
_cell.length_a   101.534
_cell.length_b   58.618
_cell.length_c   233.875
_cell.angle_alpha   90.000
_cell.angle_beta   90.040
_cell.angle_gamma   90.000
#
_symmetry.space_group_name_H-M   'C 1 2 1'
#
loop_
_entity.id
_entity.type
_entity.pdbx_description
1 polymer 'Serine hydroxymethyltransferase'
2 non-polymer N-GLYCINE-[3-HYDROXY-2-METHYL-5-PHOSPHONOOXYMETHYL-PYRIDIN-4-YL-METHANE]
3 non-polymer (4~{S})-6-azanyl-3-methyl-4-[3-(2-methylphenyl)-5-(trifluoromethyl)phenyl]-4-propan-2-yl-2~{H}-pyrano[2,3-c]pyrazole-5-carbonitrile
4 non-polymer 'CHLORIDE ION'
5 water water
#
_entity_poly.entity_id   1
_entity_poly.type   'polypeptide(L)'
_entity_poly.pdbx_seq_one_letter_code
;MFNNEPLEQIDKELHDILADEEKRQRETINLIASENLTNGAVRECLGNRVSNKYSEGYPKKRYYGGNDFIDKIEELCQKR
ALEAFNVSDEEWGVNVQPLSGSAANVQALYALVGVKGKIMGMHLCSGGHLTHGFFDEKKKVSITSDMFESKLYKCNSQGY
VDLDAVREMALSFKPKVIICGYTSYPRDIDYQQFRQICDEVNAYLFADISHISSFVACNILNNPFLHADVVTTTTHKILR
GPRSALIFFNKKRNPGIEQKINSAVFPSFQGGPHNNKIAAVACQLKEVHSPAFKEYTQQVLLNSKALAKALISKQIDLVT
NGTDNHLIVVDLRKFSITGSKLQETCNAINVSLNKNTIPSDVDCVSPSGVRIGTPAMTTRGAKEKDMEFIADVLARAIKI
TVDLQEQYGKKLVDFKKGLPGNAQLQQLKQEVVTWAGALPFP
;
_entity_poly.pdbx_strand_id   A,B,C
#
# COMPACT_ATOMS: atom_id res chain seq x y z
N MET A 1 -15.02 -13.95 -10.09
CA MET A 1 -16.33 -13.35 -10.53
C MET A 1 -16.13 -12.43 -11.75
N PHE A 2 -15.63 -13.02 -12.83
CA PHE A 2 -15.34 -12.28 -14.06
C PHE A 2 -15.69 -13.10 -15.32
N ASN A 3 -15.74 -12.40 -16.44
CA ASN A 3 -15.97 -13.00 -17.75
C ASN A 3 -14.68 -13.19 -18.55
N ASN A 4 -14.17 -14.41 -18.62
CA ASN A 4 -12.93 -14.68 -19.33
C ASN A 4 -13.12 -15.16 -20.77
N GLU A 5 -14.32 -14.95 -21.35
CA GLU A 5 -14.57 -15.30 -22.75
C GLU A 5 -13.64 -14.52 -23.67
N PRO A 6 -13.14 -15.16 -24.76
CA PRO A 6 -12.23 -14.41 -25.64
C PRO A 6 -12.90 -13.21 -26.29
N LEU A 7 -12.07 -12.27 -26.73
CA LEU A 7 -12.55 -11.00 -27.29
C LEU A 7 -13.60 -11.20 -28.39
N GLU A 8 -13.33 -12.16 -29.29
CA GLU A 8 -14.28 -12.52 -30.37
C GLU A 8 -15.67 -12.88 -29.83
N GLN A 9 -15.70 -13.77 -28.85
CA GLN A 9 -16.95 -14.14 -28.19
C GLN A 9 -17.52 -12.98 -27.37
N ILE A 10 -16.72 -12.40 -26.47
CA ILE A 10 -17.20 -11.34 -25.57
C ILE A 10 -17.75 -10.13 -26.30
N ASP A 11 -17.05 -9.68 -27.34
CA ASP A 11 -17.46 -8.47 -28.08
C ASP A 11 -17.24 -8.68 -29.56
N LYS A 12 -18.19 -9.37 -30.19
CA LYS A 12 -18.18 -9.53 -31.62
C LYS A 12 -18.27 -8.18 -32.33
N GLU A 13 -19.02 -7.21 -31.78
CA GLU A 13 -19.12 -5.87 -32.42
C GLU A 13 -17.75 -5.17 -32.58
N LEU A 14 -16.97 -5.09 -31.49
CA LEU A 14 -15.64 -4.48 -31.49
C LEU A 14 -14.60 -5.35 -32.22
N HIS A 15 -14.68 -6.66 -32.05
CA HIS A 15 -13.73 -7.56 -32.71
C HIS A 15 -13.73 -7.47 -34.23
N ASP A 16 -14.90 -7.12 -34.79
CA ASP A 16 -15.03 -7.00 -36.25
C ASP A 16 -14.33 -5.79 -36.81
N ILE A 17 -14.47 -4.67 -36.11
CA ILE A 17 -13.80 -3.43 -36.51
C ILE A 17 -12.28 -3.63 -36.46
N LEU A 18 -11.79 -4.32 -35.44
CA LEU A 18 -10.33 -4.47 -35.24
C LEU A 18 -9.74 -5.36 -36.31
N ALA A 19 -10.47 -6.40 -36.71
CA ALA A 19 -10.10 -7.20 -37.87
C ALA A 19 -10.09 -6.35 -39.14
N ASP A 20 -11.05 -5.42 -39.22
CA ASP A 20 -11.12 -4.47 -40.34
C ASP A 20 -9.95 -3.51 -40.34
N GLU A 21 -9.63 -2.97 -39.16
CA GLU A 21 -8.50 -2.04 -38.98
C GLU A 21 -7.23 -2.74 -39.40
N GLU A 22 -7.05 -3.98 -38.94
CA GLU A 22 -5.92 -4.82 -39.29
C GLU A 22 -5.76 -4.96 -40.80
N LYS A 23 -6.85 -5.28 -41.48
CA LYS A 23 -6.88 -5.41 -42.93
C LYS A 23 -6.53 -4.07 -43.64
N ARG A 24 -7.15 -2.97 -43.24
CA ARG A 24 -6.80 -1.65 -43.80
C ARG A 24 -5.30 -1.29 -43.60
N GLN A 25 -4.72 -1.64 -42.45
CA GLN A 25 -3.27 -1.49 -42.23
C GLN A 25 -2.45 -2.40 -43.17
N ARG A 26 -2.99 -3.59 -43.36
CA ARG A 26 -2.36 -4.60 -44.20
C ARG A 26 -2.35 -4.21 -45.67
N GLU A 27 -3.30 -3.37 -46.08
CA GLU A 27 -3.51 -3.02 -47.48
C GLU A 27 -3.34 -1.53 -47.73
N THR A 28 -2.56 -0.86 -46.89
CA THR A 28 -2.35 0.57 -47.06
C THR A 28 -0.86 0.78 -47.34
N ILE A 29 -0.58 1.74 -48.23
CA ILE A 29 0.77 2.27 -48.35
C ILE A 29 0.83 3.42 -47.36
N ASN A 30 1.49 3.17 -46.23
CA ASN A 30 1.52 4.11 -45.09
C ASN A 30 2.73 5.03 -45.17
N LEU A 31 2.47 6.28 -45.53
CA LEU A 31 3.50 7.31 -45.62
C LEU A 31 3.44 8.32 -44.48
N ILE A 32 2.73 8.03 -43.40
CA ILE A 32 2.68 8.96 -42.26
C ILE A 32 4.05 8.96 -41.60
N ALA A 33 4.67 10.12 -41.49
CA ALA A 33 6.07 10.18 -41.07
C ALA A 33 6.22 9.73 -39.62
N SER A 34 5.19 9.97 -38.83
CA SER A 34 5.12 9.58 -37.41
C SER A 34 4.64 8.16 -37.11
N GLU A 35 4.31 7.36 -38.12
CA GLU A 35 3.81 5.99 -37.85
C GLU A 35 4.81 4.90 -38.10
N ASN A 36 4.57 3.76 -37.47
CA ASN A 36 5.39 2.56 -37.62
C ASN A 36 4.55 1.35 -37.26
N LEU A 37 5.14 0.17 -37.29
CA LEU A 37 4.43 -1.04 -36.93
C LEU A 37 5.19 -1.83 -35.90
N THR A 38 4.54 -2.09 -34.77
CA THR A 38 5.17 -2.78 -33.64
C THR A 38 5.15 -4.30 -33.84
N ASN A 39 6.23 -4.97 -33.45
CA ASN A 39 6.25 -6.46 -33.47
C ASN A 39 5.36 -7.06 -32.40
N GLY A 40 5.11 -8.35 -32.50
CA GLY A 40 4.29 -9.07 -31.54
C GLY A 40 4.86 -8.95 -30.14
N ALA A 41 6.19 -8.96 -29.98
CA ALA A 41 6.80 -8.89 -28.66
C ALA A 41 6.43 -7.61 -27.90
N VAL A 42 6.44 -6.49 -28.60
CA VAL A 42 6.02 -5.21 -28.02
C VAL A 42 4.52 -5.20 -27.70
N ARG A 43 3.73 -5.91 -28.51
CA ARG A 43 2.28 -6.03 -28.25
C ARG A 43 1.89 -7.02 -27.13
N GLU A 44 2.74 -8.01 -26.87
CA GLU A 44 2.58 -8.93 -25.73
C GLU A 44 2.78 -8.17 -24.42
N CYS A 45 3.68 -7.19 -24.45
CA CYS A 45 3.95 -6.34 -23.30
C CYS A 45 2.79 -5.44 -22.99
N LEU A 46 2.24 -4.83 -24.04
CA LEU A 46 1.11 -3.90 -23.89
C LEU A 46 -0.11 -4.60 -23.35
N GLY A 47 -0.28 -5.87 -23.70
CA GLY A 47 -1.36 -6.69 -23.17
C GLY A 47 -1.03 -7.42 -21.87
N ASN A 48 0.10 -7.09 -21.23
CA ASN A 48 0.56 -7.86 -20.05
C ASN A 48 -0.13 -7.39 -18.81
N ARG A 49 -0.37 -8.29 -17.88
CA ARG A 49 -0.98 -7.95 -16.57
C ARG A 49 -0.19 -6.98 -15.70
N VAL A 50 1.01 -6.63 -16.09
CA VAL A 50 1.75 -5.62 -15.35
C VAL A 50 1.03 -4.25 -15.24
N SER A 51 0.13 -3.96 -16.20
CA SER A 51 -0.72 -2.74 -16.15
C SER A 51 -1.72 -2.73 -14.99
N ASN A 52 -1.93 -3.86 -14.33
CA ASN A 52 -2.72 -3.91 -13.08
C ASN A 52 -2.15 -3.15 -11.88
N LYS A 53 -0.85 -2.92 -11.87
CA LYS A 53 -0.19 -2.45 -10.69
C LYS A 53 -0.14 -0.95 -10.58
N TYR A 54 -0.48 -0.43 -9.39
CA TYR A 54 -0.33 0.98 -9.07
C TYR A 54 1.05 1.10 -8.43
N SER A 55 1.91 1.94 -8.98
CA SER A 55 3.25 2.14 -8.47
C SER A 55 3.71 3.55 -8.60
N GLU A 56 2.93 4.48 -8.01
CA GLU A 56 3.33 5.89 -7.93
C GLU A 56 4.69 6.13 -7.30
N GLY A 57 5.45 7.04 -7.87
CA GLY A 57 6.78 7.38 -7.40
C GLY A 57 7.83 6.81 -8.35
N TYR A 58 9.00 6.51 -7.81
CA TYR A 58 10.13 5.97 -8.57
C TYR A 58 10.62 4.68 -7.94
N PRO A 59 11.56 3.96 -8.60
CA PRO A 59 12.00 2.69 -8.02
C PRO A 59 12.75 2.87 -6.70
N LYS A 60 12.49 1.98 -5.75
CA LYS A 60 13.12 2.03 -4.42
C LYS A 60 12.61 3.20 -3.55
N LYS A 61 11.76 4.06 -4.12
CA LYS A 61 11.13 5.17 -3.39
C LYS A 61 9.63 5.13 -3.67
N ARG A 62 9.12 3.91 -3.88
CA ARG A 62 7.76 3.67 -4.32
C ARG A 62 6.87 3.93 -3.15
N TYR A 63 5.65 4.40 -3.42
CA TYR A 63 4.65 4.60 -2.38
C TYR A 63 4.22 3.27 -1.83
N TYR A 64 4.01 2.27 -2.70
CA TYR A 64 3.60 0.92 -2.24
C TYR A 64 4.66 -0.14 -2.39
N GLY A 65 4.61 -1.14 -1.53
CA GLY A 65 5.47 -2.30 -1.62
C GLY A 65 4.76 -3.26 -2.55
N GLY A 66 5.43 -4.36 -2.87
CA GLY A 66 4.88 -5.32 -3.82
C GLY A 66 5.10 -4.75 -5.21
N ASN A 67 6.10 -3.89 -5.32
CA ASN A 67 6.56 -3.30 -6.55
C ASN A 67 7.96 -3.79 -6.84
N ASP A 68 8.25 -5.01 -6.36
CA ASP A 68 9.55 -5.64 -6.55
C ASP A 68 9.84 -5.89 -8.00
N PHE A 69 8.92 -6.56 -8.67
CA PHE A 69 9.10 -6.84 -10.08
C PHE A 69 8.90 -5.62 -11.02
N ILE A 70 8.03 -4.67 -10.63
CA ILE A 70 7.89 -3.36 -11.34
C ILE A 70 9.17 -2.51 -11.24
N ASP A 71 9.79 -2.48 -10.07
CA ASP A 71 11.09 -1.79 -9.94
C ASP A 71 12.18 -2.33 -10.88
N LYS A 72 12.25 -3.65 -11.05
CA LYS A 72 13.24 -4.24 -11.96
C LYS A 72 12.94 -3.83 -13.39
N ILE A 73 11.67 -3.97 -13.81
CA ILE A 73 11.22 -3.55 -15.15
C ILE A 73 11.45 -2.05 -15.35
N GLU A 74 11.12 -1.18 -14.39
CA GLU A 74 11.39 0.26 -14.61
C GLU A 74 12.87 0.57 -14.73
N GLU A 75 13.73 -0.09 -13.95
CA GLU A 75 15.19 0.18 -13.99
C GLU A 75 15.88 -0.42 -15.23
N LEU A 76 15.45 -1.61 -15.64
CA LEU A 76 15.90 -2.22 -16.91
C LEU A 76 15.59 -1.36 -18.13
N CYS A 77 14.46 -0.66 -18.10
CA CYS A 77 14.07 0.28 -19.17
C CYS A 77 14.93 1.54 -19.18
N GLN A 78 15.17 2.11 -18.00
CA GLN A 78 16.04 3.28 -17.87
C GLN A 78 17.46 2.95 -18.34
N LYS A 79 17.96 1.78 -17.95
CA LYS A 79 19.29 1.33 -18.36
C LYS A 79 19.37 1.25 -19.87
N ARG A 80 18.44 0.51 -20.48
CA ARG A 80 18.45 0.32 -21.94
C ARG A 80 18.27 1.61 -22.71
N ALA A 81 17.53 2.56 -22.15
CA ALA A 81 17.38 3.88 -22.78
C ALA A 81 18.70 4.61 -22.83
N LEU A 82 19.44 4.57 -21.73
CA LEU A 82 20.71 5.28 -21.62
C LEU A 82 21.77 4.65 -22.55
N GLU A 83 21.87 3.33 -22.50
CA GLU A 83 22.67 2.58 -23.44
C GLU A 83 22.33 2.91 -24.91
N ALA A 84 21.06 2.75 -25.29
CA ALA A 84 20.64 2.96 -26.69
C ALA A 84 21.02 4.31 -27.24
N PHE A 85 20.86 5.36 -26.45
CA PHE A 85 21.27 6.71 -26.89
C PHE A 85 22.71 7.10 -26.53
N ASN A 86 23.53 6.11 -26.20
CA ASN A 86 24.97 6.30 -26.06
C ASN A 86 25.31 7.39 -25.07
N VAL A 87 24.81 7.22 -23.86
CA VAL A 87 24.99 8.16 -22.79
C VAL A 87 25.41 7.38 -21.56
N SER A 88 26.30 7.98 -20.78
CA SER A 88 26.78 7.36 -19.55
C SER A 88 25.78 7.62 -18.46
N ASP A 89 25.46 6.58 -17.68
CA ASP A 89 24.45 6.69 -16.64
C ASP A 89 24.91 7.53 -15.44
N GLU A 90 26.21 7.83 -15.41
CA GLU A 90 26.77 8.78 -14.46
C GLU A 90 26.40 10.20 -14.87
N GLU A 91 26.54 10.48 -16.17
CA GLU A 91 26.30 11.82 -16.76
C GLU A 91 24.84 12.13 -17.15
N TRP A 92 24.07 11.11 -17.51
CA TRP A 92 22.69 11.35 -18.00
C TRP A 92 21.67 10.59 -17.21
N GLY A 93 20.58 11.28 -16.90
CA GLY A 93 19.38 10.67 -16.36
C GLY A 93 18.21 10.61 -17.35
N VAL A 94 17.37 9.62 -17.13
CA VAL A 94 16.21 9.37 -17.95
C VAL A 94 14.99 9.14 -17.08
N ASN A 95 13.87 9.77 -17.47
CA ASN A 95 12.54 9.43 -16.89
C ASN A 95 11.73 8.63 -17.92
N VAL A 96 11.21 7.48 -17.52
CA VAL A 96 10.43 6.61 -18.41
C VAL A 96 8.89 6.62 -18.13
N GLN A 97 8.42 7.53 -17.29
CA GLN A 97 7.01 7.58 -16.93
C GLN A 97 6.06 8.37 -17.84
N PRO A 98 6.55 9.37 -18.63
CA PRO A 98 5.62 10.14 -19.47
C PRO A 98 4.79 9.29 -20.42
N LEU A 99 3.49 9.56 -20.43
CA LEU A 99 2.55 8.72 -21.14
C LEU A 99 2.62 8.90 -22.64
N SER A 100 2.99 10.09 -23.09
CA SER A 100 3.14 10.37 -24.51
C SER A 100 4.02 11.61 -24.69
N GLY A 101 4.38 11.89 -25.94
CA GLY A 101 5.28 12.96 -26.25
C GLY A 101 4.89 14.34 -25.76
N SER A 102 3.61 14.66 -25.86
CA SER A 102 3.14 16.01 -25.52
C SER A 102 3.21 16.17 -24.01
N ALA A 103 2.85 15.11 -23.30
CA ALA A 103 2.97 15.07 -21.83
C ALA A 103 4.44 15.27 -21.37
N ALA A 104 5.36 14.53 -21.98
CA ALA A 104 6.79 14.61 -21.69
C ALA A 104 7.35 16.00 -21.93
N ASN A 105 7.04 16.61 -23.07
CA ASN A 105 7.47 17.97 -23.34
C ASN A 105 6.89 19.00 -22.35
N VAL A 106 5.64 18.85 -21.92
CA VAL A 106 5.03 19.85 -21.01
C VAL A 106 5.66 19.75 -19.62
N GLN A 107 5.83 18.51 -19.17
CA GLN A 107 6.46 18.17 -17.93
C GLN A 107 7.91 18.69 -17.93
N ALA A 108 8.67 18.36 -18.96
CA ALA A 108 10.07 18.78 -19.02
C ALA A 108 10.23 20.30 -19.06
N LEU A 109 9.34 20.98 -19.78
CA LEU A 109 9.39 22.43 -19.85
C LEU A 109 9.07 23.08 -18.51
N TYR A 110 8.07 22.57 -17.83
CA TYR A 110 7.67 23.12 -16.54
C TYR A 110 8.82 23.02 -15.50
N ALA A 111 9.41 21.82 -15.43
CA ALA A 111 10.62 21.56 -14.65
C ALA A 111 11.66 22.67 -14.80
N LEU A 112 11.96 23.06 -16.05
CA LEU A 112 13.02 24.04 -16.33
C LEU A 112 12.65 25.48 -16.02
N VAL A 113 11.43 25.89 -16.36
CA VAL A 113 11.04 27.30 -16.30
C VAL A 113 9.88 27.62 -15.37
N GLY A 114 9.00 26.65 -15.12
CA GLY A 114 7.84 26.87 -14.28
C GLY A 114 6.75 27.66 -15.00
N VAL A 115 5.68 27.93 -14.26
CA VAL A 115 4.56 28.70 -14.79
C VAL A 115 5.04 30.11 -15.03
N LYS A 116 4.43 30.75 -16.05
CA LYS A 116 4.83 32.05 -16.56
C LYS A 116 6.19 32.02 -17.24
N GLY A 117 6.82 30.85 -17.30
CA GLY A 117 8.19 30.73 -17.80
C GLY A 117 8.29 31.04 -19.29
N LYS A 118 9.50 31.43 -19.72
CA LYS A 118 9.75 31.86 -21.10
C LYS A 118 10.36 30.75 -21.95
N ILE A 119 9.71 30.47 -23.08
CA ILE A 119 10.21 29.47 -24.03
C ILE A 119 10.17 29.95 -25.50
N MET A 120 11.04 29.37 -26.31
CA MET A 120 11.14 29.64 -27.74
C MET A 120 11.15 28.30 -28.46
N GLY A 121 10.35 28.21 -29.51
CA GLY A 121 10.28 27.00 -30.32
C GLY A 121 9.97 27.36 -31.75
N MET A 122 10.04 26.38 -32.63
CA MET A 122 9.68 26.59 -34.03
C MET A 122 8.18 26.69 -34.16
N HIS A 123 7.74 27.54 -35.09
CA HIS A 123 6.34 27.69 -35.40
C HIS A 123 5.80 26.37 -35.92
N LEU A 124 4.54 26.09 -35.66
CA LEU A 124 3.89 24.87 -36.13
C LEU A 124 3.88 24.78 -37.65
N CYS A 125 3.41 25.86 -38.30
CA CYS A 125 3.58 26.12 -39.75
C CYS A 125 4.96 25.81 -40.31
N SER A 126 6.02 26.15 -39.58
CA SER A 126 7.40 25.97 -40.07
C SER A 126 8.03 24.61 -39.76
N GLY A 127 7.34 23.78 -38.97
CA GLY A 127 7.84 22.43 -38.67
C GLY A 127 7.86 22.04 -37.21
N GLY A 128 7.60 22.98 -36.31
CA GLY A 128 7.65 22.73 -34.89
C GLY A 128 6.40 22.05 -34.40
N HIS A 129 6.46 21.49 -33.20
CA HIS A 129 5.31 20.84 -32.59
C HIS A 129 4.40 21.80 -31.86
N LEU A 130 3.19 21.32 -31.58
CA LEU A 130 2.22 22.06 -30.78
C LEU A 130 2.75 22.38 -29.38
N THR A 131 3.50 21.44 -28.81
CA THR A 131 4.09 21.55 -27.48
C THR A 131 5.39 22.36 -27.44
N HIS A 132 5.67 23.11 -28.51
CA HIS A 132 6.83 23.95 -28.63
C HIS A 132 6.42 25.41 -28.55
N GLY A 133 5.32 25.68 -27.88
CA GLY A 133 4.89 27.02 -27.67
C GLY A 133 3.90 27.56 -28.67
N PHE A 134 3.25 26.69 -29.44
CA PHE A 134 2.40 27.16 -30.51
C PHE A 134 1.16 27.88 -30.02
N PHE A 135 0.91 29.05 -30.61
CA PHE A 135 -0.35 29.77 -30.43
C PHE A 135 -0.79 30.44 -31.71
N ASP A 136 -1.94 31.10 -31.65
CA ASP A 136 -2.52 31.86 -32.75
C ASP A 136 -3.07 33.20 -32.25
N GLU A 137 -3.33 34.12 -33.18
CA GLU A 137 -3.92 35.42 -32.84
C GLU A 137 -5.19 35.27 -32.02
N LYS A 138 -6.04 34.34 -32.47
CA LYS A 138 -7.34 34.07 -31.82
C LYS A 138 -7.25 33.40 -30.45
N LYS A 139 -6.32 32.47 -30.28
CA LYS A 139 -6.25 31.68 -29.06
C LYS A 139 -4.84 31.12 -28.79
N LYS A 140 -4.53 30.91 -27.51
CA LYS A 140 -3.35 30.17 -27.09
C LYS A 140 -3.67 28.69 -27.24
N VAL A 141 -3.28 28.14 -28.38
CA VAL A 141 -3.71 26.82 -28.85
C VAL A 141 -3.14 25.66 -28.00
N SER A 142 -1.90 25.82 -27.58
CA SER A 142 -1.27 24.85 -26.73
C SER A 142 -1.19 25.42 -25.34
N ILE A 143 -1.24 24.54 -24.34
CA ILE A 143 -0.93 24.89 -22.98
C ILE A 143 0.48 25.46 -22.90
N THR A 144 1.40 24.98 -23.74
CA THR A 144 2.77 25.46 -23.74
C THR A 144 2.87 26.93 -24.08
N SER A 145 1.92 27.47 -24.84
CA SER A 145 1.85 28.92 -25.10
C SER A 145 1.06 29.70 -24.07
N ASP A 146 0.34 29.00 -23.18
CA ASP A 146 -0.55 29.61 -22.21
C ASP A 146 -0.03 29.59 -20.78
N MET A 147 0.48 28.46 -20.33
CA MET A 147 1.07 28.35 -19.01
C MET A 147 2.51 28.84 -19.01
N PHE A 148 3.06 29.02 -20.21
CA PHE A 148 4.35 29.61 -20.42
C PHE A 148 4.11 30.83 -21.30
N GLU A 149 5.12 31.70 -21.35
CA GLU A 149 5.17 32.78 -22.34
C GLU A 149 6.09 32.27 -23.44
N SER A 150 5.56 32.18 -24.66
CA SER A 150 6.36 31.61 -25.76
C SER A 150 6.47 32.55 -26.94
N LYS A 151 7.60 32.44 -27.63
CA LYS A 151 7.86 33.20 -28.85
C LYS A 151 8.21 32.16 -29.92
N LEU A 152 7.89 32.46 -31.18
CA LEU A 152 8.06 31.44 -32.23
C LEU A 152 8.93 31.90 -33.37
N TYR A 153 9.91 31.05 -33.73
CA TYR A 153 10.88 31.39 -34.77
C TYR A 153 10.66 30.64 -36.05
N LYS A 154 10.64 31.39 -37.15
CA LYS A 154 10.33 30.82 -38.46
C LYS A 154 11.58 30.31 -39.14
N CYS A 155 11.36 29.42 -40.11
CA CYS A 155 12.40 29.00 -41.02
C CYS A 155 12.31 29.95 -42.19
N ASN A 156 13.41 30.12 -42.91
CA ASN A 156 13.47 31.00 -44.11
C ASN A 156 12.57 30.56 -45.27
N SER A 157 12.48 31.40 -46.32
CA SER A 157 11.63 31.08 -47.48
C SER A 157 12.07 29.81 -48.26
N GLN A 158 13.31 29.34 -48.07
CA GLN A 158 13.74 28.04 -48.62
C GLN A 158 13.42 26.83 -47.74
N GLY A 159 12.86 27.06 -46.56
CA GLY A 159 12.48 25.99 -45.62
C GLY A 159 13.55 25.49 -44.64
N TYR A 160 14.58 26.29 -44.38
CA TYR A 160 15.65 25.94 -43.44
C TYR A 160 15.56 26.85 -42.21
N VAL A 161 15.98 26.33 -41.05
CA VAL A 161 16.06 27.13 -39.83
C VAL A 161 16.99 28.32 -40.09
N ASP A 162 16.53 29.54 -39.76
CA ASP A 162 17.37 30.73 -39.88
C ASP A 162 17.90 31.12 -38.51
N LEU A 163 19.13 30.69 -38.22
CA LEU A 163 19.75 30.93 -36.93
C LEU A 163 19.86 32.40 -36.57
N ASP A 164 20.11 33.24 -37.57
CA ASP A 164 20.17 34.69 -37.36
C ASP A 164 18.89 35.21 -36.71
N ALA A 165 17.74 34.73 -37.18
CA ALA A 165 16.45 35.11 -36.62
C ALA A 165 16.26 34.57 -35.20
N VAL A 166 16.76 33.36 -34.95
CA VAL A 166 16.69 32.74 -33.62
C VAL A 166 17.45 33.60 -32.60
N ARG A 167 18.69 33.95 -32.93
CA ARG A 167 19.51 34.82 -32.09
C ARG A 167 18.90 36.23 -31.95
N GLU A 168 18.45 36.81 -33.07
CA GLU A 168 17.79 38.11 -33.07
C GLU A 168 16.65 38.10 -32.06
N MET A 169 15.90 36.98 -32.07
CA MET A 169 14.79 36.76 -31.15
C MET A 169 15.29 36.45 -29.76
N ALA A 170 16.20 35.51 -29.63
CA ALA A 170 16.69 35.12 -28.30
C ALA A 170 17.22 36.30 -27.44
N LEU A 171 17.94 37.26 -28.04
CA LEU A 171 18.53 38.38 -27.28
C LEU A 171 17.48 39.38 -26.79
N SER A 172 16.48 39.68 -27.62
CA SER A 172 15.37 40.56 -27.19
C SER A 172 14.38 39.85 -26.25
N PHE A 173 14.11 38.57 -26.50
CA PHE A 173 13.15 37.78 -25.71
C PHE A 173 13.69 37.21 -24.40
N LYS A 174 14.97 36.82 -24.37
CA LYS A 174 15.62 36.31 -23.17
C LYS A 174 14.90 35.10 -22.53
N PRO A 175 14.76 33.99 -23.29
CA PRO A 175 14.02 32.88 -22.72
C PRO A 175 14.89 32.02 -21.83
N LYS A 176 14.25 31.21 -21.00
CA LYS A 176 14.94 30.19 -20.19
C LYS A 176 15.10 28.88 -20.95
N VAL A 177 14.30 28.66 -22.00
CA VAL A 177 14.46 27.47 -22.85
C VAL A 177 14.30 27.82 -24.32
N ILE A 178 15.11 27.18 -25.15
CA ILE A 178 15.00 27.28 -26.58
C ILE A 178 14.84 25.86 -27.03
N ILE A 179 13.78 25.60 -27.79
CA ILE A 179 13.49 24.24 -28.23
C ILE A 179 13.94 24.03 -29.67
N CYS A 180 14.62 22.91 -29.90
CA CYS A 180 14.92 22.47 -31.24
C CYS A 180 14.59 21.00 -31.40
N GLY A 181 14.55 20.56 -32.66
CA GLY A 181 14.01 19.21 -33.02
C GLY A 181 12.52 19.34 -33.32
N TYR A 182 12.06 18.76 -34.44
CA TYR A 182 10.76 19.16 -34.96
C TYR A 182 9.84 18.05 -35.44
N THR A 183 8.62 18.44 -35.74
CA THR A 183 7.58 17.47 -36.14
C THR A 183 7.65 17.22 -37.63
N SER A 184 7.84 18.28 -38.43
CA SER A 184 7.94 18.11 -39.87
C SER A 184 9.05 18.92 -40.49
N TYR A 185 10.27 18.51 -40.23
CA TYR A 185 11.44 19.20 -40.70
C TYR A 185 12.34 18.17 -41.39
N PRO A 186 12.60 18.37 -42.70
CA PRO A 186 13.32 17.40 -43.52
C PRO A 186 14.84 17.48 -43.48
N ARG A 187 15.42 18.38 -42.69
CA ARG A 187 16.89 18.45 -42.59
C ARG A 187 17.44 18.25 -41.17
N ASP A 188 18.73 17.93 -41.11
CA ASP A 188 19.43 17.74 -39.85
C ASP A 188 19.55 19.09 -39.14
N ILE A 189 19.84 19.02 -37.85
CA ILE A 189 19.87 20.19 -36.99
C ILE A 189 21.32 20.49 -36.59
N ASP A 190 21.58 21.79 -36.44
CA ASP A 190 22.87 22.27 -35.96
C ASP A 190 22.73 22.54 -34.46
N TYR A 191 22.80 21.47 -33.68
CA TYR A 191 22.59 21.57 -32.25
C TYR A 191 23.71 22.40 -31.65
N GLN A 192 24.94 22.16 -32.13
CA GLN A 192 26.09 22.92 -31.68
C GLN A 192 25.83 24.40 -31.77
N GLN A 193 25.35 24.83 -32.92
CA GLN A 193 25.01 26.22 -33.09
C GLN A 193 23.96 26.65 -32.09
N PHE A 194 22.96 25.81 -31.85
CA PHE A 194 21.91 26.12 -30.87
C PHE A 194 22.48 26.29 -29.47
N ARG A 195 23.40 25.41 -29.10
CA ARG A 195 24.06 25.41 -27.78
C ARG A 195 24.82 26.70 -27.51
N GLN A 196 25.40 27.26 -28.56
CA GLN A 196 26.10 28.53 -28.50
C GLN A 196 25.14 29.69 -28.25
N ILE A 197 23.96 29.69 -28.88
CA ILE A 197 22.97 30.78 -28.69
C ILE A 197 22.35 30.77 -27.29
N CYS A 198 22.13 29.58 -26.77
CA CYS A 198 21.57 29.45 -25.43
C CYS A 198 22.53 30.00 -24.34
N ASP A 199 23.82 29.68 -24.44
CA ASP A 199 24.89 30.26 -23.59
C ASP A 199 24.98 31.80 -23.64
N GLU A 200 24.71 32.34 -24.82
CA GLU A 200 24.73 33.77 -25.05
C GLU A 200 23.64 34.50 -24.27
N VAL A 201 22.58 33.76 -23.96
CA VAL A 201 21.46 34.26 -23.15
C VAL A 201 21.30 33.49 -21.83
N ASN A 202 22.08 32.42 -21.65
CA ASN A 202 22.02 31.56 -20.47
C ASN A 202 20.74 30.69 -20.39
N ALA A 203 20.13 30.48 -21.56
CA ALA A 203 18.92 29.68 -21.68
C ALA A 203 19.25 28.20 -21.68
N TYR A 204 18.30 27.35 -21.28
CA TYR A 204 18.42 25.89 -21.46
C TYR A 204 18.28 25.47 -22.94
N LEU A 205 19.03 24.41 -23.32
CA LEU A 205 18.87 23.76 -24.67
C LEU A 205 18.01 22.51 -24.57
N PHE A 206 16.91 22.52 -25.32
CA PHE A 206 15.92 21.44 -25.34
C PHE A 206 15.87 20.86 -26.74
N ALA A 207 16.21 19.58 -26.86
CA ALA A 207 16.21 18.87 -28.12
C ALA A 207 15.11 17.79 -28.18
N ASP A 208 14.07 18.04 -28.98
CA ASP A 208 12.95 17.09 -29.14
C ASP A 208 13.24 16.31 -30.39
N ILE A 209 13.70 15.06 -30.22
CA ILE A 209 14.17 14.23 -31.34
C ILE A 209 13.22 13.07 -31.70
N SER A 210 11.94 13.21 -31.37
CA SER A 210 10.93 12.15 -31.59
C SER A 210 10.84 11.61 -33.01
N HIS A 211 10.89 12.50 -33.99
CA HIS A 211 10.92 12.07 -35.38
C HIS A 211 12.21 11.46 -35.86
N ILE A 212 13.30 11.84 -35.21
CA ILE A 212 14.63 11.42 -35.68
C ILE A 212 15.39 10.57 -34.67
N SER A 213 14.67 9.92 -33.77
CA SER A 213 15.29 9.27 -32.60
C SER A 213 16.25 8.15 -32.98
N SER A 214 15.81 7.28 -33.87
CA SER A 214 16.63 6.18 -34.32
C SER A 214 17.90 6.62 -35.00
N PHE A 215 17.88 7.77 -35.67
CA PHE A 215 19.05 8.29 -36.33
C PHE A 215 20.05 8.68 -35.27
N VAL A 216 19.57 9.42 -34.27
CA VAL A 216 20.41 9.92 -33.19
C VAL A 216 21.02 8.75 -32.43
N ALA A 217 20.21 7.76 -32.09
CA ALA A 217 20.71 6.61 -31.35
C ALA A 217 21.73 5.80 -32.14
N CYS A 218 21.48 5.63 -33.42
CA CYS A 218 22.39 4.87 -34.28
C CYS A 218 23.51 5.72 -34.88
N ASN A 219 23.59 6.99 -34.49
CA ASN A 219 24.67 7.91 -34.91
C ASN A 219 24.75 8.25 -36.43
N ILE A 220 23.67 8.00 -37.17
CA ILE A 220 23.57 8.41 -38.57
C ILE A 220 23.51 9.91 -38.68
N LEU A 221 22.87 10.55 -37.71
CA LEU A 221 22.68 12.01 -37.71
C LEU A 221 23.36 12.64 -36.51
N ASN A 222 23.39 13.97 -36.51
CA ASN A 222 24.00 14.73 -35.41
C ASN A 222 23.45 14.32 -34.06
N ASN A 223 24.30 14.44 -33.04
CA ASN A 223 23.98 14.01 -31.68
C ASN A 223 23.63 15.21 -30.83
N PRO A 224 22.38 15.31 -30.38
CA PRO A 224 22.09 16.49 -29.59
C PRO A 224 22.57 16.32 -28.14
N PHE A 225 22.88 15.08 -27.75
CA PHE A 225 23.36 14.77 -26.41
C PHE A 225 24.64 15.53 -26.06
N LEU A 226 25.46 15.81 -27.07
CA LEU A 226 26.72 16.51 -26.90
C LEU A 226 26.53 17.95 -26.43
N HIS A 227 25.40 18.55 -26.77
CA HIS A 227 25.15 19.96 -26.41
C HIS A 227 23.91 20.22 -25.55
N ALA A 228 22.93 19.31 -25.56
CA ALA A 228 21.63 19.61 -24.92
C ALA A 228 21.56 19.29 -23.43
N ASP A 229 20.86 20.16 -22.70
CA ASP A 229 20.51 19.91 -21.30
C ASP A 229 19.40 18.87 -21.21
N VAL A 230 18.42 18.94 -22.13
CA VAL A 230 17.32 17.97 -22.15
C VAL A 230 17.05 17.39 -23.54
N VAL A 231 16.82 16.10 -23.62
CA VAL A 231 16.41 15.49 -24.85
C VAL A 231 15.12 14.74 -24.58
N THR A 232 14.06 15.13 -25.29
CA THR A 232 12.77 14.39 -25.21
C THR A 232 12.58 13.61 -26.50
N THR A 233 11.91 12.48 -26.38
CA THR A 233 11.57 11.72 -27.55
C THR A 233 10.39 10.80 -27.25
N THR A 234 9.55 10.59 -28.26
CA THR A 234 8.51 9.59 -28.18
C THR A 234 9.11 8.27 -28.54
N THR A 235 8.45 7.19 -28.19
CA THR A 235 8.95 5.84 -28.41
C THR A 235 8.26 5.10 -29.58
N HIS A 236 7.17 5.68 -30.11
CA HIS A 236 6.25 5.00 -31.08
C HIS A 236 6.50 5.29 -32.55
N LYS A 237 7.41 6.22 -32.86
CA LYS A 237 7.63 6.60 -34.24
C LYS A 237 8.79 5.78 -34.83
N ILE A 238 9.86 6.46 -35.24
CA ILE A 238 10.99 5.81 -35.92
C ILE A 238 11.65 4.77 -35.01
N LEU A 239 11.56 5.01 -33.70
CA LEU A 239 12.04 4.06 -32.72
C LEU A 239 11.27 2.74 -32.76
N ARG A 240 10.01 2.79 -33.20
CA ARG A 240 9.25 1.57 -33.40
C ARG A 240 8.83 0.91 -32.07
N GLY A 241 8.69 1.73 -31.03
CA GLY A 241 8.26 1.24 -29.73
C GLY A 241 6.78 1.38 -29.55
N PRO A 242 6.28 1.29 -28.30
CA PRO A 242 4.89 1.56 -27.98
C PRO A 242 4.68 3.05 -27.90
N ARG A 243 3.44 3.44 -27.62
CA ARG A 243 3.15 4.85 -27.43
C ARG A 243 3.55 5.26 -26.03
N SER A 244 4.59 6.07 -25.95
CA SER A 244 5.16 6.55 -24.68
C SER A 244 6.13 7.63 -25.01
N ALA A 245 6.74 8.18 -23.99
CA ALA A 245 7.77 9.16 -24.17
C ALA A 245 8.91 8.97 -23.17
N LEU A 246 10.06 9.58 -23.49
CA LEU A 246 11.29 9.54 -22.67
C LEU A 246 11.75 10.94 -22.48
N ILE A 247 12.17 11.27 -21.27
CA ILE A 247 12.85 12.54 -21.01
C ILE A 247 14.26 12.26 -20.51
N PHE A 248 15.24 12.84 -21.20
CA PHE A 248 16.67 12.76 -20.88
C PHE A 248 17.18 14.07 -20.32
N PHE A 249 17.95 14.00 -19.24
CA PHE A 249 18.50 15.19 -18.61
C PHE A 249 19.97 15.00 -18.31
N ASN A 250 20.73 16.05 -18.57
CA ASN A 250 22.17 16.02 -18.40
C ASN A 250 22.54 16.48 -16.97
N LYS A 251 22.87 15.54 -16.11
CA LYS A 251 23.21 15.86 -14.71
C LYS A 251 24.48 16.72 -14.59
N LYS A 252 25.52 16.38 -15.36
CA LYS A 252 26.81 17.08 -15.31
C LYS A 252 26.75 18.55 -15.60
N ARG A 253 25.94 18.92 -16.57
CA ARG A 253 25.80 20.33 -16.92
C ARG A 253 24.89 21.06 -15.93
N ASN A 254 23.95 20.33 -15.34
CA ASN A 254 22.95 20.91 -14.43
C ASN A 254 22.66 20.01 -13.23
N PRO A 255 23.52 20.05 -12.19
CA PRO A 255 23.20 19.20 -11.04
C PRO A 255 21.90 19.69 -10.36
N GLY A 256 21.10 18.76 -9.86
CA GLY A 256 19.79 19.07 -9.30
C GLY A 256 18.59 19.04 -10.28
N ILE A 257 18.87 18.83 -11.57
CA ILE A 257 17.85 18.68 -12.60
C ILE A 257 17.11 17.35 -12.47
N GLU A 258 17.78 16.28 -12.04
CA GLU A 258 17.15 14.98 -11.91
C GLU A 258 15.89 14.97 -11.05
N GLN A 259 15.94 15.67 -9.91
CA GLN A 259 14.80 15.71 -9.00
C GLN A 259 13.74 16.63 -9.59
N LYS A 260 14.17 17.78 -10.11
CA LYS A 260 13.30 18.76 -10.78
C LYS A 260 12.41 18.19 -11.92
N ILE A 261 13.00 17.31 -12.72
CA ILE A 261 12.36 16.63 -13.79
C ILE A 261 11.54 15.45 -13.29
N ASN A 262 12.08 14.69 -12.34
CA ASN A 262 11.36 13.56 -11.81
C ASN A 262 10.11 14.01 -11.04
N SER A 263 10.18 15.16 -10.38
CA SER A 263 9.05 15.66 -9.60
C SER A 263 7.98 16.27 -10.53
N ALA A 264 8.41 16.90 -11.62
CA ALA A 264 7.55 17.37 -12.71
C ALA A 264 6.70 16.26 -13.29
N VAL A 265 7.31 15.11 -13.57
CA VAL A 265 6.55 13.98 -14.10
C VAL A 265 5.59 13.45 -13.04
N PHE A 266 6.11 13.22 -11.83
CA PHE A 266 5.29 12.86 -10.69
C PHE A 266 5.92 13.48 -9.48
N PRO A 267 5.16 14.15 -8.64
CA PRO A 267 3.71 14.16 -8.65
C PRO A 267 3.13 15.46 -9.18
N SER A 268 3.93 16.27 -9.83
CA SER A 268 3.40 17.50 -10.39
C SER A 268 2.28 17.25 -11.45
N PHE A 269 2.48 16.32 -12.40
CA PHE A 269 1.59 16.16 -13.56
C PHE A 269 0.89 14.82 -13.66
N GLN A 270 1.55 13.72 -13.32
CA GLN A 270 0.93 12.40 -13.49
C GLN A 270 0.71 11.73 -12.15
N GLY A 271 -0.05 10.65 -12.20
CA GLY A 271 -0.27 9.72 -11.10
C GLY A 271 0.49 8.43 -11.36
N GLY A 272 -0.21 7.30 -11.31
CA GLY A 272 0.41 6.00 -11.46
C GLY A 272 0.97 5.77 -12.85
N PRO A 273 2.24 5.29 -12.95
CA PRO A 273 2.80 5.04 -14.29
C PRO A 273 2.03 3.96 -14.94
N HIS A 274 2.13 3.86 -16.26
CA HIS A 274 1.51 2.76 -16.97
C HIS A 274 2.55 1.71 -17.22
N ASN A 275 2.48 0.61 -16.46
CA ASN A 275 3.55 -0.38 -16.48
C ASN A 275 3.71 -1.21 -17.74
N ASN A 276 2.62 -1.56 -18.39
CA ASN A 276 2.68 -2.20 -19.70
C ASN A 276 3.47 -1.37 -20.72
N LYS A 277 3.32 -0.06 -20.67
CA LYS A 277 4.10 0.83 -21.54
C LYS A 277 5.58 0.61 -21.26
N ILE A 278 5.94 0.66 -19.98
CA ILE A 278 7.31 0.57 -19.55
C ILE A 278 7.95 -0.74 -19.97
N ALA A 279 7.28 -1.87 -19.72
CA ALA A 279 7.74 -3.17 -20.22
C ALA A 279 7.89 -3.17 -21.73
N ALA A 280 6.90 -2.65 -22.45
CA ALA A 280 6.94 -2.61 -23.91
C ALA A 280 8.11 -1.78 -24.40
N VAL A 281 8.34 -0.66 -23.75
CA VAL A 281 9.47 0.20 -24.12
C VAL A 281 10.80 -0.51 -23.92
N ALA A 282 10.93 -1.23 -22.81
CA ALA A 282 12.15 -1.97 -22.51
C ALA A 282 12.40 -2.99 -23.59
N CYS A 283 11.35 -3.71 -23.96
CA CYS A 283 11.43 -4.70 -25.04
C CYS A 283 11.90 -4.14 -26.39
N GLN A 284 11.45 -2.94 -26.72
CA GLN A 284 11.92 -2.32 -27.94
C GLN A 284 13.34 -1.78 -27.81
N LEU A 285 13.70 -1.28 -26.63
CA LEU A 285 15.03 -0.74 -26.40
C LEU A 285 16.14 -1.80 -26.53
N LYS A 286 15.80 -3.05 -26.24
CA LYS A 286 16.75 -4.12 -26.48
C LYS A 286 16.99 -4.19 -27.96
N GLU A 287 15.90 -4.20 -28.73
CA GLU A 287 16.00 -4.25 -30.19
C GLU A 287 16.73 -3.06 -30.79
N VAL A 288 16.56 -1.87 -30.22
CA VAL A 288 17.24 -0.70 -30.77
C VAL A 288 18.76 -0.86 -30.72
N HIS A 289 19.28 -1.45 -29.65
CA HIS A 289 20.74 -1.50 -29.49
C HIS A 289 21.50 -2.43 -30.45
N SER A 290 20.82 -3.45 -30.96
CA SER A 290 21.43 -4.42 -31.87
C SER A 290 21.93 -3.74 -33.16
N PRO A 291 22.86 -4.41 -33.86
CA PRO A 291 23.32 -3.88 -35.15
C PRO A 291 22.28 -4.10 -36.26
N ALA A 292 21.38 -5.08 -36.07
CA ALA A 292 20.24 -5.28 -36.95
C ALA A 292 19.32 -4.05 -37.10
N PHE A 293 19.12 -3.32 -36.01
CA PHE A 293 18.23 -2.18 -36.00
C PHE A 293 18.87 -1.00 -36.71
N LYS A 294 20.19 -0.87 -36.58
CA LYS A 294 20.93 0.14 -37.35
C LYS A 294 20.78 -0.14 -38.84
N GLU A 295 20.85 -1.41 -39.23
CA GLU A 295 20.59 -1.78 -40.63
C GLU A 295 19.21 -1.26 -41.08
N TYR A 296 18.19 -1.45 -40.22
CA TYR A 296 16.84 -0.94 -40.47
C TYR A 296 16.81 0.59 -40.58
N THR A 297 17.49 1.28 -39.66
CA THR A 297 17.52 2.76 -39.69
C THR A 297 18.25 3.29 -40.91
N GLN A 298 19.34 2.62 -41.28
CA GLN A 298 20.08 2.99 -42.48
C GLN A 298 19.12 2.91 -43.65
N GLN A 299 18.40 1.79 -43.71
CA GLN A 299 17.43 1.54 -44.77
C GLN A 299 16.36 2.63 -44.91
N VAL A 300 15.96 3.24 -43.79
CA VAL A 300 14.94 4.29 -43.78
C VAL A 300 15.42 5.54 -44.52
N LEU A 301 16.67 5.91 -44.29
CA LEU A 301 17.26 7.07 -44.96
C LEU A 301 17.53 6.73 -46.43
N LEU A 302 18.00 5.50 -46.72
CA LEU A 302 18.23 5.04 -48.12
C LEU A 302 16.94 5.20 -48.93
N ASN A 303 15.84 4.68 -48.39
CA ASN A 303 14.49 4.75 -49.00
C ASN A 303 13.99 6.16 -49.14
N SER A 304 14.26 6.97 -48.12
CA SER A 304 13.84 8.36 -48.12
C SER A 304 14.57 9.18 -49.18
N LYS A 305 15.84 8.87 -49.41
CA LYS A 305 16.63 9.54 -50.45
C LYS A 305 16.11 9.12 -51.83
N ALA A 306 15.96 7.81 -52.01
CA ALA A 306 15.47 7.27 -53.28
C ALA A 306 14.08 7.80 -53.56
N LEU A 307 13.23 7.90 -52.53
CA LEU A 307 11.89 8.46 -52.71
C LEU A 307 11.95 9.92 -53.11
N ALA A 308 12.87 10.66 -52.51
CA ALA A 308 13.01 12.09 -52.80
C ALA A 308 13.50 12.32 -54.22
N LYS A 309 14.54 11.56 -54.57
CA LYS A 309 15.13 11.56 -55.91
C LYS A 309 14.10 11.18 -56.95
N ALA A 310 13.33 10.14 -56.66
CA ALA A 310 12.32 9.67 -57.61
C ALA A 310 11.19 10.69 -57.79
N LEU A 311 10.85 11.43 -56.75
CA LEU A 311 9.80 12.48 -56.87
C LEU A 311 10.25 13.71 -57.65
N ILE A 312 11.52 14.10 -57.48
CA ILE A 312 12.12 15.17 -58.24
C ILE A 312 12.24 14.77 -59.72
N SER A 313 12.62 13.51 -59.97
CA SER A 313 12.68 12.98 -61.35
C SER A 313 11.33 13.05 -62.12
N LYS A 314 10.22 12.99 -61.37
CA LYS A 314 8.84 13.22 -61.91
C LYS A 314 8.42 14.67 -61.77
N GLN A 315 9.39 15.56 -61.59
CA GLN A 315 9.14 17.02 -61.55
C GLN A 315 8.21 17.50 -60.42
N ILE A 316 8.32 16.86 -59.27
CA ILE A 316 7.61 17.25 -58.07
C ILE A 316 8.61 17.95 -57.14
N ASP A 317 8.18 19.11 -56.64
CA ASP A 317 8.98 19.92 -55.75
C ASP A 317 8.90 19.53 -54.27
N LEU A 318 10.08 19.51 -53.62
CA LEU A 318 10.24 19.13 -52.24
C LEU A 318 10.78 20.29 -51.45
N VAL A 319 10.32 20.45 -50.22
CA VAL A 319 10.78 21.56 -49.36
C VAL A 319 12.24 21.28 -49.04
N THR A 320 13.06 22.31 -49.19
CA THR A 320 14.53 22.20 -49.15
C THR A 320 15.11 21.35 -50.29
N ASN A 321 14.29 21.05 -51.31
CA ASN A 321 14.64 20.16 -52.46
C ASN A 321 15.34 18.85 -52.14
N GLY A 322 14.94 18.23 -51.03
CA GLY A 322 15.54 16.97 -50.58
C GLY A 322 15.36 16.79 -49.10
N THR A 323 15.98 15.75 -48.58
CA THR A 323 15.90 15.43 -47.17
C THR A 323 17.19 14.76 -46.61
N ASP A 324 17.49 15.03 -45.34
CA ASP A 324 18.57 14.33 -44.65
C ASP A 324 18.06 13.24 -43.76
N ASN A 325 16.75 13.03 -43.71
CA ASN A 325 16.19 12.03 -42.80
C ASN A 325 15.11 11.16 -43.46
N HIS A 326 14.28 10.57 -42.60
CA HIS A 326 13.12 9.73 -42.91
C HIS A 326 11.96 10.39 -43.65
N LEU A 327 11.88 11.73 -43.62
CA LEU A 327 10.73 12.43 -44.11
C LEU A 327 10.98 13.41 -45.24
N ILE A 328 9.91 13.69 -46.00
CA ILE A 328 9.90 14.66 -47.08
C ILE A 328 8.65 15.52 -46.96
N VAL A 329 8.70 16.74 -47.43
CA VAL A 329 7.49 17.54 -47.55
C VAL A 329 7.37 17.93 -49.01
N VAL A 330 6.23 17.64 -49.64
CA VAL A 330 5.99 17.97 -51.05
C VAL A 330 5.30 19.29 -51.16
N ASP A 331 5.85 20.17 -51.97
CA ASP A 331 5.29 21.47 -52.23
C ASP A 331 4.39 21.30 -53.44
N LEU A 332 3.08 21.48 -53.23
CA LEU A 332 2.09 21.23 -54.27
C LEU A 332 1.60 22.46 -55.04
N ARG A 333 2.15 23.65 -54.75
CA ARG A 333 1.72 24.90 -55.43
C ARG A 333 1.83 24.84 -56.96
N LYS A 334 2.80 24.08 -57.45
CA LYS A 334 3.02 23.83 -58.89
C LYS A 334 1.75 23.36 -59.64
N PHE A 335 0.97 22.54 -58.94
CA PHE A 335 -0.21 21.90 -59.49
C PHE A 335 -1.51 22.59 -59.08
N SER A 336 -1.42 23.64 -58.27
CA SER A 336 -2.60 24.38 -57.78
C SER A 336 -3.67 23.48 -57.16
N ILE A 337 -3.22 22.50 -56.38
CA ILE A 337 -4.10 21.65 -55.58
C ILE A 337 -3.61 21.69 -54.15
N THR A 338 -4.54 21.75 -53.19
CA THR A 338 -4.17 21.86 -51.78
C THR A 338 -3.75 20.51 -51.23
N GLY A 339 -3.12 20.55 -50.06
CA GLY A 339 -2.71 19.35 -49.35
C GLY A 339 -3.86 18.45 -48.92
N SER A 340 -4.97 19.06 -48.48
CA SER A 340 -6.14 18.30 -47.98
C SER A 340 -6.83 17.57 -49.11
N LYS A 341 -6.91 18.19 -50.29
CA LYS A 341 -7.38 17.49 -51.48
C LYS A 341 -6.57 16.20 -51.75
N LEU A 342 -5.24 16.31 -51.76
CA LEU A 342 -4.37 15.15 -51.98
C LEU A 342 -4.47 14.10 -50.87
N GLN A 343 -4.68 14.53 -49.62
CA GLN A 343 -4.91 13.57 -48.52
C GLN A 343 -6.19 12.75 -48.74
N GLU A 344 -7.25 13.41 -49.17
CA GLU A 344 -8.52 12.74 -49.47
C GLU A 344 -8.33 11.73 -50.61
N THR A 345 -7.76 12.19 -51.74
CA THR A 345 -7.46 11.31 -52.87
C THR A 345 -6.61 10.08 -52.49
N CYS A 346 -5.58 10.33 -51.68
CA CYS A 346 -4.67 9.27 -51.27
C CYS A 346 -5.38 8.23 -50.39
N ASN A 347 -6.22 8.68 -49.47
CA ASN A 347 -7.02 7.73 -48.65
C ASN A 347 -7.89 6.83 -49.54
N ALA A 348 -8.47 7.40 -50.60
CA ALA A 348 -9.32 6.65 -51.54
C ALA A 348 -8.55 5.49 -52.23
N ILE A 349 -7.24 5.68 -52.35
CA ILE A 349 -6.38 4.65 -52.92
C ILE A 349 -5.58 3.87 -51.86
N ASN A 350 -5.98 4.05 -50.60
CA ASN A 350 -5.30 3.52 -49.43
C ASN A 350 -3.84 3.99 -49.26
N VAL A 351 -3.64 5.29 -49.47
CA VAL A 351 -2.35 5.90 -49.27
C VAL A 351 -2.49 6.85 -48.10
N SER A 352 -1.79 6.52 -47.03
CA SER A 352 -1.85 7.31 -45.82
C SER A 352 -0.69 8.27 -45.82
N LEU A 353 -1.03 9.55 -45.90
CA LEU A 353 -0.09 10.62 -45.74
C LEU A 353 -0.88 11.72 -45.05
N ASN A 354 -0.25 12.85 -44.76
CA ASN A 354 -0.95 13.94 -44.14
C ASN A 354 -0.59 15.24 -44.79
N LYS A 355 -1.57 16.14 -44.75
CA LYS A 355 -1.43 17.49 -45.21
C LYS A 355 -0.43 18.24 -44.34
N ASN A 356 0.32 19.14 -44.97
CA ASN A 356 1.38 19.84 -44.26
C ASN A 356 1.59 21.21 -44.84
N THR A 357 1.88 22.14 -43.96
CA THR A 357 2.17 23.50 -44.34
C THR A 357 3.55 23.60 -45.00
N ILE A 358 3.76 24.71 -45.70
CA ILE A 358 5.04 25.00 -46.31
C ILE A 358 5.39 26.47 -46.02
N PRO A 359 6.67 26.88 -46.24
CA PRO A 359 7.12 28.23 -45.88
C PRO A 359 6.27 29.35 -46.45
N SER A 360 5.85 29.21 -47.70
CA SER A 360 5.03 30.23 -48.35
C SER A 360 3.65 30.42 -47.69
N ASP A 361 3.11 29.38 -47.06
CA ASP A 361 1.83 29.48 -46.35
C ASP A 361 2.05 30.33 -45.10
N VAL A 362 1.74 31.63 -45.22
CA VAL A 362 1.69 32.52 -44.05
C VAL A 362 0.69 31.97 -43.05
N ASP A 363 -0.44 31.53 -43.61
CA ASP A 363 -1.59 31.11 -42.85
C ASP A 363 -1.74 29.58 -42.94
N CYS A 364 -2.17 28.98 -41.82
CA CYS A 364 -2.46 27.54 -41.71
C CYS A 364 -3.82 27.11 -42.33
N VAL A 365 -4.60 28.07 -42.80
CA VAL A 365 -5.97 27.84 -43.29
C VAL A 365 -5.97 26.81 -44.42
N SER A 366 -4.99 26.91 -45.32
CA SER A 366 -4.81 25.90 -46.35
C SER A 366 -3.34 25.42 -46.40
N PRO A 367 -3.07 24.17 -45.93
CA PRO A 367 -1.69 23.66 -46.11
C PRO A 367 -1.38 23.37 -47.59
N SER A 368 -0.27 23.92 -48.07
CA SER A 368 0.10 23.79 -49.47
C SER A 368 0.91 22.52 -49.78
N GLY A 369 0.98 21.57 -48.86
CA GLY A 369 1.76 20.39 -49.11
C GLY A 369 1.28 19.17 -48.38
N VAL A 370 2.08 18.12 -48.53
CA VAL A 370 1.89 16.91 -47.81
C VAL A 370 3.24 16.42 -47.32
N ARG A 371 3.22 15.73 -46.19
CA ARG A 371 4.40 15.16 -45.63
C ARG A 371 4.33 13.67 -45.75
N ILE A 372 5.47 13.06 -46.05
CA ILE A 372 5.58 11.60 -46.19
C ILE A 372 6.84 11.11 -45.49
N GLY A 373 6.82 9.87 -45.08
CA GLY A 373 7.98 9.29 -44.46
C GLY A 373 8.07 7.82 -44.78
N THR A 374 9.28 7.29 -44.65
CA THR A 374 9.60 5.91 -44.98
C THR A 374 9.64 4.88 -43.88
N PRO A 375 9.59 5.28 -42.58
CA PRO A 375 9.75 4.23 -41.55
C PRO A 375 8.77 3.08 -41.59
N ALA A 376 7.48 3.36 -41.79
CA ALA A 376 6.50 2.27 -41.79
C ALA A 376 6.76 1.28 -42.95
N MET A 377 6.95 1.80 -44.17
CA MET A 377 7.20 0.93 -45.34
C MET A 377 8.55 0.24 -45.31
N THR A 378 9.54 0.92 -44.73
CA THR A 378 10.80 0.27 -44.49
C THR A 378 10.58 -0.91 -43.58
N THR A 379 9.68 -0.75 -42.60
CA THR A 379 9.37 -1.84 -41.67
C THR A 379 8.72 -3.02 -42.40
N ARG A 380 7.88 -2.72 -43.38
CA ARG A 380 7.24 -3.77 -44.17
C ARG A 380 8.12 -4.42 -45.25
N GLY A 381 9.41 -4.08 -45.28
CA GLY A 381 10.38 -4.76 -46.14
C GLY A 381 10.68 -4.07 -47.46
N ALA A 382 10.13 -2.87 -47.69
CA ALA A 382 10.37 -2.16 -48.94
C ALA A 382 11.83 -1.63 -49.03
N LYS A 383 12.43 -1.84 -50.20
CA LYS A 383 13.80 -1.45 -50.50
C LYS A 383 13.81 -0.24 -51.43
N GLU A 384 15.00 0.22 -51.79
CA GLU A 384 15.15 1.40 -52.70
C GLU A 384 14.38 1.32 -54.02
N LYS A 385 14.39 0.13 -54.61
CA LYS A 385 13.73 -0.18 -55.90
C LYS A 385 12.22 0.01 -55.79
N ASP A 386 11.67 -0.25 -54.60
CA ASP A 386 10.25 -0.08 -54.34
C ASP A 386 9.78 1.38 -54.33
N MET A 387 10.71 2.31 -54.15
CA MET A 387 10.35 3.71 -53.99
C MET A 387 9.87 4.36 -55.27
N GLU A 388 10.35 3.90 -56.42
CA GLU A 388 9.91 4.46 -57.72
C GLU A 388 8.40 4.24 -57.89
N PHE A 389 7.95 3.03 -57.58
CA PHE A 389 6.51 2.71 -57.55
C PHE A 389 5.69 3.60 -56.63
N ILE A 390 6.21 3.91 -55.45
CA ILE A 390 5.51 4.80 -54.50
C ILE A 390 5.46 6.20 -55.05
N ALA A 391 6.59 6.67 -55.53
CA ALA A 391 6.64 7.94 -56.24
C ALA A 391 5.68 7.95 -57.41
N ASP A 392 5.59 6.83 -58.13
CA ASP A 392 4.65 6.75 -59.24
C ASP A 392 3.17 6.81 -58.83
N VAL A 393 2.82 6.08 -57.77
CA VAL A 393 1.45 6.12 -57.23
C VAL A 393 1.13 7.51 -56.74
N LEU A 394 2.09 8.17 -56.10
CA LEU A 394 1.88 9.57 -55.67
C LEU A 394 1.72 10.54 -56.80
N ALA A 395 2.49 10.35 -57.87
CA ALA A 395 2.37 11.21 -59.05
C ALA A 395 0.99 11.05 -59.74
N ARG A 396 0.55 9.80 -59.84
CA ARG A 396 -0.76 9.48 -60.43
C ARG A 396 -1.87 10.07 -59.57
N ALA A 397 -1.71 10.04 -58.24
CA ALA A 397 -2.69 10.61 -57.34
C ALA A 397 -2.78 12.12 -57.46
N ILE A 398 -1.65 12.79 -57.66
CA ILE A 398 -1.66 14.24 -57.85
C ILE A 398 -2.38 14.60 -59.13
N LYS A 399 -2.03 13.91 -60.20
CA LYS A 399 -2.71 14.11 -61.49
C LYS A 399 -4.25 13.92 -61.39
N ILE A 400 -4.66 12.81 -60.77
CA ILE A 400 -6.08 12.52 -60.60
C ILE A 400 -6.74 13.62 -59.81
N THR A 401 -6.03 14.12 -58.81
CA THR A 401 -6.51 15.22 -57.98
C THR A 401 -6.70 16.47 -58.80
N VAL A 402 -5.78 16.71 -59.74
CA VAL A 402 -5.91 17.90 -60.61
C VAL A 402 -7.14 17.75 -61.52
N ASP A 403 -7.35 16.54 -62.05
CA ASP A 403 -8.48 16.23 -62.91
C ASP A 403 -9.81 16.46 -62.18
N LEU A 404 -9.92 15.91 -60.96
CA LEU A 404 -11.14 16.05 -60.14
C LEU A 404 -11.42 17.47 -59.68
N GLN A 405 -10.37 18.27 -59.51
CA GLN A 405 -10.55 19.67 -59.15
C GLN A 405 -11.04 20.50 -60.34
N GLU A 406 -10.51 20.16 -61.51
CA GLU A 406 -10.97 20.71 -62.77
C GLU A 406 -12.46 20.36 -63.00
N GLN A 407 -12.77 19.06 -62.90
CA GLN A 407 -14.13 18.57 -63.12
C GLN A 407 -15.18 19.07 -62.11
N TYR A 408 -14.88 18.95 -60.81
CA TYR A 408 -15.85 19.31 -59.77
C TYR A 408 -15.63 20.67 -59.12
N GLY A 409 -14.56 21.38 -59.47
CA GLY A 409 -14.27 22.70 -58.88
C GLY A 409 -13.42 22.64 -57.61
N LYS A 410 -12.88 23.80 -57.27
CA LYS A 410 -11.89 23.92 -56.19
C LYS A 410 -12.43 23.73 -54.78
N LYS A 411 -13.70 24.05 -54.54
CA LYS A 411 -14.25 23.90 -53.19
C LYS A 411 -14.11 22.45 -52.74
N LEU A 412 -13.75 22.27 -51.47
CA LEU A 412 -13.45 20.94 -50.96
C LEU A 412 -14.70 20.05 -50.90
N VAL A 413 -15.84 20.66 -50.60
CA VAL A 413 -17.12 19.94 -50.61
C VAL A 413 -17.38 19.39 -52.01
N ASP A 414 -17.23 20.25 -53.00
CA ASP A 414 -17.43 19.88 -54.39
C ASP A 414 -16.46 18.77 -54.81
N PHE A 415 -15.17 18.96 -54.47
CA PHE A 415 -14.11 18.01 -54.81
C PHE A 415 -14.40 16.59 -54.31
N LYS A 416 -14.89 16.51 -53.08
CA LYS A 416 -15.16 15.21 -52.45
C LYS A 416 -16.23 14.40 -53.17
N LYS A 417 -17.21 15.06 -53.79
CA LYS A 417 -18.25 14.36 -54.56
C LYS A 417 -17.63 13.57 -55.70
N GLY A 418 -16.57 14.14 -56.30
CA GLY A 418 -15.86 13.48 -57.40
C GLY A 418 -15.16 12.18 -57.05
N LEU A 419 -14.79 12.03 -55.77
CA LEU A 419 -13.93 10.92 -55.34
C LEU A 419 -14.59 9.54 -55.41
N PRO A 420 -15.83 9.39 -54.93
CA PRO A 420 -16.44 8.07 -54.99
C PRO A 420 -16.81 7.66 -56.43
N GLY A 421 -16.53 6.40 -56.75
CA GLY A 421 -16.81 5.82 -58.05
C GLY A 421 -15.84 6.09 -59.19
N ASN A 422 -14.83 6.94 -58.98
CA ASN A 422 -13.86 7.26 -60.03
C ASN A 422 -13.11 5.99 -60.44
N ALA A 423 -13.17 5.67 -61.73
CA ALA A 423 -12.58 4.44 -62.28
C ALA A 423 -11.07 4.34 -62.04
N GLN A 424 -10.37 5.47 -62.21
CA GLN A 424 -8.90 5.49 -62.10
C GLN A 424 -8.45 5.31 -60.65
N LEU A 425 -9.16 5.96 -59.73
CA LEU A 425 -8.94 5.74 -58.30
C LEU A 425 -9.13 4.28 -57.89
N GLN A 426 -10.20 3.65 -58.42
CA GLN A 426 -10.50 2.24 -58.08
C GLN A 426 -9.39 1.34 -58.63
N GLN A 427 -8.93 1.67 -59.83
CA GLN A 427 -7.77 1.00 -60.47
C GLN A 427 -6.47 1.23 -59.68
N LEU A 428 -6.27 2.45 -59.19
CA LEU A 428 -5.08 2.75 -58.42
C LEU A 428 -5.13 2.04 -57.05
N LYS A 429 -6.27 2.12 -56.37
CA LYS A 429 -6.49 1.39 -55.11
C LYS A 429 -6.19 -0.09 -55.20
N GLN A 430 -6.71 -0.70 -56.26
CA GLN A 430 -6.50 -2.13 -56.48
C GLN A 430 -5.00 -2.39 -56.58
N GLU A 431 -4.32 -1.55 -57.35
CA GLU A 431 -2.87 -1.66 -57.54
C GLU A 431 -2.14 -1.47 -56.21
N VAL A 432 -2.58 -0.49 -55.43
CA VAL A 432 -1.99 -0.26 -54.12
C VAL A 432 -2.16 -1.49 -53.24
N VAL A 433 -3.40 -1.98 -53.19
CA VAL A 433 -3.82 -3.05 -52.30
C VAL A 433 -3.02 -4.30 -52.60
N THR A 434 -2.88 -4.64 -53.88
CA THR A 434 -2.22 -5.89 -54.26
C THR A 434 -0.79 -5.84 -53.80
N TRP A 435 -0.12 -4.72 -54.03
CA TRP A 435 1.29 -4.61 -53.64
C TRP A 435 1.47 -4.57 -52.11
N ALA A 436 0.65 -3.79 -51.41
CA ALA A 436 0.73 -3.64 -49.93
C ALA A 436 0.38 -4.94 -49.19
N GLY A 437 -0.69 -5.60 -49.64
CA GLY A 437 -1.14 -6.86 -49.03
C GLY A 437 -0.09 -7.96 -49.04
N ALA A 438 0.81 -7.93 -50.00
CA ALA A 438 1.86 -8.94 -50.17
C ALA A 438 3.03 -8.85 -49.19
N LEU A 439 3.30 -7.63 -48.70
CA LEU A 439 4.49 -7.35 -47.91
C LEU A 439 4.43 -7.89 -46.48
N PRO A 440 5.61 -8.27 -45.93
CA PRO A 440 5.73 -8.72 -44.54
C PRO A 440 5.01 -7.77 -43.58
N PHE A 441 4.33 -8.35 -42.59
CA PHE A 441 3.44 -7.58 -41.74
C PHE A 441 3.55 -8.10 -40.31
N PRO A 442 4.17 -7.32 -39.40
CA PRO A 442 4.29 -7.78 -38.03
C PRO A 442 2.95 -7.73 -37.35
N MET B 1 11.17 -6.09 -42.67
CA MET B 1 12.50 -5.99 -41.99
C MET B 1 12.38 -5.85 -40.46
N PHE B 2 11.73 -6.82 -39.82
CA PHE B 2 11.46 -6.79 -38.38
C PHE B 2 11.68 -8.14 -37.73
N ASN B 3 11.70 -8.16 -36.40
CA ASN B 3 11.78 -9.40 -35.62
C ASN B 3 10.42 -9.85 -35.03
N ASN B 4 9.88 -10.95 -35.54
CA ASN B 4 8.59 -11.45 -35.05
C ASN B 4 8.71 -12.59 -34.04
N GLU B 5 9.92 -12.91 -33.62
CA GLU B 5 10.17 -13.91 -32.58
C GLU B 5 9.41 -13.59 -31.30
N PRO B 6 8.75 -14.61 -30.68
CA PRO B 6 7.98 -14.31 -29.46
C PRO B 6 8.79 -13.71 -28.32
N LEU B 7 8.07 -12.99 -27.46
CA LEU B 7 8.64 -12.24 -26.34
C LEU B 7 9.63 -13.06 -25.51
N GLU B 8 9.25 -14.31 -25.24
CA GLU B 8 10.10 -15.23 -24.46
C GLU B 8 11.46 -15.45 -25.15
N GLN B 9 11.43 -15.71 -26.44
CA GLN B 9 12.66 -15.89 -27.21
C GLN B 9 13.39 -14.56 -27.39
N ILE B 10 12.66 -13.54 -27.85
CA ILE B 10 13.26 -12.23 -28.16
C ILE B 10 13.85 -11.52 -26.95
N ASP B 11 13.16 -11.57 -25.81
CA ASP B 11 13.65 -10.92 -24.60
C ASP B 11 13.36 -11.82 -23.42
N LYS B 12 14.24 -12.79 -23.19
CA LYS B 12 14.10 -13.72 -22.08
C LYS B 12 14.24 -12.98 -20.75
N GLU B 13 15.10 -11.98 -20.68
CA GLU B 13 15.26 -11.22 -19.42
C GLU B 13 13.93 -10.58 -18.92
N LEU B 14 13.21 -9.92 -19.83
CA LEU B 14 11.94 -9.25 -19.49
C LEU B 14 10.85 -10.27 -19.20
N HIS B 15 10.85 -11.36 -19.97
CA HIS B 15 9.82 -12.38 -19.84
C HIS B 15 9.86 -13.07 -18.50
N ASP B 16 11.06 -13.14 -17.90
CA ASP B 16 11.24 -13.74 -16.59
C ASP B 16 10.57 -12.91 -15.49
N ILE B 17 10.82 -11.59 -15.53
CA ILE B 17 10.26 -10.68 -14.53
C ILE B 17 8.72 -10.64 -14.63
N LEU B 18 8.19 -10.61 -15.84
CA LEU B 18 6.72 -10.60 -16.06
C LEU B 18 6.09 -11.90 -15.59
N ALA B 19 6.83 -12.99 -15.76
CA ALA B 19 6.36 -14.30 -15.29
C ALA B 19 6.38 -14.31 -13.75
N ASP B 20 7.36 -13.62 -13.17
CA ASP B 20 7.42 -13.45 -11.72
C ASP B 20 6.28 -12.57 -11.26
N GLU B 21 6.08 -11.43 -11.95
CA GLU B 21 4.99 -10.49 -11.67
C GLU B 21 3.65 -11.16 -11.69
N GLU B 22 3.44 -12.03 -12.67
CA GLU B 22 2.20 -12.76 -12.77
C GLU B 22 2.00 -13.66 -11.56
N LYS B 23 3.07 -14.33 -11.13
CA LYS B 23 3.04 -15.22 -9.97
C LYS B 23 2.77 -14.42 -8.66
N ARG B 24 3.46 -13.31 -8.44
CA ARG B 24 3.18 -12.43 -7.28
C ARG B 24 1.71 -11.93 -7.24
N GLN B 25 1.16 -11.49 -8.37
CA GLN B 25 -0.28 -11.08 -8.42
C GLN B 25 -1.20 -12.25 -8.06
N ARG B 26 -0.83 -13.42 -8.56
CA ARG B 26 -1.60 -14.64 -8.36
C ARG B 26 -1.63 -15.11 -6.91
N GLU B 27 -0.61 -14.78 -6.12
CA GLU B 27 -0.47 -15.31 -4.78
C GLU B 27 -0.51 -14.20 -3.74
N THR B 28 -1.10 -13.08 -4.10
CA THR B 28 -1.13 -11.92 -3.22
C THR B 28 -2.57 -11.65 -2.85
N ILE B 29 -2.78 -11.27 -1.58
CA ILE B 29 -4.09 -10.77 -1.15
C ILE B 29 -4.03 -9.25 -1.39
N ASN B 30 -4.63 -8.82 -2.48
CA ASN B 30 -4.52 -7.42 -2.95
C ASN B 30 -5.65 -6.58 -2.36
N LEU B 31 -5.29 -5.73 -1.41
CA LEU B 31 -6.25 -4.83 -0.78
C LEU B 31 -6.10 -3.39 -1.23
N ILE B 32 -5.38 -3.13 -2.32
CA ILE B 32 -5.20 -1.75 -2.79
C ILE B 32 -6.54 -1.25 -3.34
N ALA B 33 -7.02 -0.16 -2.81
CA ALA B 33 -8.42 0.27 -3.10
C ALA B 33 -8.57 0.66 -4.56
N SER B 34 -7.50 1.13 -5.17
CA SER B 34 -7.48 1.53 -6.60
C SER B 34 -7.13 0.41 -7.60
N GLU B 35 -6.82 -0.80 -7.14
CA GLU B 35 -6.39 -1.84 -8.08
C GLU B 35 -7.50 -2.81 -8.40
N ASN B 36 -7.35 -3.48 -9.53
CA ASN B 36 -8.31 -4.46 -9.99
C ASN B 36 -7.58 -5.36 -10.93
N LEU B 37 -8.27 -6.36 -11.48
CA LEU B 37 -7.64 -7.23 -12.47
C LEU B 37 -8.49 -7.22 -13.70
N THR B 38 -7.87 -6.91 -14.83
CA THR B 38 -8.57 -6.84 -16.12
C THR B 38 -8.69 -8.21 -16.69
N ASN B 39 -9.73 -8.46 -17.48
CA ASN B 39 -9.89 -9.76 -18.14
C ASN B 39 -9.04 -9.86 -19.42
N GLY B 40 -9.04 -11.04 -20.01
CA GLY B 40 -8.26 -11.31 -21.21
C GLY B 40 -8.71 -10.47 -22.39
N ALA B 41 -10.01 -10.22 -22.52
CA ALA B 41 -10.54 -9.39 -23.61
C ALA B 41 -10.05 -7.95 -23.56
N VAL B 42 -9.95 -7.38 -22.36
CA VAL B 42 -9.40 -6.03 -22.23
C VAL B 42 -7.90 -6.00 -22.59
N ARG B 43 -7.18 -7.05 -22.22
CA ARG B 43 -5.75 -7.13 -22.54
C ARG B 43 -5.44 -7.38 -24.03
N GLU B 44 -6.34 -8.04 -24.75
CA GLU B 44 -6.24 -8.23 -26.21
C GLU B 44 -6.35 -6.94 -26.97
N CYS B 45 -7.16 -6.03 -26.46
CA CYS B 45 -7.33 -4.73 -27.03
C CYS B 45 -6.07 -3.93 -26.82
N LEU B 46 -5.54 -4.02 -25.60
CA LEU B 46 -4.35 -3.29 -25.23
C LEU B 46 -3.16 -3.73 -26.08
N GLY B 47 -3.13 -5.01 -26.44
CA GLY B 47 -2.14 -5.53 -27.37
C GLY B 47 -2.48 -5.42 -28.86
N ASN B 48 -3.55 -4.71 -29.22
CA ASN B 48 -4.01 -4.68 -30.61
C ASN B 48 -3.20 -3.71 -31.44
N ARG B 49 -3.05 -4.02 -32.72
CA ARG B 49 -2.37 -3.10 -33.70
C ARG B 49 -3.08 -1.78 -33.92
N VAL B 50 -4.23 -1.59 -33.33
CA VAL B 50 -4.89 -0.30 -33.42
C VAL B 50 -4.05 0.87 -32.83
N SER B 51 -3.17 0.58 -31.87
CA SER B 51 -2.23 1.60 -31.32
C SER B 51 -1.19 2.11 -32.33
N ASN B 52 -1.03 1.44 -33.48
CA ASN B 52 -0.20 1.99 -34.59
C ASN B 52 -0.69 3.32 -35.21
N LYS B 53 -1.97 3.63 -35.06
CA LYS B 53 -2.53 4.76 -35.76
C LYS B 53 -2.50 6.09 -35.04
N TYR B 54 -2.05 7.11 -35.77
CA TYR B 54 -2.09 8.50 -35.35
C TYR B 54 -3.43 9.08 -35.80
N SER B 55 -4.24 9.55 -34.87
CA SER B 55 -5.54 10.12 -35.17
C SER B 55 -5.87 11.32 -34.31
N GLU B 56 -5.00 12.33 -34.33
CA GLU B 56 -5.26 13.59 -33.64
C GLU B 56 -6.58 14.24 -34.03
N GLY B 57 -7.23 14.87 -33.08
CA GLY B 57 -8.49 15.54 -33.31
C GLY B 57 -9.61 14.69 -32.78
N TYR B 58 -10.83 14.87 -33.31
CA TYR B 58 -11.99 14.08 -32.90
C TYR B 58 -12.59 13.39 -34.12
N PRO B 59 -13.52 12.42 -33.90
CA PRO B 59 -14.14 11.69 -35.02
C PRO B 59 -14.83 12.56 -36.07
N LYS B 60 -14.70 12.15 -37.33
CA LYS B 60 -15.23 12.92 -38.47
C LYS B 60 -14.55 14.30 -38.63
N LYS B 61 -13.51 14.57 -37.83
CA LYS B 61 -12.73 15.82 -37.92
C LYS B 61 -11.26 15.54 -37.63
N ARG B 62 -10.78 14.39 -38.09
CA ARG B 62 -9.41 13.97 -37.84
C ARG B 62 -8.53 14.82 -38.69
N TYR B 63 -7.31 15.05 -38.22
CA TYR B 63 -6.32 15.70 -39.05
C TYR B 63 -6.01 14.79 -40.20
N TYR B 64 -5.85 13.50 -39.92
CA TYR B 64 -5.56 12.52 -40.98
C TYR B 64 -6.76 11.69 -41.37
N GLY B 65 -6.70 11.10 -42.56
CA GLY B 65 -7.70 10.14 -43.02
C GLY B 65 -7.20 8.74 -42.72
N GLY B 66 -7.97 7.75 -43.16
CA GLY B 66 -7.63 6.35 -42.91
C GLY B 66 -7.92 6.04 -41.45
N ASN B 67 -8.86 6.80 -40.89
CA ASN B 67 -9.31 6.70 -39.53
C ASN B 67 -10.78 6.28 -39.49
N ASP B 68 -11.18 5.53 -40.50
CA ASP B 68 -12.54 5.08 -40.61
C ASP B 68 -12.85 4.11 -39.49
N PHE B 69 -12.02 3.08 -39.37
CA PHE B 69 -12.23 2.09 -38.32
C PHE B 69 -11.95 2.65 -36.92
N ILE B 70 -10.96 3.55 -36.82
CA ILE B 70 -10.69 4.28 -35.56
C ILE B 70 -11.85 5.14 -35.12
N ASP B 71 -12.45 5.86 -36.08
CA ASP B 71 -13.65 6.67 -35.74
C ASP B 71 -14.81 5.84 -35.20
N LYS B 72 -14.99 4.63 -35.71
CA LYS B 72 -16.08 3.77 -35.21
C LYS B 72 -15.82 3.35 -33.78
N ILE B 73 -14.58 2.91 -33.50
CA ILE B 73 -14.15 2.57 -32.16
C ILE B 73 -14.24 3.76 -31.23
N GLU B 74 -13.74 4.93 -31.63
CA GLU B 74 -13.88 6.09 -30.73
C GLU B 74 -15.31 6.47 -30.45
N GLU B 75 -16.21 6.30 -31.42
CA GLU B 75 -17.64 6.67 -31.22
C GLU B 75 -18.40 5.61 -30.46
N LEU B 76 -18.05 4.34 -30.72
CA LEU B 76 -18.59 3.22 -29.93
C LEU B 76 -18.27 3.32 -28.43
N CYS B 77 -17.12 3.91 -28.10
CA CYS B 77 -16.71 4.07 -26.71
C CYS B 77 -17.47 5.17 -26.03
N GLN B 78 -17.64 6.30 -26.72
CA GLN B 78 -18.32 7.48 -26.16
C GLN B 78 -19.79 7.15 -25.91
N LYS B 79 -20.41 6.48 -26.88
CA LYS B 79 -21.78 6.03 -26.76
C LYS B 79 -21.94 5.14 -25.51
N ARG B 80 -21.11 4.09 -25.44
CA ARG B 80 -21.14 3.13 -24.32
C ARG B 80 -20.88 3.78 -22.98
N ALA B 81 -20.05 4.82 -22.95
CA ALA B 81 -19.79 5.56 -21.72
C ALA B 81 -21.04 6.27 -21.23
N LEU B 82 -21.75 6.87 -22.17
CA LEU B 82 -22.96 7.61 -21.85
C LEU B 82 -24.08 6.63 -21.47
N GLU B 83 -24.19 5.53 -22.21
CA GLU B 83 -25.06 4.43 -21.82
C GLU B 83 -24.76 3.92 -20.40
N ALA B 84 -23.49 3.57 -20.14
CA ALA B 84 -23.11 2.96 -18.86
C ALA B 84 -23.42 3.86 -17.66
N PHE B 85 -23.21 5.16 -17.81
CA PHE B 85 -23.49 6.09 -16.71
C PHE B 85 -24.87 6.71 -16.77
N ASN B 86 -25.76 6.13 -17.60
CA ASN B 86 -27.16 6.51 -17.63
C ASN B 86 -27.36 7.99 -17.87
N VAL B 87 -26.87 8.46 -19.00
CA VAL B 87 -26.97 9.87 -19.37
C VAL B 87 -27.40 9.86 -20.82
N SER B 88 -28.25 10.83 -21.18
CA SER B 88 -28.76 10.92 -22.54
C SER B 88 -27.69 11.62 -23.36
N ASP B 89 -27.44 11.16 -24.59
CA ASP B 89 -26.41 11.77 -25.42
C ASP B 89 -26.74 13.20 -25.87
N GLU B 90 -27.99 13.63 -25.65
CA GLU B 90 -28.39 15.01 -25.95
C GLU B 90 -27.96 15.94 -24.82
N GLU B 91 -28.15 15.51 -23.57
CA GLU B 91 -27.75 16.31 -22.38
C GLU B 91 -26.26 16.25 -21.97
N TRP B 92 -25.65 15.09 -22.14
CA TRP B 92 -24.27 14.88 -21.68
C TRP B 92 -23.32 14.53 -22.80
N GLY B 93 -22.13 15.09 -22.72
CA GLY B 93 -21.03 14.70 -23.60
C GLY B 93 -19.89 14.04 -22.83
N VAL B 94 -19.09 13.27 -23.54
CA VAL B 94 -17.94 12.64 -22.97
C VAL B 94 -16.74 12.68 -23.91
N ASN B 95 -15.56 13.00 -23.35
CA ASN B 95 -14.25 12.89 -24.05
C ASN B 95 -13.49 11.62 -23.55
N VAL B 96 -13.08 10.77 -24.48
CA VAL B 96 -12.44 9.49 -24.15
C VAL B 96 -10.92 9.47 -24.44
N GLN B 97 -10.31 10.61 -24.73
CA GLN B 97 -8.89 10.63 -25.07
C GLN B 97 -7.92 10.78 -23.88
N PRO B 98 -8.37 11.25 -22.69
CA PRO B 98 -7.37 11.38 -21.62
C PRO B 98 -6.66 10.08 -21.29
N LEU B 99 -5.34 10.15 -21.19
CA LEU B 99 -4.53 8.94 -21.04
C LEU B 99 -4.63 8.32 -19.64
N SER B 100 -4.90 9.13 -18.64
CA SER B 100 -5.07 8.68 -17.26
C SER B 100 -5.80 9.76 -16.42
N GLY B 101 -6.14 9.37 -15.19
CA GLY B 101 -6.90 10.22 -14.30
C GLY B 101 -6.37 11.59 -14.02
N SER B 102 -5.07 11.67 -13.85
CA SER B 102 -4.47 12.94 -13.46
C SER B 102 -4.49 13.88 -14.67
N ALA B 103 -4.26 13.34 -15.86
CA ALA B 103 -4.30 14.13 -17.09
C ALA B 103 -5.73 14.69 -17.35
N ALA B 104 -6.75 13.85 -17.23
CA ALA B 104 -8.15 14.22 -17.32
C ALA B 104 -8.58 15.34 -16.40
N ASN B 105 -8.22 15.24 -15.12
CA ASN B 105 -8.56 16.29 -14.15
C ASN B 105 -7.90 17.65 -14.44
N VAL B 106 -6.62 17.65 -14.81
CA VAL B 106 -5.90 18.89 -15.12
C VAL B 106 -6.53 19.58 -16.34
N GLN B 107 -6.83 18.77 -17.34
CA GLN B 107 -7.45 19.17 -18.58
C GLN B 107 -8.83 19.78 -18.36
N ALA B 108 -9.65 19.12 -17.56
CA ALA B 108 -11.00 19.60 -17.28
C ALA B 108 -10.91 20.91 -16.52
N LEU B 109 -10.03 20.97 -15.54
CA LEU B 109 -9.92 22.16 -14.71
C LEU B 109 -9.46 23.34 -15.56
N TYR B 110 -8.52 23.10 -16.46
CA TYR B 110 -8.05 24.14 -17.34
C TYR B 110 -9.19 24.68 -18.24
N ALA B 111 -9.93 23.75 -18.85
CA ALA B 111 -11.09 24.07 -19.64
C ALA B 111 -12.05 25.00 -18.90
N LEU B 112 -12.31 24.70 -17.63
CA LEU B 112 -13.28 25.46 -16.84
C LEU B 112 -12.79 26.83 -16.40
N VAL B 113 -11.55 26.91 -15.92
CA VAL B 113 -11.03 28.11 -15.28
C VAL B 113 -9.78 28.75 -15.88
N GLY B 114 -9.00 28.01 -16.67
CA GLY B 114 -7.79 28.55 -17.26
C GLY B 114 -6.64 28.76 -16.27
N VAL B 115 -5.51 29.24 -16.78
CA VAL B 115 -4.34 29.54 -15.98
C VAL B 115 -4.71 30.67 -15.03
N LYS B 116 -4.15 30.61 -13.81
CA LYS B 116 -4.46 31.50 -12.69
C LYS B 116 -5.88 31.34 -12.15
N GLY B 117 -6.66 30.40 -12.71
CA GLY B 117 -8.04 30.17 -12.28
C GLY B 117 -8.13 29.68 -10.84
N LYS B 118 -9.27 29.89 -10.20
CA LYS B 118 -9.44 29.56 -8.79
C LYS B 118 -10.21 28.24 -8.62
N ILE B 119 -9.63 27.32 -7.85
CA ILE B 119 -10.26 26.01 -7.57
C ILE B 119 -10.25 25.65 -6.08
N MET B 120 -11.20 24.83 -5.69
CA MET B 120 -11.26 24.29 -4.35
C MET B 120 -11.38 22.80 -4.49
N GLY B 121 -10.71 22.12 -3.58
CA GLY B 121 -10.77 20.67 -3.46
C GLY B 121 -10.43 20.22 -2.05
N MET B 122 -10.66 18.95 -1.77
CA MET B 122 -10.33 18.39 -0.47
C MET B 122 -8.82 18.23 -0.35
N HIS B 123 -8.31 18.48 0.86
CA HIS B 123 -6.89 18.33 1.18
C HIS B 123 -6.49 16.88 0.97
N LEU B 124 -5.26 16.66 0.54
CA LEU B 124 -4.70 15.31 0.31
C LEU B 124 -4.75 14.47 1.58
N CYS B 125 -4.28 15.06 2.67
CA CYS B 125 -4.39 14.52 4.05
C CYS B 125 -5.77 14.01 4.45
N SER B 126 -6.83 14.66 3.96
CA SER B 126 -8.18 14.27 4.32
C SER B 126 -8.85 13.27 3.37
N GLY B 127 -8.19 12.92 2.26
CA GLY B 127 -8.80 12.03 1.25
C GLY B 127 -8.85 12.56 -0.16
N GLY B 128 -8.43 13.81 -0.36
CA GLY B 128 -8.45 14.41 -1.68
C GLY B 128 -7.31 13.93 -2.55
N HIS B 129 -7.48 14.07 -3.87
CA HIS B 129 -6.39 13.70 -4.79
C HIS B 129 -5.39 14.81 -4.95
N LEU B 130 -4.23 14.43 -5.45
CA LEU B 130 -3.18 15.39 -5.81
C LEU B 130 -3.67 16.42 -6.86
N THR B 131 -4.51 15.96 -7.79
CA THR B 131 -5.06 16.80 -8.87
C THR B 131 -6.26 17.66 -8.45
N HIS B 132 -6.56 17.67 -7.14
CA HIS B 132 -7.59 18.52 -6.55
C HIS B 132 -6.98 19.76 -5.89
N GLY B 133 -5.87 20.23 -6.39
CA GLY B 133 -5.25 21.44 -5.86
C GLY B 133 -4.17 21.27 -4.81
N PHE B 134 -3.67 20.06 -4.59
CA PHE B 134 -2.84 19.81 -3.43
C PHE B 134 -1.51 20.52 -3.49
N PHE B 135 -1.21 21.23 -2.40
CA PHE B 135 0.10 21.82 -2.18
C PHE B 135 0.53 21.70 -0.72
N ASP B 136 1.78 22.10 -0.46
CA ASP B 136 2.37 22.16 0.88
C ASP B 136 3.05 23.52 1.08
N GLU B 137 3.30 23.86 2.34
CA GLU B 137 4.06 25.09 2.66
C GLU B 137 5.36 25.21 1.88
N LYS B 138 6.12 24.12 1.89
CA LYS B 138 7.42 24.04 1.20
C LYS B 138 7.34 24.07 -0.33
N LYS B 139 6.28 23.50 -0.91
CA LYS B 139 6.17 23.39 -2.37
C LYS B 139 4.74 23.22 -2.88
N LYS B 140 4.50 23.76 -4.08
CA LYS B 140 3.27 23.48 -4.84
C LYS B 140 3.46 22.13 -5.48
N VAL B 141 3.02 21.09 -4.79
CA VAL B 141 3.25 19.70 -5.16
C VAL B 141 2.57 19.32 -6.48
N SER B 142 1.35 19.76 -6.68
CA SER B 142 0.64 19.45 -7.90
C SER B 142 0.70 20.68 -8.79
N ILE B 143 0.65 20.44 -10.11
CA ILE B 143 0.45 21.52 -11.06
C ILE B 143 -0.89 22.22 -10.76
N THR B 144 -1.86 21.47 -10.28
CA THR B 144 -3.15 22.04 -9.94
C THR B 144 -3.02 23.13 -8.87
N SER B 145 -2.05 23.02 -7.98
CA SER B 145 -1.80 24.12 -7.04
C SER B 145 -0.99 25.27 -7.63
N ASP B 146 -0.19 24.96 -8.66
CA ASP B 146 0.70 25.93 -9.30
C ASP B 146 0.13 26.68 -10.51
N MET B 147 -0.52 25.97 -11.41
CA MET B 147 -1.08 26.60 -12.58
C MET B 147 -2.44 27.23 -12.29
N PHE B 148 -3.05 26.82 -11.18
CA PHE B 148 -4.30 27.34 -10.69
C PHE B 148 -3.97 27.91 -9.34
N GLU B 149 -4.89 28.71 -8.82
CA GLU B 149 -4.82 29.16 -7.43
C GLU B 149 -5.81 28.27 -6.70
N SER B 150 -5.32 27.46 -5.76
CA SER B 150 -6.20 26.51 -5.08
C SER B 150 -6.30 26.76 -3.58
N LYS B 151 -7.45 26.36 -3.05
CA LYS B 151 -7.74 26.43 -1.63
C LYS B 151 -8.15 25.01 -1.21
N LEU B 152 -7.79 24.61 -0.01
CA LEU B 152 -8.01 23.21 0.42
C LEU B 152 -8.85 23.14 1.67
N TYR B 153 -9.88 22.30 1.63
CA TYR B 153 -10.77 22.11 2.77
C TYR B 153 -10.53 20.75 3.40
N LYS B 154 -10.65 20.73 4.73
CA LYS B 154 -10.41 19.51 5.50
C LYS B 154 -11.72 18.90 5.96
N CYS B 155 -11.66 17.61 6.26
CA CYS B 155 -12.76 16.91 6.89
C CYS B 155 -12.64 17.15 8.38
N ASN B 156 -13.75 17.03 9.11
CA ASN B 156 -13.76 17.17 10.59
C ASN B 156 -12.95 16.11 11.34
N SER B 157 -12.87 16.24 12.67
CA SER B 157 -12.10 15.29 13.49
C SER B 157 -12.69 13.86 13.53
N GLN B 158 -13.96 13.70 13.11
CA GLN B 158 -14.54 12.36 12.88
C GLN B 158 -14.28 11.79 11.49
N GLY B 159 -13.57 12.54 10.65
CA GLY B 159 -13.26 12.11 9.28
C GLY B 159 -14.38 12.27 8.23
N TYR B 160 -15.26 13.24 8.45
CA TYR B 160 -16.41 13.51 7.56
C TYR B 160 -16.20 14.87 6.92
N VAL B 161 -16.64 15.02 5.66
CA VAL B 161 -16.61 16.32 4.97
C VAL B 161 -17.45 17.33 5.78
N ASP B 162 -16.88 18.48 6.08
CA ASP B 162 -17.56 19.53 6.84
C ASP B 162 -18.06 20.60 5.89
N LEU B 163 -19.32 20.49 5.49
CA LEU B 163 -19.90 21.40 4.49
C LEU B 163 -19.94 22.87 4.92
N ASP B 164 -20.03 23.13 6.22
CA ASP B 164 -19.98 24.50 6.73
C ASP B 164 -18.63 25.13 6.39
N ALA B 165 -17.57 24.36 6.54
CA ALA B 165 -16.23 24.80 6.22
C ALA B 165 -16.06 25.03 4.73
N VAL B 166 -16.69 24.19 3.91
CA VAL B 166 -16.68 24.36 2.45
C VAL B 166 -17.29 25.73 2.07
N ARG B 167 -18.47 26.02 2.64
CA ARG B 167 -19.15 27.30 2.42
C ARG B 167 -18.38 28.47 3.05
N GLU B 168 -17.87 28.29 4.26
CA GLU B 168 -17.03 29.30 4.91
C GLU B 168 -15.90 29.68 3.97
N MET B 169 -15.29 28.68 3.34
CA MET B 169 -14.22 28.88 2.37
C MET B 169 -14.75 29.46 1.05
N ALA B 170 -15.75 28.83 0.47
CA ALA B 170 -16.24 29.26 -0.85
C ALA B 170 -16.64 30.77 -0.95
N LEU B 171 -17.28 31.31 0.09
CA LEU B 171 -17.70 32.71 0.10
C LEU B 171 -16.51 33.68 0.17
N SER B 172 -15.49 33.35 0.96
CA SER B 172 -14.28 34.17 1.02
C SER B 172 -13.35 33.97 -0.20
N PHE B 173 -13.17 32.71 -0.61
CA PHE B 173 -12.27 32.37 -1.71
C PHE B 173 -12.85 32.67 -3.09
N LYS B 174 -14.15 32.41 -3.27
CA LYS B 174 -14.86 32.70 -4.50
C LYS B 174 -14.26 31.91 -5.67
N PRO B 175 -14.26 30.56 -5.58
CA PRO B 175 -13.65 29.84 -6.68
C PRO B 175 -14.56 29.71 -7.87
N LYS B 176 -13.97 29.47 -9.03
CA LYS B 176 -14.73 29.12 -10.23
C LYS B 176 -15.13 27.66 -10.27
N VAL B 177 -14.42 26.79 -9.54
CA VAL B 177 -14.75 25.35 -9.50
C VAL B 177 -14.53 24.76 -8.10
N ILE B 178 -15.38 23.80 -7.74
CA ILE B 178 -15.27 23.11 -6.48
C ILE B 178 -15.29 21.64 -6.78
N ILE B 179 -14.23 20.95 -6.34
CA ILE B 179 -14.09 19.52 -6.59
C ILE B 179 -14.60 18.72 -5.39
N CYS B 180 -15.33 17.66 -5.70
CA CYS B 180 -15.70 16.67 -4.72
C CYS B 180 -15.56 15.33 -5.40
N GLY B 181 -15.65 14.26 -4.60
CA GLY B 181 -15.27 12.90 -5.04
C GLY B 181 -13.80 12.76 -4.69
N TYR B 182 -13.42 11.64 -4.05
CA TYR B 182 -12.10 11.58 -3.40
C TYR B 182 -11.31 10.30 -3.59
N THR B 183 -10.05 10.36 -3.20
CA THR B 183 -9.15 9.21 -3.40
C THR B 183 -9.28 8.21 -2.26
N SER B 184 -9.34 8.71 -1.03
CA SER B 184 -9.53 7.83 0.13
C SER B 184 -10.57 8.40 1.08
N TYR B 185 -11.82 8.28 0.68
CA TYR B 185 -12.95 8.71 1.47
C TYR B 185 -13.89 7.53 1.51
N PRO B 186 -14.14 7.00 2.73
CA PRO B 186 -14.95 5.80 2.90
C PRO B 186 -16.47 6.02 2.98
N ARG B 187 -16.93 7.28 2.87
CA ARG B 187 -18.39 7.58 2.84
C ARG B 187 -18.92 8.24 1.54
N ASP B 188 -20.24 8.20 1.37
CA ASP B 188 -20.88 8.76 0.19
C ASP B 188 -20.88 10.28 0.27
N ILE B 189 -21.18 10.90 -0.86
CA ILE B 189 -21.16 12.35 -1.01
C ILE B 189 -22.54 12.96 -1.19
N ASP B 190 -22.75 14.10 -0.53
CA ASP B 190 -23.96 14.89 -0.76
C ASP B 190 -23.66 15.88 -1.89
N TYR B 191 -23.79 15.38 -3.12
CA TYR B 191 -23.54 16.20 -4.30
C TYR B 191 -24.52 17.36 -4.34
N GLN B 192 -25.78 17.07 -3.97
CA GLN B 192 -26.80 18.10 -3.84
C GLN B 192 -26.34 19.26 -2.99
N GLN B 193 -25.79 18.97 -1.82
CA GLN B 193 -25.36 20.06 -0.95
C GLN B 193 -24.20 20.80 -1.57
N PHE B 194 -23.40 20.12 -2.39
CA PHE B 194 -22.33 20.81 -3.11
C PHE B 194 -22.86 21.83 -4.11
N ARG B 195 -23.84 21.42 -4.91
CA ARG B 195 -24.52 22.30 -5.89
C ARG B 195 -25.06 23.58 -5.25
N GLN B 196 -25.70 23.42 -4.11
CA GLN B 196 -26.21 24.54 -3.32
C GLN B 196 -25.10 25.55 -3.01
N ILE B 197 -23.93 25.06 -2.58
CA ILE B 197 -22.79 25.95 -2.32
C ILE B 197 -22.23 26.51 -3.64
N CYS B 198 -22.13 25.66 -4.65
CA CYS B 198 -21.60 26.10 -5.95
C CYS B 198 -22.46 27.21 -6.59
N ASP B 199 -23.78 27.01 -6.65
CA ASP B 199 -24.75 28.04 -7.10
C ASP B 199 -24.65 29.37 -6.33
N GLU B 200 -24.36 29.29 -5.05
CA GLU B 200 -24.23 30.47 -4.18
C GLU B 200 -23.07 31.35 -4.61
N VAL B 201 -22.01 30.74 -5.12
CA VAL B 201 -20.81 31.47 -5.53
C VAL B 201 -20.59 31.46 -7.04
N ASN B 202 -21.56 30.93 -7.78
CA ASN B 202 -21.50 30.85 -9.25
C ASN B 202 -20.26 30.08 -9.74
N ALA B 203 -19.93 29.03 -9.00
CA ALA B 203 -18.78 28.16 -9.31
C ALA B 203 -19.28 26.88 -9.95
N TYR B 204 -18.44 26.25 -10.77
CA TYR B 204 -18.76 24.93 -11.32
C TYR B 204 -18.65 23.80 -10.27
N LEU B 205 -19.41 22.71 -10.52
CA LEU B 205 -19.37 21.50 -9.68
C LEU B 205 -18.68 20.36 -10.42
N PHE B 206 -17.54 19.96 -9.87
CA PHE B 206 -16.67 18.95 -10.43
C PHE B 206 -16.72 17.75 -9.50
N ALA B 207 -17.18 16.62 -10.02
CA ALA B 207 -17.23 15.41 -9.27
C ALA B 207 -16.25 14.38 -9.83
N ASP B 208 -15.24 14.02 -9.05
CA ASP B 208 -14.25 12.99 -9.46
C ASP B 208 -14.65 11.73 -8.79
N ILE B 209 -15.25 10.82 -9.55
CA ILE B 209 -15.82 9.56 -9.05
C ILE B 209 -14.97 8.29 -9.38
N SER B 210 -13.68 8.48 -9.68
CA SER B 210 -12.77 7.38 -10.07
C SER B 210 -12.78 6.17 -9.15
N HIS B 211 -12.73 6.40 -7.84
CA HIS B 211 -12.85 5.31 -6.86
C HIS B 211 -14.23 4.63 -6.76
N ILE B 212 -15.28 5.40 -7.02
CA ILE B 212 -16.65 4.91 -6.79
C ILE B 212 -17.43 4.73 -8.07
N SER B 213 -16.72 4.65 -9.19
CA SER B 213 -17.37 4.76 -10.51
C SER B 213 -18.46 3.73 -10.69
N SER B 214 -18.15 2.48 -10.46
CA SER B 214 -19.10 1.39 -10.61
C SER B 214 -20.37 1.59 -9.78
N PHE B 215 -20.24 2.20 -8.61
CA PHE B 215 -21.38 2.42 -7.75
C PHE B 215 -22.31 3.40 -8.41
N VAL B 216 -21.73 4.47 -8.94
CA VAL B 216 -22.49 5.54 -9.62
C VAL B 216 -23.20 4.97 -10.84
N ALA B 217 -22.49 4.21 -11.64
CA ALA B 217 -23.05 3.62 -12.84
C ALA B 217 -24.20 2.66 -12.56
N CYS B 218 -24.02 1.82 -11.55
CA CYS B 218 -25.01 0.80 -11.21
C CYS B 218 -26.03 1.26 -10.16
N ASN B 219 -26.09 2.57 -9.89
CA ASN B 219 -27.13 3.18 -9.03
C ASN B 219 -27.23 2.63 -7.60
N ILE B 220 -26.06 2.28 -7.04
CA ILE B 220 -25.94 1.82 -5.65
C ILE B 220 -25.63 3.00 -4.74
N LEU B 221 -24.99 4.04 -5.28
CA LEU B 221 -24.67 5.24 -4.51
C LEU B 221 -25.22 6.49 -5.17
N ASN B 222 -25.16 7.62 -4.48
CA ASN B 222 -25.57 8.92 -5.01
C ASN B 222 -25.06 9.22 -6.42
N ASN B 223 -25.96 9.71 -7.28
CA ASN B 223 -25.63 9.93 -8.70
C ASN B 223 -25.26 11.38 -8.83
N PRO B 224 -23.98 11.66 -9.13
CA PRO B 224 -23.56 13.04 -9.17
C PRO B 224 -24.05 13.76 -10.44
N PHE B 225 -24.45 13.01 -11.46
CA PHE B 225 -24.89 13.58 -12.73
C PHE B 225 -26.08 14.54 -12.54
N LEU B 226 -26.93 14.29 -11.57
CA LEU B 226 -28.09 15.14 -11.32
C LEU B 226 -27.70 16.59 -10.94
N HIS B 227 -26.54 16.77 -10.33
CA HIS B 227 -26.10 18.09 -9.88
C HIS B 227 -24.83 18.64 -10.53
N ALA B 228 -23.97 17.80 -11.12
CA ALA B 228 -22.63 18.24 -11.54
C ALA B 228 -22.50 18.79 -12.96
N ASP B 229 -21.68 19.82 -13.11
CA ASP B 229 -21.33 20.33 -14.43
C ASP B 229 -20.33 19.42 -15.09
N VAL B 230 -19.37 18.91 -14.30
CA VAL B 230 -18.37 17.96 -14.84
C VAL B 230 -18.15 16.71 -13.99
N VAL B 231 -18.03 15.56 -14.65
CA VAL B 231 -17.69 14.33 -13.95
C VAL B 231 -16.47 13.72 -14.61
N THR B 232 -15.42 13.49 -13.82
CA THR B 232 -14.21 12.75 -14.33
C THR B 232 -14.09 11.41 -13.65
N THR B 233 -13.63 10.42 -14.40
CA THR B 233 -13.34 9.12 -13.82
C THR B 233 -12.24 8.37 -14.56
N THR B 234 -11.43 7.64 -13.79
CA THR B 234 -10.47 6.71 -14.36
C THR B 234 -11.23 5.46 -14.73
N THR B 235 -10.65 4.61 -15.55
CA THR B 235 -11.31 3.36 -15.97
C THR B 235 -10.70 2.06 -15.39
N HIS B 236 -9.60 2.18 -14.64
CA HIS B 236 -8.74 1.02 -14.24
C HIS B 236 -9.02 0.47 -12.86
N LYS B 237 -9.84 1.19 -12.08
CA LYS B 237 -10.08 0.81 -10.70
C LYS B 237 -11.34 -0.06 -10.62
N ILE B 238 -12.33 0.37 -9.81
CA ILE B 238 -13.54 -0.42 -9.56
C ILE B 238 -14.26 -0.76 -10.87
N LEU B 239 -14.20 0.14 -11.85
CA LEU B 239 -14.77 -0.11 -13.18
C LEU B 239 -14.09 -1.25 -13.91
N ARG B 240 -12.85 -1.55 -13.56
CA ARG B 240 -12.14 -2.74 -14.04
C ARG B 240 -11.69 -2.67 -15.51
N GLY B 241 -11.45 -1.47 -16.03
CA GLY B 241 -11.00 -1.32 -17.42
C GLY B 241 -9.50 -1.13 -17.49
N PRO B 242 -9.01 -0.64 -18.63
CA PRO B 242 -7.58 -0.35 -18.74
C PRO B 242 -7.25 0.93 -18.01
N ARG B 243 -6.00 1.34 -18.11
CA ARG B 243 -5.61 2.56 -17.48
C ARG B 243 -5.97 3.70 -18.43
N SER B 244 -7.06 4.40 -18.10
CA SER B 244 -7.50 5.53 -18.88
C SER B 244 -8.42 6.38 -18.06
N ALA B 245 -8.87 7.48 -18.63
CA ALA B 245 -9.84 8.31 -17.98
C ALA B 245 -10.91 8.82 -18.95
N LEU B 246 -12.06 9.16 -18.37
CA LEU B 246 -13.24 9.69 -19.07
C LEU B 246 -13.54 11.05 -18.47
N ILE B 247 -13.92 12.02 -19.31
CA ILE B 247 -14.42 13.31 -18.84
C ILE B 247 -15.84 13.52 -19.37
N PHE B 248 -16.78 13.63 -18.43
CA PHE B 248 -18.17 13.96 -18.69
C PHE B 248 -18.46 15.45 -18.48
N PHE B 249 -19.20 16.05 -19.40
CA PHE B 249 -19.60 17.45 -19.29
C PHE B 249 -21.08 17.59 -19.60
N ASN B 250 -21.73 18.50 -18.90
CA ASN B 250 -23.18 18.69 -19.00
C ASN B 250 -23.50 19.82 -20.00
N LYS B 251 -23.98 19.46 -21.18
CA LYS B 251 -24.28 20.44 -22.23
C LYS B 251 -25.42 21.41 -21.85
N LYS B 252 -26.50 20.90 -21.26
CA LYS B 252 -27.67 21.72 -20.89
C LYS B 252 -27.42 22.80 -19.86
N ARG B 253 -26.69 22.44 -18.82
CA ARG B 253 -26.32 23.40 -17.78
C ARG B 253 -25.32 24.45 -18.33
N ASN B 254 -24.46 24.03 -19.26
CA ASN B 254 -23.40 24.89 -19.82
C ASN B 254 -23.17 24.64 -21.31
N PRO B 255 -24.01 25.24 -22.19
CA PRO B 255 -23.74 24.99 -23.60
C PRO B 255 -22.41 25.63 -24.03
N GLY B 256 -21.76 25.00 -24.99
CA GLY B 256 -20.40 25.39 -25.39
C GLY B 256 -19.25 24.91 -24.48
N ILE B 257 -19.57 24.11 -23.47
CA ILE B 257 -18.58 23.44 -22.65
C ILE B 257 -17.93 22.31 -23.43
N GLU B 258 -18.68 21.73 -24.37
CA GLU B 258 -18.19 20.63 -25.17
C GLU B 258 -16.92 20.93 -25.91
N GLN B 259 -16.90 22.09 -26.56
CA GLN B 259 -15.74 22.51 -27.34
C GLN B 259 -14.57 22.83 -26.38
N LYS B 260 -14.89 23.50 -25.28
CA LYS B 260 -13.94 23.87 -24.22
C LYS B 260 -13.15 22.68 -23.62
N ILE B 261 -13.89 21.63 -23.29
CA ILE B 261 -13.33 20.37 -22.81
C ILE B 261 -12.56 19.64 -23.92
N ASN B 262 -13.16 19.56 -25.09
CA ASN B 262 -12.55 18.86 -26.18
C ASN B 262 -11.27 19.54 -26.66
N SER B 263 -11.22 20.88 -26.60
CA SER B 263 -10.04 21.59 -27.07
C SER B 263 -8.93 21.47 -26.04
N ALA B 264 -9.31 21.44 -24.76
CA ALA B 264 -8.42 21.21 -23.63
C ALA B 264 -7.67 19.89 -23.71
N VAL B 265 -8.37 18.83 -24.04
CA VAL B 265 -7.73 17.52 -24.19
C VAL B 265 -6.82 17.51 -25.42
N PHE B 266 -7.31 18.03 -26.54
CA PHE B 266 -6.49 18.27 -27.71
C PHE B 266 -7.03 19.50 -28.42
N PRO B 267 -6.18 20.42 -28.84
CA PRO B 267 -4.71 20.28 -28.85
C PRO B 267 -4.01 20.98 -27.70
N SER B 268 -4.77 21.42 -26.71
CA SER B 268 -4.17 22.12 -25.60
C SER B 268 -3.13 21.27 -24.81
N PHE B 269 -3.41 19.99 -24.52
CA PHE B 269 -2.59 19.13 -23.63
C PHE B 269 -2.00 17.90 -24.30
N GLN B 270 -2.82 17.10 -24.96
CA GLN B 270 -2.36 15.84 -25.55
C GLN B 270 -2.16 16.02 -27.03
N GLY B 271 -1.54 15.02 -27.64
CA GLY B 271 -1.42 14.87 -29.07
C GLY B 271 -2.26 13.67 -29.49
N GLY B 272 -1.62 12.69 -30.10
CA GLY B 272 -2.33 11.54 -30.62
C GLY B 272 -2.95 10.68 -29.54
N PRO B 273 -4.25 10.31 -29.68
CA PRO B 273 -4.83 9.41 -28.69
C PRO B 273 -4.25 8.02 -28.78
N HIS B 274 -4.41 7.26 -27.70
CA HIS B 274 -3.90 5.92 -27.69
C HIS B 274 -5.07 5.01 -27.98
N ASN B 275 -5.16 4.56 -29.23
CA ASN B 275 -6.36 3.87 -29.68
C ASN B 275 -6.63 2.56 -29.04
N ASN B 276 -5.57 1.81 -28.71
CA ASN B 276 -5.69 0.58 -27.91
C ASN B 276 -6.38 0.80 -26.55
N LYS B 277 -6.11 1.93 -25.91
CA LYS B 277 -6.84 2.32 -24.68
C LYS B 277 -8.34 2.45 -24.94
N ILE B 278 -8.69 3.21 -25.96
CA ILE B 278 -10.07 3.45 -26.31
C ILE B 278 -10.79 2.15 -26.68
N ALA B 279 -10.15 1.33 -27.51
CA ALA B 279 -10.64 -0.02 -27.79
C ALA B 279 -10.84 -0.80 -26.49
N ALA B 280 -9.83 -0.75 -25.61
CA ALA B 280 -9.91 -1.46 -24.34
C ALA B 280 -11.05 -0.93 -23.49
N VAL B 281 -11.22 0.37 -23.47
CA VAL B 281 -12.28 0.97 -22.69
C VAL B 281 -13.64 0.57 -23.24
N ALA B 282 -13.79 0.62 -24.57
CA ALA B 282 -15.05 0.18 -25.20
C ALA B 282 -15.43 -1.23 -24.76
N CYS B 283 -14.45 -2.12 -24.71
CA CYS B 283 -14.69 -3.49 -24.28
C CYS B 283 -15.16 -3.60 -22.82
N GLN B 284 -14.55 -2.86 -21.92
CA GLN B 284 -15.02 -2.89 -20.55
C GLN B 284 -16.40 -2.21 -20.35
N LEU B 285 -16.65 -1.14 -21.09
CA LEU B 285 -17.92 -0.41 -21.00
C LEU B 285 -19.14 -1.24 -21.40
N LYS B 286 -18.95 -2.22 -22.27
CA LYS B 286 -20.03 -3.11 -22.60
C LYS B 286 -20.34 -3.94 -21.39
N GLU B 287 -19.30 -4.50 -20.78
CA GLU B 287 -19.44 -5.28 -19.56
C GLU B 287 -20.03 -4.45 -18.41
N VAL B 288 -19.65 -3.18 -18.31
CA VAL B 288 -20.22 -2.36 -17.24
C VAL B 288 -21.74 -2.36 -17.29
N HIS B 289 -22.30 -2.33 -18.50
CA HIS B 289 -23.75 -2.19 -18.65
C HIS B 289 -24.61 -3.44 -18.36
N SER B 290 -24.02 -4.63 -18.42
CA SER B 290 -24.73 -5.86 -18.11
C SER B 290 -25.16 -5.96 -16.65
N PRO B 291 -26.24 -6.73 -16.37
CA PRO B 291 -26.67 -6.93 -14.99
C PRO B 291 -25.74 -7.86 -14.17
N ALA B 292 -24.91 -8.65 -14.86
CA ALA B 292 -23.84 -9.44 -14.22
C ALA B 292 -22.77 -8.59 -13.51
N PHE B 293 -22.52 -7.39 -14.04
CA PHE B 293 -21.54 -6.48 -13.47
C PHE B 293 -22.11 -5.77 -12.28
N LYS B 294 -23.42 -5.52 -12.31
CA LYS B 294 -24.13 -4.99 -11.15
C LYS B 294 -23.99 -5.98 -9.99
N GLU B 295 -24.17 -7.27 -10.30
CA GLU B 295 -23.98 -8.38 -9.33
C GLU B 295 -22.58 -8.28 -8.67
N TYR B 296 -21.55 -8.09 -9.50
CA TYR B 296 -20.18 -7.93 -9.03
C TYR B 296 -20.02 -6.68 -8.19
N THR B 297 -20.57 -5.56 -8.65
CA THR B 297 -20.44 -4.29 -7.92
C THR B 297 -21.11 -4.40 -6.56
N GLN B 298 -22.26 -5.06 -6.53
CA GLN B 298 -22.99 -5.29 -5.28
C GLN B 298 -22.13 -6.12 -4.37
N GLN B 299 -21.50 -7.16 -4.93
CA GLN B 299 -20.62 -8.03 -4.15
C GLN B 299 -19.45 -7.27 -3.49
N VAL B 300 -18.95 -6.23 -4.17
CA VAL B 300 -17.83 -5.41 -3.68
C VAL B 300 -18.25 -4.68 -2.41
N LEU B 301 -19.48 -4.20 -2.38
CA LEU B 301 -19.97 -3.46 -1.22
C LEU B 301 -20.28 -4.40 -0.08
N LEU B 302 -20.84 -5.57 -0.39
CA LEU B 302 -21.09 -6.64 0.61
C LEU B 302 -19.78 -7.04 1.28
N ASN B 303 -18.74 -7.34 0.48
CA ASN B 303 -17.40 -7.71 1.02
C ASN B 303 -16.81 -6.60 1.86
N SER B 304 -17.02 -5.35 1.41
CA SER B 304 -16.51 -4.20 2.15
C SER B 304 -17.21 -4.00 3.47
N LYS B 305 -18.51 -4.24 3.50
CA LYS B 305 -19.30 -4.16 4.74
C LYS B 305 -18.82 -5.23 5.72
N ALA B 306 -18.85 -6.46 5.23
CA ALA B 306 -18.38 -7.61 6.00
C ALA B 306 -16.95 -7.41 6.50
N LEU B 307 -16.07 -6.81 5.67
CA LEU B 307 -14.68 -6.58 6.10
C LEU B 307 -14.58 -5.56 7.23
N ALA B 308 -15.37 -4.49 7.15
CA ALA B 308 -15.34 -3.44 8.19
C ALA B 308 -15.84 -3.97 9.52
N LYS B 309 -16.95 -4.73 9.45
CA LYS B 309 -17.56 -5.41 10.59
C LYS B 309 -16.64 -6.43 11.23
N ALA B 310 -16.01 -7.28 10.43
CA ALA B 310 -15.04 -8.26 10.96
C ALA B 310 -13.82 -7.55 11.61
N LEU B 311 -13.45 -6.38 11.13
CA LEU B 311 -12.32 -5.64 11.72
C LEU B 311 -12.71 -4.93 13.02
N ILE B 312 -13.95 -4.45 13.08
CA ILE B 312 -14.45 -3.87 14.32
C ILE B 312 -14.60 -4.98 15.37
N SER B 313 -15.05 -6.16 14.96
CA SER B 313 -15.15 -7.30 15.89
C SER B 313 -13.81 -7.71 16.55
N LYS B 314 -12.68 -7.39 15.89
CA LYS B 314 -11.32 -7.61 16.42
C LYS B 314 -10.77 -6.35 17.01
N GLN B 315 -11.66 -5.44 17.39
CA GLN B 315 -11.31 -4.20 18.08
C GLN B 315 -10.35 -3.33 17.27
N ILE B 316 -10.60 -3.22 15.97
CA ILE B 316 -9.80 -2.37 15.10
C ILE B 316 -10.66 -1.17 14.69
N ASP B 317 -10.08 0.01 14.88
CA ASP B 317 -10.72 1.27 14.57
C ASP B 317 -10.66 1.67 13.07
N LEU B 318 -11.83 2.04 12.54
CA LEU B 318 -12.00 2.46 11.17
C LEU B 318 -12.41 3.93 11.12
N VAL B 319 -11.84 4.69 10.20
CA VAL B 319 -12.16 6.12 10.07
C VAL B 319 -13.61 6.21 9.65
N THR B 320 -14.38 7.07 10.31
CA THR B 320 -15.85 7.15 10.21
C THR B 320 -16.59 5.92 10.79
N ASN B 321 -15.84 5.04 11.47
CA ASN B 321 -16.35 3.78 12.03
C ASN B 321 -17.05 2.84 11.05
N GLY B 322 -16.69 2.92 9.77
CA GLY B 322 -17.29 2.05 8.76
C GLY B 322 -17.13 2.57 7.36
N THR B 323 -17.89 2.00 6.44
CA THR B 323 -17.86 2.41 5.07
C THR B 323 -19.24 2.34 4.33
N ASP B 324 -19.46 3.28 3.41
CA ASP B 324 -20.60 3.21 2.48
C ASP B 324 -20.17 2.68 1.13
N ASN B 325 -18.89 2.33 0.98
CA ASN B 325 -18.35 1.92 -0.32
C ASN B 325 -17.32 0.80 -0.20
N HIS B 326 -16.55 0.65 -1.27
CA HIS B 326 -15.48 -0.32 -1.47
C HIS B 326 -14.26 -0.21 -0.54
N LEU B 327 -14.07 0.92 0.13
CA LEU B 327 -12.85 1.13 0.88
C LEU B 327 -13.02 1.39 2.37
N ILE B 328 -12.01 0.97 3.12
CA ILE B 328 -11.92 1.23 4.54
C ILE B 328 -10.59 1.88 4.75
N VAL B 329 -10.50 2.76 5.73
CA VAL B 329 -9.23 3.30 6.21
C VAL B 329 -9.12 2.91 7.69
N VAL B 330 -8.02 2.25 8.07
CA VAL B 330 -7.80 1.80 9.45
C VAL B 330 -6.99 2.81 10.21
N ASP B 331 -7.49 3.18 11.39
CA ASP B 331 -6.77 4.07 12.27
C ASP B 331 -5.92 3.19 13.21
N LEU B 332 -4.61 3.27 13.06
CA LEU B 332 -3.68 2.43 13.82
C LEU B 332 -3.11 3.10 15.10
N ARG B 333 -3.58 4.31 15.44
CA ARG B 333 -3.15 5.03 16.68
C ARG B 333 -3.29 4.19 17.94
N LYS B 334 -4.24 3.28 17.94
CA LYS B 334 -4.49 2.35 19.04
C LYS B 334 -3.30 1.48 19.41
N PHE B 335 -2.51 1.11 18.39
CA PHE B 335 -1.40 0.20 18.54
C PHE B 335 -0.04 0.91 18.52
N SER B 336 -0.04 2.24 18.46
CA SER B 336 1.20 3.03 18.41
C SER B 336 2.17 2.56 17.33
N ILE B 337 1.63 2.14 16.19
CA ILE B 337 2.43 1.78 15.02
C ILE B 337 2.02 2.74 13.90
N THR B 338 2.82 2.77 12.85
CA THR B 338 2.57 3.63 11.72
C THR B 338 2.06 2.81 10.58
N GLY B 339 1.33 3.45 9.66
CA GLY B 339 0.89 2.81 8.43
C GLY B 339 2.04 2.31 7.58
N SER B 340 3.16 3.05 7.58
CA SER B 340 4.36 2.64 6.80
C SER B 340 4.91 1.31 7.33
N LYS B 341 4.99 1.19 8.65
CA LYS B 341 5.38 -0.06 9.28
C LYS B 341 4.48 -1.23 8.85
N LEU B 342 3.17 -1.02 8.92
CA LEU B 342 2.18 -2.05 8.57
C LEU B 342 2.21 -2.42 7.08
N GLN B 343 2.55 -1.45 6.24
CA GLN B 343 2.71 -1.72 4.80
C GLN B 343 3.87 -2.67 4.51
N GLU B 344 5.00 -2.43 5.18
CA GLU B 344 6.15 -3.33 5.06
C GLU B 344 5.77 -4.74 5.50
N THR B 345 5.23 -4.86 6.72
CA THR B 345 4.80 -6.17 7.23
C THR B 345 3.87 -6.93 6.26
N CYS B 346 2.92 -6.21 5.67
CA CYS B 346 1.93 -6.82 4.80
C CYS B 346 2.54 -7.26 3.48
N ASN B 347 3.44 -6.45 2.93
CA ASN B 347 4.18 -6.86 1.72
C ASN B 347 5.03 -8.10 2.04
N ALA B 348 5.61 -8.15 3.24
CA ALA B 348 6.37 -9.34 3.67
C ALA B 348 5.48 -10.62 3.68
N ILE B 349 4.18 -10.44 3.90
CA ILE B 349 3.25 -11.58 3.85
C ILE B 349 2.39 -11.69 2.59
N ASN B 350 2.79 -10.97 1.53
CA ASN B 350 2.02 -10.89 0.27
C ASN B 350 0.60 -10.30 0.41
N VAL B 351 0.49 -9.25 1.22
CA VAL B 351 -0.75 -8.51 1.37
C VAL B 351 -0.43 -7.11 0.88
N SER B 352 -1.09 -6.73 -0.21
CA SER B 352 -0.88 -5.41 -0.78
C SER B 352 -1.89 -4.44 -0.26
N LEU B 353 -1.41 -3.46 0.49
CA LEU B 353 -2.25 -2.35 0.92
C LEU B 353 -1.35 -1.12 0.92
N ASN B 354 -1.90 0.06 1.20
CA ASN B 354 -1.09 1.25 1.24
C ASN B 354 -1.30 2.05 2.49
N LYS B 355 -0.25 2.77 2.87
CA LYS B 355 -0.29 3.66 4.00
C LYS B 355 -1.22 4.83 3.68
N ASN B 356 -1.90 5.35 4.69
CA ASN B 356 -2.88 6.40 4.49
C ASN B 356 -2.98 7.29 5.70
N THR B 357 -3.11 8.57 5.45
CA THR B 357 -3.33 9.54 6.52
C THR B 357 -4.70 9.39 7.19
N ILE B 358 -4.85 10.00 8.36
CA ILE B 358 -6.11 10.09 9.05
C ILE B 358 -6.31 11.55 9.55
N PRO B 359 -7.53 11.91 10.00
CA PRO B 359 -7.84 13.30 10.44
C PRO B 359 -6.92 13.88 11.52
N SER B 360 -6.54 13.05 12.48
CA SER B 360 -5.64 13.49 13.55
C SER B 360 -4.24 13.88 13.03
N ASP B 361 -3.78 13.23 11.95
CA ASP B 361 -2.46 13.51 11.41
C ASP B 361 -2.44 14.94 10.87
N VAL B 362 -1.64 15.78 11.51
CA VAL B 362 -1.42 17.13 11.03
C VAL B 362 -0.75 17.06 9.65
N ASP B 363 0.27 16.20 9.56
CA ASP B 363 1.16 16.10 8.41
C ASP B 363 1.19 14.68 7.87
N CYS B 364 1.38 14.59 6.55
CA CYS B 364 1.53 13.31 5.83
C CYS B 364 2.89 12.62 6.04
N VAL B 365 3.80 13.30 6.73
CA VAL B 365 5.10 12.74 7.16
C VAL B 365 5.00 11.36 7.83
N SER B 366 4.03 11.21 8.73
CA SER B 366 3.77 9.95 9.43
C SER B 366 2.27 9.59 9.36
N PRO B 367 1.83 9.01 8.20
CA PRO B 367 0.41 8.61 8.12
C PRO B 367 0.09 7.53 9.16
N SER B 368 -1.00 7.73 9.89
CA SER B 368 -1.35 6.86 11.00
C SER B 368 -2.33 5.74 10.60
N GLY B 369 -2.44 5.42 9.31
CA GLY B 369 -3.37 4.39 8.92
C GLY B 369 -2.98 3.69 7.67
N VAL B 370 -3.83 2.75 7.29
CA VAL B 370 -3.72 2.11 6.01
C VAL B 370 -5.10 2.13 5.36
N ARG B 371 -5.13 2.04 4.04
CA ARG B 371 -6.34 1.97 3.30
C ARG B 371 -6.43 0.60 2.62
N ILE B 372 -7.63 0.01 2.65
CA ILE B 372 -7.89 -1.26 2.01
C ILE B 372 -9.15 -1.12 1.20
N GLY B 373 -9.31 -2.00 0.23
CA GLY B 373 -10.53 -2.00 -0.56
C GLY B 373 -10.77 -3.39 -1.06
N THR B 374 -12.01 -3.67 -1.40
CA THR B 374 -12.41 -5.00 -1.84
C THR B 374 -12.51 -5.28 -3.34
N PRO B 375 -12.30 -4.29 -4.23
CA PRO B 375 -12.56 -4.62 -5.65
C PRO B 375 -11.72 -5.71 -6.27
N ALA B 376 -10.41 -5.70 -6.03
CA ALA B 376 -9.55 -6.76 -6.54
C ALA B 376 -9.99 -8.16 -6.04
N MET B 377 -10.12 -8.29 -4.71
CA MET B 377 -10.47 -9.59 -4.11
C MET B 377 -11.87 -10.05 -4.49
N THR B 378 -12.78 -9.08 -4.64
CA THR B 378 -14.09 -9.36 -5.14
C THR B 378 -14.01 -9.90 -6.54
N THR B 379 -13.11 -9.34 -7.35
CA THR B 379 -12.91 -9.84 -8.72
C THR B 379 -12.40 -11.28 -8.73
N ARG B 380 -11.51 -11.61 -7.80
CA ARG B 380 -10.94 -12.96 -7.75
C ARG B 380 -11.92 -14.06 -7.26
N GLY B 381 -13.06 -13.65 -6.71
CA GLY B 381 -14.12 -14.57 -6.32
C GLY B 381 -14.42 -14.61 -4.84
N ALA B 382 -13.68 -13.84 -4.04
CA ALA B 382 -13.92 -13.79 -2.60
C ALA B 382 -15.35 -13.30 -2.28
N LYS B 383 -15.93 -13.92 -1.26
CA LYS B 383 -17.28 -13.67 -0.80
C LYS B 383 -17.26 -13.16 0.64
N GLU B 384 -18.44 -12.81 1.17
CA GLU B 384 -18.55 -12.25 2.54
C GLU B 384 -17.85 -13.08 3.63
N LYS B 385 -18.04 -14.40 3.58
CA LYS B 385 -17.40 -15.37 4.49
C LYS B 385 -15.88 -15.33 4.44
N ASP B 386 -15.35 -15.05 3.26
CA ASP B 386 -13.90 -14.96 3.05
C ASP B 386 -13.30 -13.75 3.74
N MET B 387 -14.12 -12.77 4.12
CA MET B 387 -13.63 -11.54 4.68
C MET B 387 -13.08 -11.74 6.06
N GLU B 388 -13.70 -12.62 6.85
CA GLU B 388 -13.23 -12.84 8.23
C GLU B 388 -11.77 -13.27 8.24
N PHE B 389 -11.41 -14.16 7.32
CA PHE B 389 -10.01 -14.58 7.12
C PHE B 389 -9.08 -13.44 6.79
N ILE B 390 -9.49 -12.54 5.89
CA ILE B 390 -8.66 -11.36 5.52
C ILE B 390 -8.52 -10.45 6.72
N ALA B 391 -9.62 -10.23 7.44
CA ALA B 391 -9.58 -9.49 8.69
C ALA B 391 -8.71 -10.20 9.72
N ASP B 392 -8.77 -11.55 9.75
CA ASP B 392 -7.84 -12.35 10.59
C ASP B 392 -6.37 -12.07 10.19
N VAL B 393 -6.06 -12.11 8.89
CA VAL B 393 -4.67 -11.87 8.46
C VAL B 393 -4.21 -10.47 8.81
N LEU B 394 -5.09 -9.49 8.66
CA LEU B 394 -4.72 -8.11 9.01
C LEU B 394 -4.45 -7.90 10.48
N ALA B 395 -5.29 -8.50 11.32
CA ALA B 395 -5.07 -8.45 12.78
C ALA B 395 -3.72 -9.10 13.19
N ARG B 396 -3.45 -10.27 12.60
CA ARG B 396 -2.17 -10.96 12.85
C ARG B 396 -1.00 -10.09 12.40
N ALA B 397 -1.11 -9.42 11.26
CA ALA B 397 -0.05 -8.50 10.79
C ALA B 397 0.12 -7.29 11.68
N ILE B 398 -0.96 -6.80 12.23
CA ILE B 398 -0.86 -5.67 13.15
C ILE B 398 -0.15 -6.14 14.39
N LYS B 399 -0.54 -7.32 14.88
CA LYS B 399 0.09 -7.89 16.07
C LYS B 399 1.62 -8.10 15.87
N ILE B 400 1.99 -8.73 14.77
CA ILE B 400 3.40 -8.96 14.47
C ILE B 400 4.18 -7.65 14.38
N THR B 401 3.58 -6.64 13.78
CA THR B 401 4.18 -5.32 13.64
C THR B 401 4.45 -4.67 14.97
N VAL B 402 3.57 -4.90 15.94
CA VAL B 402 3.76 -4.38 17.30
C VAL B 402 4.96 -5.06 17.97
N ASP B 403 5.07 -6.38 17.76
CA ASP B 403 6.18 -7.21 18.31
C ASP B 403 7.54 -6.80 17.77
N LEU B 404 7.61 -6.66 16.45
CA LEU B 404 8.83 -6.23 15.77
C LEU B 404 9.23 -4.82 16.16
N GLN B 405 8.26 -3.95 16.40
CA GLN B 405 8.56 -2.61 16.91
C GLN B 405 9.10 -2.67 18.34
N GLU B 406 8.55 -3.58 19.14
CA GLU B 406 9.03 -3.83 20.50
C GLU B 406 10.49 -4.35 20.50
N GLN B 407 10.76 -5.33 19.65
CA GLN B 407 12.08 -5.93 19.54
C GLN B 407 13.15 -4.98 18.97
N TYR B 408 12.87 -4.36 17.82
CA TYR B 408 13.85 -3.53 17.13
C TYR B 408 13.67 -2.02 17.25
N GLY B 409 12.56 -1.58 17.84
CA GLY B 409 12.30 -0.15 18.03
C GLY B 409 11.57 0.56 16.89
N LYS B 410 11.14 1.78 17.21
CA LYS B 410 10.27 2.58 16.34
C LYS B 410 10.90 3.13 15.07
N LYS B 411 12.23 3.24 15.02
CA LYS B 411 12.88 3.75 13.82
C LYS B 411 12.64 2.79 12.68
N LEU B 412 12.34 3.35 11.50
CA LEU B 412 11.88 2.56 10.37
C LEU B 412 12.96 1.62 9.86
N VAL B 413 14.19 2.13 9.74
CA VAL B 413 15.35 1.28 9.39
C VAL B 413 15.50 0.13 10.37
N ASP B 414 15.53 0.48 11.66
CA ASP B 414 15.63 -0.50 12.73
C ASP B 414 14.53 -1.59 12.62
N PHE B 415 13.29 -1.16 12.37
CA PHE B 415 12.12 -2.06 12.23
C PHE B 415 12.24 -3.05 11.07
N LYS B 416 12.67 -2.56 9.91
CA LYS B 416 12.78 -3.39 8.72
C LYS B 416 13.73 -4.55 8.87
N LYS B 417 14.82 -4.34 9.63
CA LYS B 417 15.80 -5.40 9.90
C LYS B 417 15.12 -6.59 10.55
N GLY B 418 14.13 -6.33 11.41
CA GLY B 418 13.38 -7.38 12.05
C GLY B 418 12.55 -8.23 11.10
N LEU B 419 12.23 -7.68 9.94
CA LEU B 419 11.27 -8.30 9.02
C LEU B 419 11.73 -9.61 8.33
N PRO B 420 12.98 -9.66 7.81
CA PRO B 420 13.37 -10.88 7.10
C PRO B 420 13.75 -12.03 8.05
N GLY B 421 13.26 -13.22 7.72
CA GLY B 421 13.47 -14.41 8.53
C GLY B 421 12.41 -14.74 9.58
N ASN B 422 11.51 -13.80 9.90
CA ASN B 422 10.52 -14.01 10.96
C ASN B 422 9.67 -15.23 10.66
N ALA B 423 9.62 -16.15 11.61
CA ALA B 423 8.88 -17.40 11.49
C ALA B 423 7.37 -17.17 11.33
N GLN B 424 6.83 -16.23 12.09
CA GLN B 424 5.38 -15.95 12.05
C GLN B 424 5.00 -15.35 10.70
N LEU B 425 5.83 -14.44 10.19
CA LEU B 425 5.64 -13.85 8.85
C LEU B 425 5.72 -14.91 7.76
N GLN B 426 6.75 -15.74 7.83
CA GLN B 426 6.92 -16.85 6.88
C GLN B 426 5.72 -17.79 6.99
N GLN B 427 5.26 -18.02 8.21
CA GLN B 427 4.04 -18.79 8.46
C GLN B 427 2.79 -18.07 7.90
N LEU B 428 2.71 -16.77 8.12
CA LEU B 428 1.55 -16.01 7.67
C LEU B 428 1.53 -15.93 6.14
N LYS B 429 2.71 -15.78 5.53
CA LYS B 429 2.86 -15.72 4.08
C LYS B 429 2.35 -16.96 3.38
N GLN B 430 2.77 -18.11 3.87
CA GLN B 430 2.36 -19.38 3.26
C GLN B 430 0.87 -19.57 3.31
N GLU B 431 0.29 -19.19 4.45
CA GLU B 431 -1.16 -19.15 4.64
C GLU B 431 -1.81 -18.26 3.58
N VAL B 432 -1.24 -17.08 3.39
CA VAL B 432 -1.74 -16.13 2.39
C VAL B 432 -1.63 -16.70 0.98
N VAL B 433 -0.45 -17.23 0.67
CA VAL B 433 -0.10 -17.75 -0.65
C VAL B 433 -0.96 -18.95 -1.00
N THR B 434 -1.20 -19.85 -0.05
CA THR B 434 -1.98 -21.05 -0.30
C THR B 434 -3.38 -20.65 -0.68
N TRP B 435 -3.96 -19.72 0.07
CA TRP B 435 -5.34 -19.31 -0.16
C TRP B 435 -5.47 -18.47 -1.45
N ALA B 436 -4.62 -17.47 -1.61
CA ALA B 436 -4.62 -16.56 -2.79
C ALA B 436 -4.42 -17.28 -4.13
N GLY B 437 -3.43 -18.18 -4.17
CA GLY B 437 -3.12 -18.97 -5.37
C GLY B 437 -4.25 -19.83 -5.88
N ALA B 438 -5.13 -20.26 -4.99
CA ALA B 438 -6.28 -21.11 -5.36
C ALA B 438 -7.35 -20.39 -6.15
N LEU B 439 -7.60 -19.12 -5.82
CA LEU B 439 -8.71 -18.35 -6.39
C LEU B 439 -8.63 -18.11 -7.90
N PRO B 440 -9.81 -18.00 -8.57
CA PRO B 440 -9.89 -17.58 -9.96
C PRO B 440 -9.06 -16.34 -10.24
N PHE B 441 -8.30 -16.40 -11.34
CA PHE B 441 -7.34 -15.38 -11.72
C PHE B 441 -7.61 -15.07 -13.20
N PRO B 442 -8.10 -13.85 -13.53
CA PRO B 442 -8.24 -13.49 -14.93
C PRO B 442 -6.88 -13.17 -15.50
N MET C 1 9.10 -26.68 82.16
CA MET C 1 9.42 -28.10 81.75
C MET C 1 9.57 -28.23 80.23
N PHE C 2 10.57 -27.54 79.68
CA PHE C 2 10.84 -27.53 78.23
C PHE C 2 12.34 -27.40 77.97
N ASN C 3 12.72 -27.67 76.74
CA ASN C 3 14.09 -27.51 76.28
C ASN C 3 14.29 -26.21 75.50
N ASN C 4 15.14 -25.32 76.01
CA ASN C 4 15.40 -24.03 75.36
C ASN C 4 16.73 -23.98 74.60
N GLU C 5 17.37 -25.14 74.40
CA GLU C 5 18.61 -25.22 73.64
C GLU C 5 18.40 -24.70 72.22
N PRO C 6 19.40 -23.96 71.66
CA PRO C 6 19.24 -23.50 70.27
C PRO C 6 19.12 -24.63 69.27
N LEU C 7 18.62 -24.28 68.10
CA LEU C 7 18.31 -25.24 67.04
C LEU C 7 19.49 -26.12 66.62
N GLU C 8 20.68 -25.52 66.50
CA GLU C 8 21.89 -26.29 66.17
C GLU C 8 22.18 -27.40 67.20
N GLN C 9 22.08 -27.06 68.47
CA GLN C 9 22.22 -28.03 69.55
C GLN C 9 21.06 -29.03 69.56
N ILE C 10 19.83 -28.50 69.70
CA ILE C 10 18.62 -29.35 69.78
C ILE C 10 18.52 -30.33 68.62
N ASP C 11 18.72 -29.87 67.39
CA ASP C 11 18.56 -30.72 66.22
C ASP C 11 19.62 -30.43 65.19
N LYS C 12 20.79 -31.04 65.40
CA LYS C 12 21.92 -30.93 64.50
C LYS C 12 21.64 -31.56 63.15
N GLU C 13 20.80 -32.58 63.11
CA GLU C 13 20.46 -33.17 61.82
C GLU C 13 19.69 -32.18 60.91
N LEU C 14 18.65 -31.55 61.48
CA LEU C 14 17.80 -30.61 60.73
C LEU C 14 18.53 -29.33 60.41
N HIS C 15 19.36 -28.87 61.34
CA HIS C 15 20.10 -27.62 61.16
C HIS C 15 21.07 -27.68 60.00
N ASP C 16 21.62 -28.86 59.74
CA ASP C 16 22.53 -29.05 58.62
C ASP C 16 21.81 -28.88 57.30
N ILE C 17 20.66 -29.53 57.18
CA ILE C 17 19.87 -29.46 55.96
C ILE C 17 19.42 -28.02 55.68
N LEU C 18 18.99 -27.31 56.71
CA LEU C 18 18.52 -25.92 56.53
C LEU C 18 19.64 -24.97 56.17
N ALA C 19 20.83 -25.19 56.73
CA ALA C 19 22.03 -24.44 56.34
C ALA C 19 22.41 -24.77 54.89
N ASP C 20 22.19 -26.02 54.51
CA ASP C 20 22.39 -26.48 53.13
C ASP C 20 21.43 -25.82 52.18
N GLU C 21 20.14 -25.84 52.54
CA GLU C 21 19.04 -25.16 51.80
C GLU C 21 19.40 -23.70 51.60
N GLU C 22 19.90 -23.08 52.66
CA GLU C 22 20.30 -21.68 52.65
C GLU C 22 21.43 -21.42 51.64
N LYS C 23 22.38 -22.35 51.55
CA LYS C 23 23.47 -22.28 50.57
C LYS C 23 22.95 -22.38 49.13
N ARG C 24 22.20 -23.43 48.82
CA ARG C 24 21.57 -23.60 47.51
C ARG C 24 20.74 -22.34 47.09
N GLN C 25 20.04 -21.69 48.02
CA GLN C 25 19.27 -20.48 47.71
C GLN C 25 20.20 -19.33 47.26
N ARG C 26 21.30 -19.23 48.00
CA ARG C 26 22.30 -18.19 47.84
C ARG C 26 23.08 -18.33 46.55
N GLU C 27 23.18 -19.57 46.03
CA GLU C 27 24.00 -19.87 44.87
C GLU C 27 23.14 -20.38 43.71
N THR C 28 21.91 -19.91 43.65
CA THR C 28 20.97 -20.32 42.60
C THR C 28 20.54 -19.07 41.82
N ILE C 29 20.35 -19.25 40.51
CA ILE C 29 19.68 -18.24 39.70
C ILE C 29 18.22 -18.66 39.72
N ASN C 30 17.42 -17.94 40.50
CA ASN C 30 16.03 -18.34 40.77
C ASN C 30 15.10 -17.61 39.83
N LEU C 31 14.55 -18.35 38.88
CA LEU C 31 13.61 -17.79 37.92
C LEU C 31 12.22 -18.31 38.14
N ILE C 32 11.90 -18.90 39.30
CA ILE C 32 10.50 -19.37 39.53
C ILE C 32 9.65 -18.11 39.65
N ALA C 33 8.64 -18.00 38.83
CA ALA C 33 7.85 -16.75 38.71
C ALA C 33 7.14 -16.44 40.00
N SER C 34 6.70 -17.50 40.68
CA SER C 34 6.03 -17.43 41.99
C SER C 34 6.91 -17.31 43.25
N GLU C 35 8.24 -17.26 43.12
CA GLU C 35 9.12 -17.25 44.29
C GLU C 35 9.71 -15.87 44.53
N ASN C 36 10.14 -15.66 45.76
CA ASN C 36 10.73 -14.41 46.17
C ASN C 36 11.58 -14.67 47.41
N LEU C 37 12.19 -13.64 47.97
CA LEU C 37 12.98 -13.80 49.16
C LEU C 37 12.48 -12.84 50.20
N THR C 38 12.06 -13.38 51.34
CA THR C 38 11.53 -12.59 52.44
C THR C 38 12.65 -11.93 53.17
N ASN C 39 12.44 -10.70 53.62
CA ASN C 39 13.44 -9.98 54.46
C ASN C 39 13.46 -10.51 55.89
N GLY C 40 14.43 -10.02 56.65
CA GLY C 40 14.61 -10.42 58.04
C GLY C 40 13.43 -10.07 58.92
N ALA C 41 12.74 -8.97 58.61
CA ALA C 41 11.61 -8.52 59.43
C ALA C 41 10.38 -9.40 59.27
N VAL C 42 10.14 -9.88 58.06
CA VAL C 42 9.03 -10.83 57.80
C VAL C 42 9.28 -12.18 58.47
N ARG C 43 10.53 -12.61 58.50
CA ARG C 43 10.91 -13.86 59.16
C ARG C 43 10.94 -13.80 60.69
N GLU C 44 11.16 -12.61 61.26
CA GLU C 44 11.04 -12.40 62.73
C GLU C 44 9.61 -12.55 63.21
N CYS C 45 8.66 -12.15 62.37
CA CYS C 45 7.24 -12.30 62.65
C CYS C 45 6.81 -13.74 62.62
N LEU C 46 7.23 -14.44 61.56
CA LEU C 46 6.90 -15.87 61.40
C LEU C 46 7.45 -16.67 62.57
N GLY C 47 8.58 -16.22 63.09
CA GLY C 47 9.16 -16.78 64.31
C GLY C 47 8.61 -16.24 65.63
N ASN C 48 7.63 -15.33 65.58
CA ASN C 48 7.14 -14.65 66.78
C ASN C 48 6.19 -15.53 67.60
N ARG C 49 6.19 -15.33 68.91
CA ARG C 49 5.27 -16.07 69.82
C ARG C 49 3.80 -15.81 69.63
N VAL C 50 3.43 -14.88 68.79
CA VAL C 50 2.01 -14.64 68.51
C VAL C 50 1.28 -15.87 67.93
N SER C 51 2.03 -16.80 67.30
CA SER C 51 1.49 -18.11 66.83
C SER C 51 0.99 -19.05 67.95
N ASN C 52 1.40 -18.78 69.20
CA ASN C 52 0.82 -19.42 70.39
C ASN C 52 -0.68 -19.24 70.66
N LYS C 53 -1.25 -18.15 70.17
CA LYS C 53 -2.60 -17.75 70.53
C LYS C 53 -3.67 -18.29 69.62
N TYR C 54 -4.69 -18.90 70.24
CA TYR C 54 -5.90 -19.35 69.56
C TYR C 54 -6.87 -18.18 69.59
N SER C 55 -7.30 -17.70 68.43
CA SER C 55 -8.24 -16.59 68.37
C SER C 55 -9.21 -16.73 67.23
N GLU C 56 -9.96 -17.83 67.23
CA GLU C 56 -11.03 -18.04 66.26
C GLU C 56 -12.04 -16.95 66.24
N GLY C 57 -12.38 -16.49 65.06
CA GLY C 57 -13.40 -15.47 64.88
C GLY C 57 -12.84 -14.33 64.07
N TYR C 58 -13.36 -13.13 64.37
CA TYR C 58 -12.87 -11.89 63.79
C TYR C 58 -12.67 -10.91 64.94
N PRO C 59 -11.93 -9.81 64.71
CA PRO C 59 -11.68 -8.90 65.84
C PRO C 59 -12.95 -8.29 66.44
N LYS C 60 -12.97 -8.12 67.76
CA LYS C 60 -14.15 -7.62 68.49
C LYS C 60 -15.36 -8.59 68.51
N LYS C 61 -15.24 -9.78 67.91
CA LYS C 61 -16.22 -10.85 68.04
C LYS C 61 -15.49 -12.19 68.23
N ARG C 62 -14.37 -12.11 68.94
CA ARG C 62 -13.52 -13.26 69.18
C ARG C 62 -14.25 -14.18 70.09
N TYR C 63 -14.08 -15.48 69.86
CA TYR C 63 -14.64 -16.47 70.76
C TYR C 63 -13.98 -16.35 72.11
N TYR C 64 -12.66 -16.15 72.14
CA TYR C 64 -11.94 -16.00 73.41
C TYR C 64 -11.48 -14.58 73.62
N GLY C 65 -11.36 -14.17 74.88
CA GLY C 65 -10.80 -12.87 75.22
C GLY C 65 -9.31 -13.09 75.30
N GLY C 66 -8.57 -12.05 75.67
CA GLY C 66 -7.13 -12.13 75.80
C GLY C 66 -6.54 -12.04 74.40
N ASN C 67 -7.32 -11.43 73.52
CA ASN C 67 -6.95 -11.17 72.15
C ASN C 67 -6.83 -9.66 71.91
N ASP C 68 -6.52 -8.92 72.96
CA ASP C 68 -6.39 -7.47 72.87
C ASP C 68 -5.27 -7.12 71.89
N PHE C 69 -4.12 -7.75 72.03
CA PHE C 69 -3.01 -7.47 71.14
C PHE C 69 -3.15 -8.11 69.75
N ILE C 70 -3.71 -9.32 69.68
CA ILE C 70 -4.02 -9.99 68.40
C ILE C 70 -5.03 -9.20 67.58
N ASP C 71 -6.08 -8.67 68.23
CA ASP C 71 -7.06 -7.86 67.52
C ASP C 71 -6.45 -6.63 66.87
N LYS C 72 -5.48 -6.01 67.53
CA LYS C 72 -4.82 -4.85 66.92
C LYS C 72 -4.03 -5.27 65.68
N ILE C 73 -3.28 -6.36 65.80
CA ILE C 73 -2.49 -6.90 64.70
C ILE C 73 -3.37 -7.29 63.54
N GLU C 74 -4.48 -7.99 63.79
CA GLU C 74 -5.38 -8.33 62.69
C GLU C 74 -6.04 -7.10 62.07
N GLU C 75 -6.28 -6.05 62.86
CA GLU C 75 -6.88 -4.78 62.35
C GLU C 75 -5.89 -3.93 61.58
N LEU C 76 -4.65 -3.87 62.06
CA LEU C 76 -3.54 -3.18 61.36
C LEU C 76 -3.23 -3.79 59.98
N CYS C 77 -3.27 -5.11 59.88
CA CYS C 77 -3.00 -5.82 58.64
C CYS C 77 -4.08 -5.55 57.62
N GLN C 78 -5.33 -5.62 58.07
CA GLN C 78 -6.52 -5.32 57.24
C GLN C 78 -6.48 -3.92 56.66
N LYS C 79 -6.15 -2.96 57.52
CA LYS C 79 -6.04 -1.56 57.14
C LYS C 79 -4.99 -1.46 56.05
N ARG C 80 -3.77 -1.90 56.38
CA ARG C 80 -2.62 -1.81 55.50
C ARG C 80 -2.83 -2.51 54.16
N ALA C 81 -3.60 -3.58 54.12
CA ALA C 81 -3.91 -4.27 52.86
C ALA C 81 -4.79 -3.42 51.97
N LEU C 82 -5.79 -2.79 52.57
CA LEU C 82 -6.70 -1.93 51.83
C LEU C 82 -5.98 -0.64 51.38
N GLU C 83 -5.23 -0.02 52.27
CA GLU C 83 -4.40 1.13 51.91
C GLU C 83 -3.39 0.80 50.82
N ALA C 84 -2.83 -0.41 50.85
CA ALA C 84 -1.82 -0.84 49.89
C ALA C 84 -2.39 -0.99 48.50
N PHE C 85 -3.62 -1.48 48.42
CA PHE C 85 -4.27 -1.71 47.13
C PHE C 85 -5.20 -0.56 46.72
N ASN C 86 -5.06 0.58 47.39
CA ASN C 86 -5.71 1.82 46.98
C ASN C 86 -7.23 1.71 46.95
N VAL C 87 -7.81 1.24 48.05
CA VAL C 87 -9.25 1.05 48.17
C VAL C 87 -9.69 1.70 49.46
N SER C 88 -10.90 2.28 49.44
CA SER C 88 -11.46 2.94 50.61
C SER C 88 -12.04 1.89 51.54
N ASP C 89 -11.74 1.99 52.83
CA ASP C 89 -12.19 0.99 53.81
C ASP C 89 -13.72 0.95 53.97
N GLU C 90 -14.38 2.03 53.57
CA GLU C 90 -15.85 2.03 53.50
C GLU C 90 -16.37 1.23 52.29
N GLU C 91 -15.68 1.29 51.15
CA GLU C 91 -16.10 0.57 49.93
C GLU C 91 -15.67 -0.92 49.80
N TRP C 92 -14.49 -1.24 50.32
CA TRP C 92 -13.90 -2.58 50.19
C TRP C 92 -13.62 -3.20 51.53
N GLY C 93 -13.94 -4.48 51.64
CA GLY C 93 -13.49 -5.27 52.79
C GLY C 93 -12.35 -6.22 52.44
N VAL C 94 -11.60 -6.64 53.46
CA VAL C 94 -10.55 -7.65 53.32
C VAL C 94 -10.56 -8.67 54.46
N ASN C 95 -10.46 -9.96 54.10
CA ASN C 95 -10.19 -11.04 55.08
C ASN C 95 -8.70 -11.43 55.03
N VAL C 96 -8.04 -11.41 56.18
CA VAL C 96 -6.60 -11.68 56.29
C VAL C 96 -6.30 -13.09 56.85
N GLN C 97 -7.33 -13.91 57.03
CA GLN C 97 -7.16 -15.21 57.66
C GLN C 97 -6.78 -16.38 56.75
N PRO C 98 -7.17 -16.39 55.45
CA PRO C 98 -6.78 -17.54 54.62
C PRO C 98 -5.30 -17.93 54.69
N LEU C 99 -5.07 -19.22 54.79
CA LEU C 99 -3.73 -19.71 55.08
C LEU C 99 -2.83 -19.72 53.84
N SER C 100 -3.41 -19.90 52.67
CA SER C 100 -2.70 -19.88 51.39
C SER C 100 -3.65 -19.54 50.27
N GLY C 101 -3.10 -19.34 49.08
CA GLY C 101 -3.88 -18.99 47.92
C GLY C 101 -4.97 -19.96 47.52
N SER C 102 -4.68 -21.25 47.63
CA SER C 102 -5.64 -22.27 47.21
C SER C 102 -6.80 -22.26 48.20
N ALA C 103 -6.48 -22.10 49.48
CA ALA C 103 -7.51 -22.01 50.52
C ALA C 103 -8.42 -20.76 50.33
N ALA C 104 -7.84 -19.60 50.06
CA ALA C 104 -8.57 -18.36 49.80
C ALA C 104 -9.51 -18.42 48.61
N ASN C 105 -9.05 -18.99 47.50
CA ASN C 105 -9.91 -19.17 46.33
C ASN C 105 -11.09 -20.13 46.57
N VAL C 106 -10.86 -21.23 47.29
CA VAL C 106 -11.94 -22.18 47.56
C VAL C 106 -13.03 -21.55 48.47
N GLN C 107 -12.58 -20.85 49.51
CA GLN C 107 -13.42 -20.20 50.46
C GLN C 107 -14.23 -19.12 49.76
N ALA C 108 -13.55 -18.29 48.98
CA ALA C 108 -14.19 -17.23 48.22
C ALA C 108 -15.23 -17.76 47.24
N LEU C 109 -14.90 -18.84 46.55
CA LEU C 109 -15.82 -19.38 45.56
C LEU C 109 -17.07 -19.93 46.23
N TYR C 110 -16.88 -20.60 47.36
CA TYR C 110 -18.00 -21.15 48.12
C TYR C 110 -19.01 -20.05 48.59
N ALA C 111 -18.46 -18.98 49.18
CA ALA C 111 -19.22 -17.80 49.57
C ALA C 111 -20.16 -17.28 48.48
N LEU C 112 -19.65 -17.13 47.26
CA LEU C 112 -20.43 -16.59 46.16
C LEU C 112 -21.48 -17.55 45.61
N VAL C 113 -21.13 -18.82 45.47
CA VAL C 113 -21.99 -19.79 44.79
C VAL C 113 -22.43 -21.02 45.55
N GLY C 114 -21.62 -21.49 46.51
CA GLY C 114 -21.97 -22.67 47.31
C GLY C 114 -21.75 -23.99 46.58
N VAL C 115 -22.07 -25.09 47.25
CA VAL C 115 -21.90 -26.43 46.69
C VAL C 115 -22.82 -26.57 45.48
N LYS C 116 -22.34 -27.32 44.47
CA LYS C 116 -22.98 -27.49 43.16
C LYS C 116 -23.00 -26.20 42.33
N GLY C 117 -22.37 -25.12 42.81
CA GLY C 117 -22.36 -23.83 42.12
C GLY C 117 -21.61 -23.89 40.80
N LYS C 118 -21.95 -22.97 39.90
CA LYS C 118 -21.39 -22.97 38.55
C LYS C 118 -20.26 -21.94 38.45
N ILE C 119 -19.06 -22.39 38.06
CA ILE C 119 -17.90 -21.48 37.93
C ILE C 119 -17.21 -21.58 36.56
N MET C 120 -16.60 -20.50 36.12
CA MET C 120 -15.86 -20.50 34.86
C MET C 120 -14.45 -20.03 35.10
N GLY C 121 -13.48 -20.78 34.57
CA GLY C 121 -12.08 -20.44 34.74
C GLY C 121 -11.25 -20.76 33.52
N MET C 122 -10.03 -20.22 33.49
CA MET C 122 -9.04 -20.58 32.46
C MET C 122 -8.50 -21.95 32.77
N HIS C 123 -8.28 -22.73 31.70
CA HIS C 123 -7.75 -24.09 31.78
C HIS C 123 -6.32 -24.07 32.33
N LEU C 124 -5.95 -25.14 33.02
CA LEU C 124 -4.60 -25.26 33.60
C LEU C 124 -3.51 -25.23 32.53
N CYS C 125 -3.67 -26.06 31.50
CA CYS C 125 -2.89 -26.05 30.24
C CYS C 125 -2.72 -24.68 29.59
N SER C 126 -3.73 -23.81 29.70
CA SER C 126 -3.66 -22.45 29.13
C SER C 126 -3.12 -21.38 30.08
N GLY C 127 -2.85 -21.76 31.34
CA GLY C 127 -2.25 -20.84 32.31
C GLY C 127 -3.11 -20.46 33.50
N GLY C 128 -4.24 -21.12 33.65
CA GLY C 128 -5.08 -20.90 34.82
C GLY C 128 -4.56 -21.71 35.99
N HIS C 129 -5.00 -21.34 37.20
CA HIS C 129 -4.67 -22.11 38.40
C HIS C 129 -5.53 -23.34 38.56
N LEU C 130 -5.03 -24.29 39.36
CA LEU C 130 -5.81 -25.46 39.79
C LEU C 130 -7.10 -25.08 40.50
N THR C 131 -7.06 -24.00 41.30
CA THR C 131 -8.23 -23.52 42.06
C THR C 131 -9.22 -22.70 41.24
N HIS C 132 -9.03 -22.69 39.92
CA HIS C 132 -9.92 -22.06 38.98
C HIS C 132 -10.83 -23.10 38.32
N GLY C 133 -10.97 -24.27 38.91
CA GLY C 133 -11.90 -25.28 38.39
C GLY C 133 -11.32 -26.42 37.58
N PHE C 134 -10.02 -26.66 37.69
CA PHE C 134 -9.36 -27.58 36.79
C PHE C 134 -9.76 -29.01 37.03
N PHE C 135 -10.11 -29.68 35.94
CA PHE C 135 -10.32 -31.11 35.91
C PHE C 135 -9.77 -31.70 34.63
N ASP C 136 -9.66 -33.02 34.63
CA ASP C 136 -9.24 -33.80 33.46
C ASP C 136 -10.41 -34.69 33.09
N GLU C 137 -10.39 -35.21 31.87
CA GLU C 137 -11.37 -36.21 31.46
C GLU C 137 -11.37 -37.40 32.45
N LYS C 138 -10.17 -37.77 32.88
CA LYS C 138 -9.97 -38.89 33.82
C LYS C 138 -10.46 -38.63 35.24
N LYS C 139 -10.27 -37.40 35.73
CA LYS C 139 -10.60 -37.08 37.12
C LYS C 139 -10.83 -35.57 37.37
N LYS C 140 -11.66 -35.29 38.37
CA LYS C 140 -11.82 -33.93 38.91
C LYS C 140 -10.65 -33.65 39.83
N VAL C 141 -9.61 -33.07 39.26
CA VAL C 141 -8.32 -32.89 39.90
C VAL C 141 -8.36 -31.91 41.06
N SER C 142 -9.07 -30.80 40.90
CA SER C 142 -9.22 -29.82 41.95
C SER C 142 -10.55 -30.03 42.62
N ILE C 143 -10.65 -29.67 43.90
CA ILE C 143 -11.95 -29.61 44.58
C ILE C 143 -12.85 -28.61 43.87
N THR C 144 -12.27 -27.53 43.35
CA THR C 144 -13.03 -26.52 42.62
C THR C 144 -13.77 -27.10 41.43
N SER C 145 -13.25 -28.15 40.80
CA SER C 145 -14.01 -28.85 39.75
C SER C 145 -15.06 -29.81 40.29
N ASP C 146 -14.77 -30.39 41.47
CA ASP C 146 -15.65 -31.39 42.09
C ASP C 146 -16.78 -30.86 42.96
N MET C 147 -16.49 -29.86 43.77
CA MET C 147 -17.49 -29.31 44.68
C MET C 147 -18.36 -28.22 44.00
N PHE C 148 -17.90 -27.75 42.85
CA PHE C 148 -18.57 -26.78 42.04
C PHE C 148 -18.74 -27.45 40.70
N GLU C 149 -19.57 -26.88 39.84
CA GLU C 149 -19.64 -27.29 38.45
C GLU C 149 -18.82 -26.27 37.66
N SER C 150 -17.77 -26.72 37.00
CA SER C 150 -16.85 -25.78 36.32
C SER C 150 -16.72 -26.04 34.84
N LYS C 151 -16.45 -24.96 34.14
CA LYS C 151 -16.31 -24.96 32.70
C LYS C 151 -15.00 -24.23 32.45
N LEU C 152 -14.20 -24.71 31.50
CA LEU C 152 -12.86 -24.20 31.31
C LEU C 152 -12.68 -23.63 29.94
N TYR C 153 -12.18 -22.39 29.89
CA TYR C 153 -11.99 -21.71 28.63
C TYR C 153 -10.53 -21.68 28.24
N LYS C 154 -10.28 -22.03 26.97
CA LYS C 154 -8.94 -22.02 26.44
C LYS C 154 -8.62 -20.66 25.88
N CYS C 155 -7.33 -20.38 25.79
CA CYS C 155 -6.83 -19.19 25.12
C CYS C 155 -6.53 -19.59 23.68
N ASN C 156 -6.51 -18.61 22.78
CA ASN C 156 -6.25 -18.84 21.34
C ASN C 156 -4.87 -19.41 21.02
N SER C 157 -4.67 -19.74 19.74
CA SER C 157 -3.42 -20.34 19.23
C SER C 157 -2.16 -19.47 19.42
N GLN C 158 -2.31 -18.15 19.44
CA GLN C 158 -1.19 -17.24 19.74
C GLN C 158 -0.91 -17.09 21.25
N GLY C 159 -1.68 -17.77 22.10
CA GLY C 159 -1.51 -17.73 23.56
C GLY C 159 -2.20 -16.60 24.31
N TYR C 160 -3.18 -15.95 23.68
CA TYR C 160 -3.95 -14.86 24.30
C TYR C 160 -5.35 -15.37 24.70
N VAL C 161 -5.88 -14.83 25.80
CA VAL C 161 -7.27 -15.12 26.20
C VAL C 161 -8.24 -14.69 25.08
N ASP C 162 -9.16 -15.57 24.70
CA ASP C 162 -10.14 -15.24 23.65
C ASP C 162 -11.51 -14.93 24.25
N LEU C 163 -11.80 -13.64 24.40
CA LEU C 163 -13.04 -13.19 25.03
C LEU C 163 -14.30 -13.63 24.30
N ASP C 164 -14.21 -13.82 22.99
CA ASP C 164 -15.32 -14.37 22.20
C ASP C 164 -15.70 -15.76 22.70
N ALA C 165 -14.69 -16.56 23.01
CA ALA C 165 -14.92 -17.91 23.54
C ALA C 165 -15.52 -17.83 24.93
N VAL C 166 -15.03 -16.89 25.74
CA VAL C 166 -15.56 -16.68 27.11
C VAL C 166 -17.06 -16.35 27.06
N ARG C 167 -17.42 -15.35 26.25
CA ARG C 167 -18.84 -14.96 26.05
C ARG C 167 -19.64 -16.11 25.48
N GLU C 168 -19.11 -16.78 24.46
CA GLU C 168 -19.72 -17.99 23.89
C GLU C 168 -20.03 -19.00 24.97
N MET C 169 -19.08 -19.20 25.89
CA MET C 169 -19.22 -20.17 26.97
C MET C 169 -20.15 -19.65 28.04
N ALA C 170 -19.91 -18.43 28.50
CA ALA C 170 -20.73 -17.84 29.57
C ALA C 170 -22.26 -17.83 29.29
N LEU C 171 -22.67 -17.51 28.07
CA LEU C 171 -24.10 -17.47 27.72
C LEU C 171 -24.73 -18.87 27.66
N SER C 172 -23.96 -19.88 27.23
CA SER C 172 -24.44 -21.26 27.23
C SER C 172 -24.36 -21.90 28.62
N PHE C 173 -23.24 -21.68 29.30
CA PHE C 173 -23.02 -22.27 30.63
C PHE C 173 -23.76 -21.57 31.78
N LYS C 174 -23.86 -20.24 31.72
CA LYS C 174 -24.57 -19.43 32.71
C LYS C 174 -24.00 -19.60 34.12
N PRO C 175 -22.71 -19.22 34.29
CA PRO C 175 -22.15 -19.42 35.62
C PRO C 175 -22.49 -18.31 36.58
N LYS C 176 -22.38 -18.60 37.87
CA LYS C 176 -22.49 -17.57 38.90
C LYS C 176 -21.19 -16.77 39.10
N VAL C 177 -20.04 -17.37 38.76
CA VAL C 177 -18.73 -16.69 38.85
C VAL C 177 -17.85 -16.99 37.64
N ILE C 178 -17.12 -15.97 37.19
CA ILE C 178 -16.17 -16.10 36.09
C ILE C 178 -14.86 -15.63 36.66
N ILE C 179 -13.86 -16.50 36.60
CA ILE C 179 -12.55 -16.22 37.20
C ILE C 179 -11.55 -15.75 36.14
N CYS C 180 -10.87 -14.66 36.44
CA CYS C 180 -9.75 -14.19 35.67
C CYS C 180 -8.58 -13.87 36.58
N GLY C 181 -7.41 -13.75 35.98
CA GLY C 181 -6.13 -13.63 36.72
C GLY C 181 -5.55 -15.04 36.83
N TYR C 182 -4.27 -15.19 36.49
CA TYR C 182 -3.74 -16.53 36.17
C TYR C 182 -2.40 -16.86 36.81
N THR C 183 -1.96 -18.11 36.61
CA THR C 183 -0.70 -18.59 37.21
C THR C 183 0.46 -18.36 36.27
N SER C 184 0.25 -18.59 34.98
CA SER C 184 1.32 -18.42 34.00
C SER C 184 0.83 -17.80 32.72
N TYR C 185 0.40 -16.55 32.85
CA TYR C 185 -0.10 -15.77 31.74
C TYR C 185 0.82 -14.58 31.65
N PRO C 186 1.54 -14.42 30.51
CA PRO C 186 2.53 -13.36 30.37
C PRO C 186 2.01 -11.96 29.99
N ARG C 187 0.69 -11.80 29.83
CA ARG C 187 0.09 -10.51 29.48
C ARG C 187 -0.91 -9.94 30.50
N ASP C 188 -1.20 -8.65 30.35
CA ASP C 188 -2.17 -7.96 31.19
C ASP C 188 -3.60 -8.40 30.85
N ILE C 189 -4.54 -8.04 31.71
CA ILE C 189 -5.92 -8.49 31.59
C ILE C 189 -6.89 -7.35 31.28
N ASP C 190 -7.84 -7.64 30.39
CA ASP C 190 -8.95 -6.72 30.15
C ASP C 190 -10.09 -7.07 31.11
N TYR C 191 -10.04 -6.44 32.28
CA TYR C 191 -11.00 -6.67 33.35
C TYR C 191 -12.33 -6.04 33.00
N GLN C 192 -12.28 -4.88 32.35
CA GLN C 192 -13.49 -4.20 31.89
C GLN C 192 -14.31 -5.11 31.01
N GLN C 193 -13.66 -5.81 30.09
CA GLN C 193 -14.37 -6.69 29.19
C GLN C 193 -14.96 -7.85 29.94
N PHE C 194 -14.27 -8.32 30.99
CA PHE C 194 -14.81 -9.37 31.83
C PHE C 194 -16.08 -8.91 32.55
N ARG C 195 -16.02 -7.74 33.16
CA ARG C 195 -17.15 -7.11 33.88
C ARG C 195 -18.40 -6.98 33.00
N GLN C 196 -18.17 -6.54 31.76
CA GLN C 196 -19.20 -6.50 30.74
C GLN C 196 -19.82 -7.89 30.50
N ILE C 197 -19.00 -8.93 30.40
CA ILE C 197 -19.54 -10.30 30.20
C ILE C 197 -20.31 -10.79 31.44
N CYS C 198 -19.77 -10.51 32.61
CA CYS C 198 -20.40 -10.96 33.86
C CYS C 198 -21.82 -10.37 34.08
N ASP C 199 -21.98 -9.09 33.76
CA ASP C 199 -23.30 -8.42 33.75
C ASP C 199 -24.28 -9.03 32.75
N GLU C 200 -23.76 -9.41 31.59
CA GLU C 200 -24.56 -10.02 30.54
C GLU C 200 -25.29 -11.26 31.01
N VAL C 201 -24.67 -11.97 31.95
CA VAL C 201 -25.26 -13.20 32.51
C VAL C 201 -25.57 -13.13 34.01
N ASN C 202 -25.29 -11.99 34.63
CA ASN C 202 -25.55 -11.76 36.08
C ASN C 202 -24.51 -12.41 37.01
N ALA C 203 -23.40 -12.88 36.43
CA ALA C 203 -22.34 -13.59 37.16
C ALA C 203 -21.47 -12.62 37.98
N TYR C 204 -20.83 -13.13 39.03
CA TYR C 204 -19.79 -12.38 39.74
C TYR C 204 -18.45 -12.35 38.96
N LEU C 205 -17.68 -11.27 39.14
CA LEU C 205 -16.32 -11.16 38.55
C LEU C 205 -15.30 -11.41 39.63
N PHE C 206 -14.45 -12.41 39.39
CA PHE C 206 -13.41 -12.87 40.34
C PHE C 206 -12.05 -12.69 39.68
N ALA C 207 -11.22 -11.88 40.30
CA ALA C 207 -9.89 -11.57 39.83
C ALA C 207 -8.81 -12.11 40.78
N ASP C 208 -8.11 -13.18 40.35
CA ASP C 208 -7.01 -13.75 41.16
C ASP C 208 -5.76 -13.11 40.67
N ILE C 209 -5.20 -12.17 41.45
CA ILE C 209 -4.06 -11.35 41.05
C ILE C 209 -2.73 -11.70 41.78
N SER C 210 -2.64 -12.94 42.27
CA SER C 210 -1.50 -13.41 43.05
C SER C 210 -0.16 -13.22 42.39
N HIS C 211 -0.05 -13.64 41.13
CA HIS C 211 1.15 -13.35 40.35
C HIS C 211 1.47 -11.88 40.05
N ILE C 212 0.45 -11.03 39.95
CA ILE C 212 0.68 -9.66 39.49
C ILE C 212 0.35 -8.61 40.55
N SER C 213 0.36 -9.03 41.81
CA SER C 213 -0.22 -8.23 42.88
C SER C 213 0.46 -6.87 43.03
N SER C 214 1.78 -6.86 43.03
CA SER C 214 2.53 -5.62 43.14
C SER C 214 2.22 -4.66 42.00
N PHE C 215 1.99 -5.19 40.81
CA PHE C 215 1.73 -4.37 39.65
C PHE C 215 0.42 -3.65 39.83
N VAL C 216 -0.56 -4.39 40.32
CA VAL C 216 -1.88 -3.87 40.60
C VAL C 216 -1.77 -2.87 41.74
N ALA C 217 -1.01 -3.23 42.75
CA ALA C 217 -0.87 -2.36 43.89
C ALA C 217 -0.22 -1.02 43.54
N CYS C 218 0.86 -1.06 42.78
CA CYS C 218 1.61 0.16 42.39
C CYS C 218 1.11 0.85 41.11
N ASN C 219 0.02 0.35 40.52
CA ASN C 219 -0.65 0.97 39.36
C ASN C 219 0.07 0.88 38.00
N ILE C 220 1.09 0.03 37.92
CA ILE C 220 1.78 -0.25 36.67
C ILE C 220 0.89 -1.00 35.70
N LEU C 221 -0.03 -1.83 36.21
CA LEU C 221 -0.93 -2.62 35.36
C LEU C 221 -2.40 -2.30 35.62
N ASN C 222 -3.30 -2.84 34.80
CA ASN C 222 -4.73 -2.63 35.00
C ASN C 222 -5.18 -3.00 36.39
N ASN C 223 -6.21 -2.29 36.86
CA ASN C 223 -6.70 -2.40 38.23
C ASN C 223 -7.96 -3.22 38.19
N PRO C 224 -7.94 -4.41 38.79
CA PRO C 224 -9.18 -5.17 38.71
C PRO C 224 -10.22 -4.66 39.73
N PHE C 225 -9.77 -3.87 40.72
CA PHE C 225 -10.64 -3.31 41.74
C PHE C 225 -11.75 -2.41 41.18
N LEU C 226 -11.49 -1.82 40.00
CA LEU C 226 -12.48 -1.00 39.33
C LEU C 226 -13.69 -1.80 38.84
N HIS C 227 -13.49 -3.08 38.54
CA HIS C 227 -14.57 -3.90 37.97
C HIS C 227 -14.92 -5.18 38.72
N ALA C 228 -14.10 -5.63 39.68
CA ALA C 228 -14.29 -6.97 40.26
C ALA C 228 -15.08 -6.99 41.57
N ASP C 229 -15.93 -8.00 41.71
CA ASP C 229 -16.64 -8.25 42.97
C ASP C 229 -15.69 -8.81 44.01
N VAL C 230 -14.82 -9.73 43.58
CA VAL C 230 -13.82 -10.30 44.49
C VAL C 230 -12.42 -10.31 43.89
N VAL C 231 -11.45 -9.89 44.69
CA VAL C 231 -10.05 -10.00 44.32
C VAL C 231 -9.38 -10.88 45.34
N THR C 232 -8.73 -11.96 44.89
CA THR C 232 -7.85 -12.78 45.79
C THR C 232 -6.39 -12.63 45.40
N THR C 233 -5.52 -12.77 46.39
CA THR C 233 -4.11 -12.72 46.13
C THR C 233 -3.31 -13.39 47.25
N THR C 234 -2.28 -14.13 46.83
CA THR C 234 -1.31 -14.66 47.74
C THR C 234 -0.43 -13.51 48.16
N THR C 235 0.28 -13.66 49.26
CA THR C 235 1.18 -12.60 49.73
C THR C 235 2.67 -12.97 49.57
N HIS C 236 2.96 -14.17 49.04
CA HIS C 236 4.34 -14.74 49.05
C HIS C 236 5.08 -14.65 47.73
N LYS C 237 4.39 -14.21 46.69
CA LYS C 237 5.02 -14.09 45.39
C LYS C 237 5.58 -12.68 45.22
N ILE C 238 5.13 -11.97 44.18
CA ILE C 238 5.73 -10.67 43.81
C ILE C 238 5.64 -9.64 44.94
N LEU C 239 4.62 -9.79 45.79
CA LEU C 239 4.45 -8.94 46.96
C LEU C 239 5.53 -9.11 48.01
N ARG C 240 6.20 -10.26 47.98
CA ARG C 240 7.38 -10.48 48.84
C ARG C 240 7.05 -10.66 50.33
N GLY C 241 5.85 -11.16 50.63
CA GLY C 241 5.42 -11.41 52.01
C GLY C 241 5.58 -12.86 52.40
N PRO C 242 4.94 -13.28 53.50
CA PRO C 242 4.97 -14.66 53.90
C PRO C 242 3.98 -15.46 53.09
N ARG C 243 3.94 -16.77 53.33
CA ARG C 243 2.97 -17.58 52.64
C ARG C 243 1.62 -17.38 53.32
N SER C 244 0.76 -16.64 52.64
CA SER C 244 -0.58 -16.31 53.12
C SER C 244 -1.39 -15.81 51.94
N ALA C 245 -2.66 -15.58 52.21
CA ALA C 245 -3.56 -15.06 51.21
C ALA C 245 -4.52 -14.03 51.81
N LEU C 246 -5.01 -13.15 50.93
CA LEU C 246 -5.93 -12.04 51.26
C LEU C 246 -7.10 -12.20 50.33
N ILE C 247 -8.30 -12.04 50.86
CA ILE C 247 -9.51 -11.97 50.03
C ILE C 247 -10.08 -10.57 50.17
N PHE C 248 -10.26 -9.92 49.02
CA PHE C 248 -10.91 -8.63 48.90
C PHE C 248 -12.31 -8.81 48.30
N PHE C 249 -13.30 -8.10 48.88
CA PHE C 249 -14.69 -8.15 48.41
C PHE C 249 -15.29 -6.73 48.36
N ASN C 250 -16.06 -6.47 47.32
CA ASN C 250 -16.63 -5.13 47.12
C ASN C 250 -18.00 -5.04 47.81
N LYS C 251 -18.05 -4.36 48.95
CA LYS C 251 -19.29 -4.16 49.72
C LYS C 251 -20.33 -3.32 48.95
N LYS C 252 -19.84 -2.26 48.30
CA LYS C 252 -20.67 -1.31 47.56
C LYS C 252 -21.39 -1.93 46.37
N ARG C 253 -20.73 -2.83 45.66
CA ARG C 253 -21.34 -3.52 44.52
C ARG C 253 -22.35 -4.59 45.00
N ASN C 254 -22.04 -5.25 46.12
CA ASN C 254 -22.92 -6.28 46.70
C ASN C 254 -22.86 -6.22 48.23
N PRO C 255 -23.89 -5.66 48.88
CA PRO C 255 -23.89 -5.69 50.35
C PRO C 255 -24.26 -7.08 50.86
N GLY C 256 -23.91 -7.35 52.11
CA GLY C 256 -24.00 -8.70 52.66
C GLY C 256 -22.99 -9.71 52.10
N ILE C 257 -22.02 -9.21 51.33
CA ILE C 257 -20.91 -10.02 50.84
C ILE C 257 -19.87 -10.21 51.94
N GLU C 258 -19.71 -9.20 52.80
CA GLU C 258 -18.77 -9.24 53.89
C GLU C 258 -18.99 -10.40 54.85
N GLN C 259 -20.25 -10.60 55.24
CA GLN C 259 -20.57 -11.67 56.16
C GLN C 259 -20.30 -13.00 55.45
N LYS C 260 -20.85 -13.17 54.25
CA LYS C 260 -20.61 -14.34 53.39
C LYS C 260 -19.15 -14.80 53.25
N ILE C 261 -18.25 -13.86 53.00
CA ILE C 261 -16.85 -14.14 52.84
C ILE C 261 -16.23 -14.48 54.18
N ASN C 262 -16.47 -13.64 55.17
CA ASN C 262 -15.91 -13.88 56.48
C ASN C 262 -16.42 -15.20 57.04
N SER C 263 -17.68 -15.52 56.79
CA SER C 263 -18.29 -16.77 57.27
C SER C 263 -17.67 -17.98 56.57
N ALA C 264 -17.39 -17.87 55.28
CA ALA C 264 -16.74 -18.92 54.50
C ALA C 264 -15.34 -19.28 55.00
N VAL C 265 -14.54 -18.26 55.32
CA VAL C 265 -13.22 -18.50 55.86
C VAL C 265 -13.30 -19.17 57.23
N PHE C 266 -14.10 -18.59 58.11
CA PHE C 266 -14.43 -19.22 59.40
C PHE C 266 -15.89 -18.93 59.70
N PRO C 267 -16.66 -19.92 60.15
CA PRO C 267 -16.18 -21.25 60.49
C PRO C 267 -16.46 -22.30 59.40
N SER C 268 -16.84 -21.89 58.20
CA SER C 268 -17.12 -22.87 57.17
C SER C 268 -15.89 -23.75 56.84
N PHE C 269 -14.70 -23.16 56.67
CA PHE C 269 -13.49 -23.88 56.19
C PHE C 269 -12.33 -23.95 57.18
N GLN C 270 -11.94 -22.84 57.77
CA GLN C 270 -10.80 -22.79 58.67
C GLN C 270 -11.20 -22.74 60.13
N GLY C 271 -10.22 -23.04 60.99
CA GLY C 271 -10.33 -22.89 62.44
C GLY C 271 -9.52 -21.67 62.87
N GLY C 272 -8.69 -21.85 63.89
CA GLY C 272 -7.95 -20.72 64.44
C GLY C 272 -7.04 -20.11 63.38
N PRO C 273 -6.94 -18.77 63.33
CA PRO C 273 -6.01 -18.20 62.36
C PRO C 273 -4.58 -18.36 62.81
N HIS C 274 -3.65 -18.21 61.86
CA HIS C 274 -2.26 -18.27 62.17
C HIS C 274 -1.74 -16.86 62.35
N ASN C 275 -1.59 -16.44 63.59
CA ASN C 275 -1.28 -15.07 63.90
C ASN C 275 0.10 -14.59 63.51
N ASN C 276 1.09 -15.47 63.54
CA ASN C 276 2.42 -15.12 63.01
C ASN C 276 2.37 -14.77 61.53
N LYS C 277 1.52 -15.45 60.78
CA LYS C 277 1.26 -15.11 59.36
C LYS C 277 0.74 -13.69 59.20
N ILE C 278 -0.27 -13.38 60.00
CA ILE C 278 -0.95 -12.11 59.91
C ILE C 278 0.03 -10.99 60.26
N ALA C 279 0.76 -11.19 61.36
CA ALA C 279 1.83 -10.28 61.72
C ALA C 279 2.84 -10.11 60.58
N ALA C 280 3.22 -11.22 59.95
CA ALA C 280 4.18 -11.12 58.84
C ALA C 280 3.62 -10.29 57.69
N VAL C 281 2.36 -10.52 57.39
CA VAL C 281 1.69 -9.81 56.30
C VAL C 281 1.62 -8.32 56.59
N ALA C 282 1.25 -7.95 57.81
CA ALA C 282 1.23 -6.54 58.20
C ALA C 282 2.57 -5.88 57.92
N CYS C 283 3.65 -6.55 58.32
CA CYS C 283 5.01 -6.07 58.08
C CYS C 283 5.38 -5.87 56.59
N GLN C 284 4.95 -6.79 55.73
CA GLN C 284 5.21 -6.61 54.31
C GLN C 284 4.35 -5.52 53.69
N LEU C 285 3.11 -5.39 54.15
CA LEU C 285 2.20 -4.38 53.63
C LEU C 285 2.63 -2.93 53.91
N LYS C 286 3.34 -2.70 55.01
CA LYS C 286 3.89 -1.36 55.26
C LYS C 286 4.90 -1.05 54.20
N GLU C 287 5.79 -2.01 53.93
CA GLU C 287 6.76 -1.86 52.85
C GLU C 287 6.11 -1.76 51.46
N VAL C 288 5.04 -2.50 51.22
CA VAL C 288 4.40 -2.44 49.91
C VAL C 288 3.98 -1.01 49.61
N HIS C 289 3.51 -0.27 50.63
CA HIS C 289 3.04 1.10 50.42
C HIS C 289 4.11 2.21 50.22
N SER C 290 5.36 1.93 50.56
CA SER C 290 6.45 2.88 50.34
C SER C 290 6.67 3.12 48.83
N PRO C 291 7.34 4.25 48.49
CA PRO C 291 7.71 4.51 47.10
C PRO C 291 8.94 3.68 46.67
N ALA C 292 9.73 3.23 47.65
CA ALA C 292 10.82 2.29 47.46
C ALA C 292 10.39 0.96 46.82
N PHE C 293 9.18 0.50 47.16
CA PHE C 293 8.66 -0.77 46.68
C PHE C 293 8.14 -0.69 45.27
N LYS C 294 7.57 0.48 44.92
CA LYS C 294 7.18 0.76 43.53
C LYS C 294 8.41 0.70 42.65
N GLU C 295 9.51 1.28 43.14
CA GLU C 295 10.79 1.22 42.44
C GLU C 295 11.18 -0.23 42.15
N TYR C 296 11.08 -1.07 43.19
CA TYR C 296 11.39 -2.49 43.07
C TYR C 296 10.48 -3.17 42.06
N THR C 297 9.18 -2.85 42.13
CA THR C 297 8.21 -3.44 41.21
C THR C 297 8.45 -3.02 39.76
N GLN C 298 8.79 -1.75 39.57
CA GLN C 298 9.13 -1.22 38.26
C GLN C 298 10.31 -2.03 37.71
N GLN C 299 11.31 -2.23 38.56
CA GLN C 299 12.51 -2.99 38.19
C GLN C 299 12.24 -4.45 37.76
N VAL C 300 11.22 -5.08 38.35
CA VAL C 300 10.83 -6.44 37.98
C VAL C 300 10.36 -6.43 36.53
N LEU C 301 9.57 -5.41 36.15
CA LEU C 301 9.06 -5.37 34.77
C LEU C 301 10.20 -4.98 33.81
N LEU C 302 11.08 -4.06 34.22
CA LEU C 302 12.24 -3.69 33.37
C LEU C 302 13.04 -4.95 33.07
N ASN C 303 13.41 -5.70 34.11
CA ASN C 303 14.16 -6.95 33.95
C ASN C 303 13.45 -7.99 33.10
N SER C 304 12.15 -8.09 33.25
CA SER C 304 11.37 -9.03 32.48
C SER C 304 11.33 -8.69 30.98
N LYS C 305 11.27 -7.41 30.65
CA LYS C 305 11.34 -6.94 29.25
C LYS C 305 12.74 -7.22 28.69
N ALA C 306 13.76 -6.83 29.45
CA ALA C 306 15.14 -7.03 29.03
C ALA C 306 15.43 -8.51 28.87
N LEU C 307 14.83 -9.35 29.73
CA LEU C 307 15.01 -10.79 29.62
C LEU C 307 14.34 -11.34 28.40
N ALA C 308 13.14 -10.86 28.13
CA ALA C 308 12.38 -11.28 26.96
C ALA C 308 13.08 -10.86 25.67
N LYS C 309 13.56 -9.61 25.64
CA LYS C 309 14.28 -9.05 24.48
C LYS C 309 15.59 -9.80 24.22
N ALA C 310 16.36 -10.07 25.28
CA ALA C 310 17.62 -10.80 25.15
C ALA C 310 17.36 -12.24 24.66
N LEU C 311 16.27 -12.84 25.07
CA LEU C 311 15.96 -14.22 24.66
C LEU C 311 15.58 -14.30 23.17
N ILE C 312 14.78 -13.32 22.73
CA ILE C 312 14.41 -13.21 21.33
C ILE C 312 15.65 -12.94 20.47
N SER C 313 16.57 -12.11 20.97
CA SER C 313 17.84 -11.87 20.25
C SER C 313 18.67 -13.14 20.00
N LYS C 314 18.56 -14.12 20.92
CA LYS C 314 19.15 -15.47 20.77
C LYS C 314 18.21 -16.40 20.05
N GLN C 315 17.17 -15.85 19.42
CA GLN C 315 16.24 -16.63 18.60
C GLN C 315 15.48 -17.70 19.39
N ILE C 316 15.15 -17.37 20.63
CA ILE C 316 14.30 -18.22 21.46
C ILE C 316 12.89 -17.65 21.36
N ASP C 317 11.92 -18.54 21.16
CA ASP C 317 10.52 -18.18 21.05
C ASP C 317 9.78 -18.06 22.41
N LEU C 318 9.00 -16.99 22.55
CA LEU C 318 8.24 -16.69 23.74
C LEU C 318 6.74 -16.69 23.44
N VAL C 319 5.94 -17.20 24.37
CA VAL C 319 4.47 -17.26 24.18
C VAL C 319 3.95 -15.84 24.16
N THR C 320 3.18 -15.50 23.13
CA THR C 320 2.77 -14.12 22.84
C THR C 320 3.94 -13.22 22.41
N ASN C 321 5.10 -13.82 22.12
CA ASN C 321 6.34 -13.10 21.72
C ASN C 321 6.76 -11.93 22.59
N GLY C 322 6.51 -12.03 23.87
CA GLY C 322 6.87 -10.97 24.81
C GLY C 322 6.11 -11.13 26.09
N THR C 323 6.22 -10.09 26.90
CA THR C 323 5.59 -10.03 28.20
C THR C 323 5.17 -8.57 28.62
N ASP C 324 4.06 -8.45 29.35
CA ASP C 324 3.67 -7.21 30.01
C ASP C 324 3.90 -7.25 31.49
N ASN C 325 4.50 -8.31 32.01
CA ASN C 325 4.69 -8.42 33.43
C ASN C 325 6.03 -9.10 33.80
N HIS C 326 6.08 -9.60 35.03
CA HIS C 326 7.18 -10.36 35.62
C HIS C 326 7.52 -11.71 34.98
N LEU C 327 6.66 -12.27 34.12
CA LEU C 327 6.88 -13.62 33.63
C LEU C 327 6.90 -13.83 32.10
N ILE C 328 7.61 -14.88 31.70
CA ILE C 328 7.78 -15.25 30.32
C ILE C 328 7.59 -16.73 30.25
N VAL C 329 7.03 -17.22 29.16
CA VAL C 329 6.94 -18.66 28.94
C VAL C 329 7.71 -18.91 27.66
N VAL C 330 8.75 -19.74 27.71
CA VAL C 330 9.56 -20.04 26.53
C VAL C 330 8.98 -21.24 25.84
N ASP C 331 8.70 -21.09 24.55
CA ASP C 331 8.23 -22.19 23.71
C ASP C 331 9.47 -22.87 23.15
N LEU C 332 9.68 -24.10 23.58
CA LEU C 332 10.87 -24.85 23.21
C LEU C 332 10.66 -25.84 22.05
N ARG C 333 9.50 -25.81 21.41
CA ARG C 333 9.21 -26.76 20.30
C ARG C 333 10.27 -26.82 19.19
N LYS C 334 10.82 -25.67 18.80
CA LYS C 334 11.82 -25.57 17.71
C LYS C 334 13.14 -26.32 17.98
N PHE C 335 13.46 -26.53 19.25
CA PHE C 335 14.64 -27.27 19.65
C PHE C 335 14.36 -28.76 19.89
N SER C 336 13.10 -29.18 19.75
CA SER C 336 12.68 -30.56 19.94
C SER C 336 13.10 -31.16 21.31
N ILE C 337 12.97 -30.34 22.37
CA ILE C 337 13.24 -30.75 23.74
C ILE C 337 12.08 -30.34 24.66
N THR C 338 11.73 -31.19 25.62
CA THR C 338 10.60 -30.92 26.50
C THR C 338 11.01 -29.97 27.61
N GLY C 339 10.01 -29.38 28.25
CA GLY C 339 10.24 -28.53 29.41
C GLY C 339 10.90 -29.25 30.58
N SER C 340 10.51 -30.52 30.81
CA SER C 340 11.02 -31.28 31.97
C SER C 340 12.50 -31.61 31.79
N LYS C 341 12.91 -31.93 30.56
CA LYS C 341 14.34 -32.10 30.27
C LYS C 341 15.14 -30.85 30.63
N LEU C 342 14.68 -29.67 30.18
CA LEU C 342 15.33 -28.39 30.45
C LEU C 342 15.33 -28.00 31.92
N GLN C 343 14.27 -28.39 32.64
CA GLN C 343 14.24 -28.18 34.11
C GLN C 343 15.38 -28.95 34.81
N GLU C 344 15.55 -30.22 34.44
CA GLU C 344 16.62 -31.06 35.02
C GLU C 344 17.97 -30.42 34.76
N THR C 345 18.22 -30.09 33.48
CA THR C 345 19.45 -29.43 33.08
C THR C 345 19.71 -28.16 33.89
N CYS C 346 18.68 -27.34 34.00
CA CYS C 346 18.77 -26.09 34.75
C CYS C 346 19.01 -26.33 36.25
N ASN C 347 18.36 -27.34 36.82
CA ASN C 347 18.66 -27.67 38.22
C ASN C 347 20.11 -28.18 38.38
N ALA C 348 20.60 -28.97 37.42
CA ALA C 348 22.01 -29.38 37.38
C ALA C 348 23.00 -28.18 37.36
N ILE C 349 22.57 -27.03 36.81
CA ILE C 349 23.40 -25.82 36.87
C ILE C 349 22.96 -24.75 37.91
N ASN C 350 22.13 -25.16 38.87
CA ASN C 350 21.52 -24.26 39.86
C ASN C 350 20.69 -23.10 39.27
N VAL C 351 19.86 -23.45 38.28
CA VAL C 351 18.94 -22.48 37.71
C VAL C 351 17.57 -23.04 38.00
N SER C 352 16.78 -22.25 38.73
CA SER C 352 15.45 -22.67 39.14
C SER C 352 14.40 -22.10 38.21
N LEU C 353 13.71 -23.00 37.54
CA LEU C 353 12.59 -22.66 36.69
C LEU C 353 11.69 -23.90 36.67
N ASN C 354 10.51 -23.81 36.07
CA ASN C 354 9.63 -24.94 36.02
C ASN C 354 9.12 -25.15 34.63
N LYS C 355 8.86 -26.41 34.32
CA LYS C 355 8.18 -26.80 33.09
C LYS C 355 6.81 -26.14 33.08
N ASN C 356 6.31 -25.84 31.89
CA ASN C 356 5.03 -25.14 31.73
C ASN C 356 4.38 -25.49 30.42
N THR C 357 3.06 -25.57 30.42
CA THR C 357 2.33 -25.87 29.20
C THR C 357 2.37 -24.68 28.23
N ILE C 358 2.00 -24.96 26.99
CA ILE C 358 1.83 -23.94 25.97
C ILE C 358 0.48 -24.17 25.25
N PRO C 359 0.10 -23.27 24.32
CA PRO C 359 -1.15 -23.50 23.60
C PRO C 359 -1.20 -24.74 22.70
N SER C 360 -0.10 -25.04 22.03
CA SER C 360 -0.03 -26.21 21.14
C SER C 360 -0.25 -27.53 21.91
N ASP C 361 0.24 -27.60 23.15
CA ASP C 361 0.15 -28.83 23.93
C ASP C 361 -1.30 -29.05 24.29
N VAL C 362 -1.90 -30.05 23.67
CA VAL C 362 -3.27 -30.43 23.96
C VAL C 362 -3.40 -30.83 25.44
N ASP C 363 -2.40 -31.57 25.92
CA ASP C 363 -2.37 -32.14 27.27
C ASP C 363 -1.12 -31.71 28.03
N CYS C 364 -1.13 -31.95 29.35
CA CYS C 364 0.04 -31.72 30.22
C CYS C 364 1.03 -32.89 30.31
N VAL C 365 0.86 -33.91 29.46
CA VAL C 365 1.71 -35.11 29.48
C VAL C 365 3.15 -34.75 29.10
N SER C 366 3.30 -33.93 28.06
CA SER C 366 4.59 -33.41 27.61
C SER C 366 4.54 -31.89 27.46
N PRO C 367 4.73 -31.12 28.56
CA PRO C 367 4.71 -29.65 28.40
C PRO C 367 5.90 -29.15 27.54
N SER C 368 5.60 -28.31 26.56
CA SER C 368 6.59 -27.84 25.59
C SER C 368 7.34 -26.57 26.00
N GLY C 369 7.19 -26.12 27.25
CA GLY C 369 7.83 -24.88 27.62
C GLY C 369 8.35 -24.87 29.01
N VAL C 370 8.91 -23.71 29.34
CA VAL C 370 9.33 -23.43 30.68
C VAL C 370 8.84 -22.03 31.02
N ARG C 371 8.56 -21.80 32.30
CA ARG C 371 8.19 -20.50 32.73
C ARG C 371 9.30 -19.92 33.58
N ILE C 372 9.56 -18.63 33.38
CA ILE C 372 10.58 -17.90 34.11
C ILE C 372 10.00 -16.59 34.60
N GLY C 373 10.61 -16.06 35.66
CA GLY C 373 10.18 -14.80 36.18
C GLY C 373 11.30 -14.09 36.86
N THR C 374 11.20 -12.78 36.91
CA THR C 374 12.23 -11.92 37.46
C THR C 374 12.07 -11.43 38.90
N PRO C 375 10.94 -11.73 39.60
CA PRO C 375 10.85 -11.11 40.95
C PRO C 375 11.94 -11.48 41.93
N ALA C 376 12.33 -12.75 41.98
CA ALA C 376 13.38 -13.17 42.91
C ALA C 376 14.71 -12.44 42.61
N MET C 377 15.17 -12.51 41.36
CA MET C 377 16.48 -11.97 41.00
C MET C 377 16.52 -10.46 41.10
N THR C 378 15.39 -9.84 40.80
CA THR C 378 15.23 -8.42 41.02
C THR C 378 15.41 -8.10 42.49
N THR C 379 14.92 -9.00 43.36
CA THR C 379 15.11 -8.85 44.81
C THR C 379 16.60 -8.99 45.19
N ARG C 380 17.31 -9.89 44.53
CA ARG C 380 18.73 -10.05 44.83
C ARG C 380 19.63 -8.97 44.21
N GLY C 381 19.03 -8.03 43.48
CA GLY C 381 19.73 -6.83 43.00
C GLY C 381 20.04 -6.79 41.51
N ALA C 382 19.68 -7.84 40.78
CA ALA C 382 20.01 -7.92 39.37
C ALA C 382 19.27 -6.81 38.58
N LYS C 383 19.98 -6.29 37.57
CA LYS C 383 19.52 -5.18 36.76
C LYS C 383 19.24 -5.62 35.32
N GLU C 384 18.81 -4.67 34.50
CA GLU C 384 18.56 -4.91 33.07
C GLU C 384 19.78 -5.49 32.36
N LYS C 385 20.94 -4.97 32.77
CA LYS C 385 22.26 -5.37 32.26
C LYS C 385 22.60 -6.84 32.56
N ASP C 386 22.14 -7.32 33.72
CA ASP C 386 22.37 -8.68 34.17
C ASP C 386 21.54 -9.74 33.45
N MET C 387 20.54 -9.30 32.68
CA MET C 387 19.60 -10.22 32.07
C MET C 387 20.18 -10.92 30.86
N GLU C 388 21.08 -10.26 30.13
CA GLU C 388 21.71 -10.86 28.96
C GLU C 388 22.49 -12.10 29.39
N PHE C 389 23.18 -11.98 30.51
CA PHE C 389 23.85 -13.12 31.15
C PHE C 389 22.90 -14.24 31.53
N ILE C 390 21.74 -13.90 32.07
CA ILE C 390 20.71 -14.94 32.37
C ILE C 390 20.19 -15.57 31.10
N ALA C 391 19.97 -14.73 30.10
CA ALA C 391 19.54 -15.22 28.81
C ALA C 391 20.63 -16.12 28.18
N ASP C 392 21.88 -15.70 28.36
CA ASP C 392 23.05 -16.47 27.85
C ASP C 392 23.08 -17.84 28.52
N VAL C 393 22.99 -17.85 29.85
CA VAL C 393 22.97 -19.10 30.61
C VAL C 393 21.83 -20.01 30.18
N LEU C 394 20.66 -19.45 29.95
CA LEU C 394 19.52 -20.27 29.51
C LEU C 394 19.69 -20.85 28.11
N ALA C 395 20.28 -20.06 27.21
CA ALA C 395 20.56 -20.53 25.84
C ALA C 395 21.54 -21.72 25.86
N ARG C 396 22.59 -21.55 26.66
CA ARG C 396 23.61 -22.58 26.82
C ARG C 396 22.99 -23.84 27.41
N ALA C 397 22.08 -23.67 28.38
CA ALA C 397 21.36 -24.80 28.96
C ALA C 397 20.52 -25.47 27.93
N ILE C 398 19.85 -24.69 27.07
CA ILE C 398 19.02 -25.25 26.02
C ILE C 398 19.88 -26.05 25.07
N LYS C 399 20.97 -25.44 24.60
CA LYS C 399 21.92 -26.14 23.72
C LYS C 399 22.47 -27.45 24.35
N ILE C 400 22.97 -27.35 25.59
CA ILE C 400 23.48 -28.56 26.29
C ILE C 400 22.44 -29.66 26.38
N THR C 401 21.18 -29.26 26.58
CA THR C 401 20.04 -30.16 26.65
C THR C 401 19.81 -30.85 25.32
N VAL C 402 20.02 -30.11 24.25
CA VAL C 402 19.85 -30.67 22.90
C VAL C 402 20.92 -31.73 22.65
N ASP C 403 22.14 -31.42 23.06
CA ASP C 403 23.28 -32.34 22.95
C ASP C 403 23.04 -33.66 23.67
N LEU C 404 22.58 -33.56 24.92
CA LEU C 404 22.36 -34.74 25.76
C LEU C 404 21.21 -35.59 25.22
N GLN C 405 20.16 -34.95 24.70
CA GLN C 405 19.06 -35.67 24.10
C GLN C 405 19.53 -36.47 22.88
N GLU C 406 20.43 -35.85 22.11
CA GLU C 406 21.09 -36.50 20.97
C GLU C 406 21.93 -37.72 21.41
N GLN C 407 22.71 -37.53 22.48
CA GLN C 407 23.64 -38.56 22.98
C GLN C 407 22.95 -39.75 23.62
N TYR C 408 22.03 -39.48 24.54
CA TYR C 408 21.38 -40.53 25.30
C TYR C 408 19.98 -40.87 24.85
N GLY C 409 19.39 -40.05 23.97
CA GLY C 409 18.03 -40.28 23.47
C GLY C 409 16.95 -39.56 24.26
N LYS C 410 15.80 -39.42 23.62
CA LYS C 410 14.68 -38.61 24.13
C LYS C 410 14.00 -39.10 25.41
N LYS C 411 14.12 -40.39 25.71
CA LYS C 411 13.50 -40.95 26.91
C LYS C 411 14.05 -40.24 28.15
N LEU C 412 13.17 -39.85 29.08
CA LEU C 412 13.57 -39.01 30.20
C LEU C 412 14.56 -39.71 31.13
N VAL C 413 14.35 -41.00 31.32
CA VAL C 413 15.23 -41.83 32.19
C VAL C 413 16.64 -41.81 31.62
N ASP C 414 16.72 -42.15 30.33
CA ASP C 414 17.97 -42.15 29.58
C ASP C 414 18.66 -40.78 29.64
N PHE C 415 17.88 -39.71 29.38
CA PHE C 415 18.40 -38.35 29.34
C PHE C 415 19.15 -37.96 30.61
N LYS C 416 18.55 -38.30 31.75
CA LYS C 416 19.11 -37.93 33.05
C LYS C 416 20.46 -38.58 33.35
N LYS C 417 20.76 -39.72 32.72
CA LYS C 417 22.07 -40.35 32.85
C LYS C 417 23.20 -39.45 32.36
N GLY C 418 22.93 -38.68 31.30
CA GLY C 418 23.91 -37.74 30.77
C GLY C 418 24.26 -36.56 31.67
N LEU C 419 23.32 -36.23 32.56
CA LEU C 419 23.42 -35.02 33.40
C LEU C 419 24.58 -35.02 34.43
N PRO C 420 24.76 -36.13 35.16
CA PRO C 420 25.83 -36.12 36.17
C PRO C 420 27.21 -36.28 35.51
N GLY C 421 28.17 -35.50 35.99
CA GLY C 421 29.53 -35.52 35.45
C GLY C 421 29.87 -34.65 34.23
N ASN C 422 28.87 -34.29 33.42
CA ASN C 422 29.07 -33.47 32.20
C ASN C 422 29.87 -32.21 32.49
N ALA C 423 30.98 -32.06 31.75
CA ALA C 423 31.97 -31.00 31.97
C ALA C 423 31.41 -29.59 31.79
N GLN C 424 30.58 -29.42 30.77
CA GLN C 424 30.05 -28.09 30.42
C GLN C 424 28.98 -27.67 31.45
N LEU C 425 28.21 -28.65 31.94
CA LEU C 425 27.26 -28.39 33.05
C LEU C 425 27.99 -28.03 34.34
N GLN C 426 29.08 -28.73 34.62
CA GLN C 426 29.91 -28.41 35.79
C GLN C 426 30.50 -27.02 35.66
N GLN C 427 30.94 -26.68 34.44
CA GLN C 427 31.45 -25.34 34.12
C GLN C 427 30.34 -24.29 34.26
N LEU C 428 29.16 -24.60 33.76
CA LEU C 428 28.07 -23.62 33.77
C LEU C 428 27.59 -23.37 35.21
N LYS C 429 27.45 -24.43 35.99
CA LYS C 429 27.16 -24.29 37.44
C LYS C 429 28.15 -23.39 38.18
N GLN C 430 29.42 -23.56 37.88
CA GLN C 430 30.47 -22.77 38.53
C GLN C 430 30.25 -21.30 38.23
N GLU C 431 29.99 -20.99 36.97
CA GLU C 431 29.65 -19.64 36.49
C GLU C 431 28.40 -19.11 37.21
N VAL C 432 27.36 -19.94 37.26
CA VAL C 432 26.12 -19.59 37.95
C VAL C 432 26.37 -19.27 39.43
N VAL C 433 27.09 -20.19 40.09
CA VAL C 433 27.37 -20.09 41.52
C VAL C 433 28.22 -18.87 41.83
N THR C 434 29.19 -18.54 41.00
CA THR C 434 30.08 -17.42 41.29
C THR C 434 29.32 -16.11 41.21
N TRP C 435 28.49 -15.96 40.18
CA TRP C 435 27.69 -14.73 40.01
C TRP C 435 26.59 -14.61 41.08
N ALA C 436 25.84 -15.70 41.28
CA ALA C 436 24.70 -15.75 42.25
C ALA C 436 25.12 -15.62 43.72
N GLY C 437 26.18 -16.32 44.10
CA GLY C 437 26.71 -16.26 45.46
C GLY C 437 26.98 -14.83 45.89
N ALA C 438 27.49 -14.03 44.96
CA ALA C 438 27.87 -12.65 45.22
C ALA C 438 26.72 -11.69 45.49
N LEU C 439 25.57 -11.91 44.87
CA LEU C 439 24.44 -10.96 44.96
C LEU C 439 23.88 -10.81 46.37
N PRO C 440 23.45 -9.57 46.75
CA PRO C 440 22.79 -9.31 48.03
C PRO C 440 21.72 -10.36 48.33
N PHE C 441 21.66 -10.78 49.59
CA PHE C 441 20.81 -11.87 49.99
C PHE C 441 20.18 -11.54 51.33
N PRO C 442 18.85 -11.30 51.35
CA PRO C 442 18.20 -11.15 52.64
C PRO C 442 18.12 -12.52 53.28
#